data_1OWW
#
_entry.id   1OWW
#
_entity_poly.entity_id   1
_entity_poly.type   'polypeptide(L)'
_entity_poly.pdbx_seq_one_letter_code
;GPLGSSGPVEVFITETPSQPNSHPIQWNAPQPSHISKYILRWRPKNSVGRWKEATIPGHLNSYTIKGLKPGVVYEGQLIS
IQQYGHQEVTRFDFTTTS
;
_entity_poly.pdbx_strand_id   A
#
# COMPACT_ATOMS: atom_id res chain seq x y z
N SER A 6 -9.01 -0.04 13.65
CA SER A 6 -8.04 -1.10 13.99
C SER A 6 -8.27 -2.33 13.12
N GLY A 7 -7.16 -3.01 12.77
CA GLY A 7 -7.16 -4.26 12.04
C GLY A 7 -6.85 -4.00 10.60
N PRO A 8 -6.83 -5.05 9.77
CA PRO A 8 -6.52 -4.96 8.37
C PRO A 8 -7.50 -4.11 7.62
N VAL A 9 -6.92 -3.23 6.80
CA VAL A 9 -7.58 -2.21 6.02
C VAL A 9 -8.10 -2.88 4.77
N GLU A 10 -9.15 -2.28 4.16
CA GLU A 10 -9.81 -2.78 2.99
C GLU A 10 -9.20 -2.14 1.78
N VAL A 11 -8.15 -2.80 1.27
CA VAL A 11 -7.28 -2.26 0.26
C VAL A 11 -7.47 -3.16 -0.93
N PHE A 12 -7.49 -2.54 -2.14
CA PHE A 12 -7.83 -3.25 -3.35
C PHE A 12 -6.77 -2.93 -4.35
N ILE A 13 -6.75 -3.72 -5.45
CA ILE A 13 -5.86 -3.54 -6.56
C ILE A 13 -6.60 -2.65 -7.51
N THR A 14 -6.41 -1.32 -7.35
CA THR A 14 -6.98 -0.33 -8.22
C THR A 14 -5.83 0.18 -9.03
N GLU A 15 -6.15 0.70 -10.23
CA GLU A 15 -5.17 1.19 -11.16
C GLU A 15 -6.02 1.90 -12.17
N THR A 16 -6.38 3.15 -11.83
CA THR A 16 -7.22 4.02 -12.62
C THR A 16 -6.36 4.64 -13.70
N PRO A 17 -6.87 5.28 -14.76
CA PRO A 17 -6.08 5.67 -15.92
C PRO A 17 -4.96 6.62 -15.61
N SER A 18 -3.72 6.09 -15.63
CA SER A 18 -2.51 6.75 -15.26
C SER A 18 -1.53 6.04 -16.12
N GLN A 19 -0.26 6.22 -15.73
CA GLN A 19 0.90 5.63 -16.34
C GLN A 19 1.08 4.24 -15.76
N PRO A 20 1.77 3.30 -16.41
CA PRO A 20 1.96 1.95 -15.89
C PRO A 20 3.10 1.94 -14.90
N ASN A 21 3.81 3.08 -14.76
CA ASN A 21 4.90 3.29 -13.84
C ASN A 21 4.34 3.82 -12.55
N SER A 22 3.09 4.28 -12.63
CA SER A 22 2.33 4.74 -11.51
C SER A 22 1.36 3.65 -11.15
N HIS A 23 1.03 3.57 -9.85
CA HIS A 23 0.04 2.65 -9.34
C HIS A 23 -0.78 3.36 -8.31
N PRO A 24 -1.93 3.94 -8.66
CA PRO A 24 -2.83 4.56 -7.71
C PRO A 24 -3.64 3.49 -7.00
N ILE A 25 -3.25 3.14 -5.74
CA ILE A 25 -3.89 2.24 -4.88
C ILE A 25 -4.86 3.04 -4.08
N GLN A 26 -5.91 2.39 -3.53
CA GLN A 26 -6.85 3.04 -2.66
C GLN A 26 -7.12 2.01 -1.62
N TRP A 27 -7.35 2.49 -0.38
CA TRP A 27 -7.66 1.64 0.74
C TRP A 27 -8.81 2.32 1.43
N ASN A 28 -9.54 1.56 2.29
CA ASN A 28 -10.68 2.10 3.00
C ASN A 28 -10.52 1.68 4.41
N ALA A 29 -10.60 2.66 5.33
CA ALA A 29 -10.21 2.49 6.71
C ALA A 29 -11.29 1.82 7.51
N PRO A 30 -10.97 1.23 8.66
CA PRO A 30 -11.95 0.79 9.65
C PRO A 30 -12.67 1.96 10.28
N GLN A 31 -13.69 1.67 11.12
CA GLN A 31 -14.50 2.68 11.76
C GLN A 31 -13.81 3.28 12.98
N PRO A 32 -13.13 2.57 13.90
CA PRO A 32 -12.44 3.22 15.02
C PRO A 32 -11.28 4.06 14.54
N SER A 33 -10.99 5.17 15.26
CA SER A 33 -9.90 6.06 14.97
C SER A 33 -8.76 5.71 15.89
N HIS A 34 -8.33 4.44 15.79
CA HIS A 34 -7.23 3.88 16.54
C HIS A 34 -6.05 3.77 15.61
N ILE A 35 -6.26 4.07 14.31
CA ILE A 35 -5.25 4.05 13.29
C ILE A 35 -4.96 5.49 12.99
N SER A 36 -3.65 5.83 12.97
CA SER A 36 -3.16 7.14 12.72
C SER A 36 -2.64 7.12 11.32
N LYS A 37 -1.38 6.68 11.17
CA LYS A 37 -0.63 6.80 9.93
C LYS A 37 -0.88 5.62 9.07
N TYR A 38 -0.46 5.72 7.78
CA TYR A 38 -0.36 4.59 6.91
C TYR A 38 1.05 4.64 6.40
N ILE A 39 1.70 3.46 6.30
CA ILE A 39 2.95 3.28 5.61
C ILE A 39 2.50 2.38 4.51
N LEU A 40 2.97 2.64 3.28
CA LEU A 40 2.89 1.69 2.21
C LEU A 40 4.30 1.31 1.97
N ARG A 41 4.53 -0.01 1.87
CA ARG A 41 5.79 -0.51 1.41
C ARG A 41 5.49 -1.47 0.31
N TRP A 42 6.48 -1.65 -0.58
CA TRP A 42 6.29 -2.45 -1.77
C TRP A 42 7.65 -2.97 -2.16
N ARG A 43 7.67 -4.21 -2.69
CA ARG A 43 8.87 -4.91 -3.07
C ARG A 43 8.49 -5.65 -4.32
N PRO A 44 9.24 -5.67 -5.41
CA PRO A 44 8.89 -6.42 -6.60
C PRO A 44 9.08 -7.88 -6.32
N LYS A 45 7.97 -8.66 -6.36
CA LYS A 45 7.88 -10.06 -6.00
C LYS A 45 8.60 -10.90 -7.02
N ASN A 46 9.93 -11.03 -6.82
CA ASN A 46 10.83 -11.76 -7.66
C ASN A 46 11.83 -12.26 -6.66
N SER A 47 12.60 -11.32 -6.08
CA SER A 47 13.50 -11.56 -4.97
C SER A 47 12.81 -11.03 -3.73
N VAL A 48 13.41 -11.35 -2.55
CA VAL A 48 12.95 -10.88 -1.27
C VAL A 48 14.10 -10.11 -0.67
N GLY A 49 14.62 -9.12 -1.45
CA GLY A 49 15.78 -8.34 -1.10
C GLY A 49 15.35 -7.02 -0.56
N ARG A 50 15.98 -5.92 -1.08
CA ARG A 50 15.79 -4.57 -0.63
C ARG A 50 14.52 -4.04 -1.23
N TRP A 51 13.83 -3.13 -0.49
CA TRP A 51 12.53 -2.67 -0.86
C TRP A 51 12.32 -1.25 -0.42
N LYS A 52 11.21 -0.67 -0.91
CA LYS A 52 10.92 0.74 -0.81
C LYS A 52 9.76 0.92 0.11
N GLU A 53 9.62 2.13 0.67
CA GLU A 53 8.47 2.50 1.45
C GLU A 53 8.26 3.98 1.35
N ALA A 54 7.01 4.40 1.66
CA ALA A 54 6.62 5.78 1.80
C ALA A 54 5.75 5.84 3.02
N THR A 55 5.54 7.07 3.56
CA THR A 55 4.66 7.32 4.68
C THR A 55 3.62 8.27 4.16
N ILE A 56 2.33 7.88 4.31
CA ILE A 56 1.19 8.59 3.81
C ILE A 56 0.43 9.05 5.04
N PRO A 57 -0.06 10.28 5.13
CA PRO A 57 -0.86 10.76 6.25
C PRO A 57 -2.17 10.04 6.42
N GLY A 58 -2.79 10.18 7.62
CA GLY A 58 -3.98 9.46 8.00
C GLY A 58 -5.23 9.98 7.38
N HIS A 59 -5.21 11.23 6.86
CA HIS A 59 -6.37 11.84 6.25
C HIS A 59 -6.50 11.40 4.82
N LEU A 60 -5.36 11.01 4.19
CA LEU A 60 -5.33 10.51 2.85
C LEU A 60 -5.55 9.02 2.91
N ASN A 61 -6.48 8.54 2.06
CA ASN A 61 -6.92 7.16 2.05
C ASN A 61 -6.50 6.52 0.74
N SER A 62 -5.68 7.23 -0.05
CA SER A 62 -5.26 6.76 -1.33
C SER A 62 -3.86 7.27 -1.53
N TYR A 63 -3.10 6.59 -2.42
CA TYR A 63 -1.76 7.01 -2.73
C TYR A 63 -1.42 6.54 -4.09
N THR A 64 -0.52 7.31 -4.75
CA THR A 64 0.03 6.99 -6.03
C THR A 64 1.46 6.61 -5.79
N ILE A 65 1.77 5.31 -6.05
CA ILE A 65 3.09 4.76 -5.92
C ILE A 65 3.72 4.90 -7.27
N LYS A 66 4.60 5.91 -7.44
CA LYS A 66 5.21 6.21 -8.70
C LYS A 66 6.63 5.76 -8.67
N GLY A 67 7.22 5.63 -9.87
CA GLY A 67 8.59 5.24 -10.08
C GLY A 67 8.71 3.75 -9.95
N LEU A 68 7.85 3.05 -10.72
CA LEU A 68 7.77 1.61 -10.72
C LEU A 68 8.11 1.16 -12.11
N LYS A 69 8.23 -0.17 -12.28
CA LYS A 69 8.52 -0.81 -13.54
C LYS A 69 7.19 -1.26 -14.09
N PRO A 70 6.95 -1.29 -15.40
CA PRO A 70 5.73 -1.85 -15.97
C PRO A 70 5.82 -3.36 -16.00
N GLY A 71 4.66 -4.03 -16.12
CA GLY A 71 4.51 -5.44 -16.37
C GLY A 71 5.11 -6.36 -15.35
N VAL A 72 5.16 -5.92 -14.07
CA VAL A 72 5.79 -6.67 -13.01
C VAL A 72 4.81 -6.77 -11.88
N VAL A 73 4.96 -7.83 -11.04
CA VAL A 73 4.18 -8.04 -9.85
C VAL A 73 4.99 -7.50 -8.69
N TYR A 74 4.31 -6.76 -7.79
CA TYR A 74 4.85 -6.31 -6.53
C TYR A 74 4.08 -7.03 -5.48
N GLU A 75 4.73 -7.34 -4.34
CA GLU A 75 4.06 -7.68 -3.11
C GLU A 75 4.03 -6.38 -2.36
N GLY A 76 2.87 -6.05 -1.74
CA GLY A 76 2.68 -4.77 -1.13
C GLY A 76 2.11 -5.00 0.22
N GLN A 77 2.49 -4.11 1.16
CA GLN A 77 1.99 -4.19 2.52
C GLN A 77 1.67 -2.80 2.90
N LEU A 78 0.47 -2.65 3.50
CA LEU A 78 -0.06 -1.40 3.96
C LEU A 78 -0.08 -1.56 5.45
N ILE A 79 0.95 -1.00 6.15
CA ILE A 79 1.11 -1.13 7.58
C ILE A 79 0.45 0.10 8.15
N SER A 80 -0.45 -0.07 9.14
CA SER A 80 -1.21 1.00 9.70
C SER A 80 -0.78 1.18 11.12
N ILE A 81 -0.15 2.34 11.43
CA ILE A 81 0.43 2.54 12.74
C ILE A 81 -0.65 3.14 13.58
N GLN A 82 -0.68 2.72 14.84
CA GLN A 82 -1.70 3.09 15.80
C GLN A 82 -1.25 4.31 16.55
N GLN A 83 -2.06 4.72 17.54
CA GLN A 83 -1.86 5.89 18.37
C GLN A 83 -0.78 5.69 19.40
N TYR A 84 0.50 5.78 18.95
CA TYR A 84 1.71 5.65 19.72
C TYR A 84 1.85 4.31 20.39
N GLY A 85 1.13 3.29 19.86
CA GLY A 85 1.05 1.99 20.47
C GLY A 85 1.60 0.98 19.52
N HIS A 86 0.73 0.02 19.12
CA HIS A 86 1.05 -1.08 18.24
C HIS A 86 1.00 -0.59 16.82
N GLN A 87 1.10 -1.56 15.90
CA GLN A 87 0.87 -1.33 14.50
C GLN A 87 0.23 -2.57 13.98
N GLU A 88 -0.66 -2.39 13.00
CA GLU A 88 -1.41 -3.42 12.32
C GLU A 88 -0.78 -3.57 10.98
N VAL A 89 -0.94 -4.76 10.35
CA VAL A 89 -0.39 -5.02 9.05
C VAL A 89 -1.48 -5.58 8.20
N THR A 90 -1.56 -5.06 6.95
CA THR A 90 -2.46 -5.49 5.92
C THR A 90 -1.51 -5.98 4.85
N ARG A 91 -1.74 -7.17 4.25
CA ARG A 91 -0.84 -7.71 3.25
C ARG A 91 -1.62 -8.10 2.03
N PHE A 92 -0.97 -7.96 0.86
CA PHE A 92 -1.58 -8.19 -0.43
C PHE A 92 -0.47 -8.27 -1.43
N ASP A 93 -0.86 -8.39 -2.71
CA ASP A 93 0.01 -8.17 -3.84
C ASP A 93 -0.78 -7.33 -4.80
N PHE A 94 -0.10 -6.59 -5.68
CA PHE A 94 -0.71 -5.91 -6.81
C PHE A 94 0.16 -6.10 -7.98
N THR A 95 -0.40 -5.81 -9.16
CA THR A 95 0.31 -5.86 -10.41
C THR A 95 0.26 -4.48 -11.01
N THR A 96 1.38 -4.11 -11.66
CA THR A 96 1.46 -2.99 -12.56
C THR A 96 1.60 -3.63 -13.91
N THR A 97 0.84 -3.14 -14.91
CA THR A 97 0.76 -3.73 -16.21
C THR A 97 0.75 -2.60 -17.20
N SER A 98 1.31 -2.86 -18.40
CA SER A 98 1.35 -1.90 -19.47
C SER A 98 0.75 -2.63 -20.68
N SER A 6 -11.02 -2.20 13.03
CA SER A 6 -9.66 -2.65 13.46
C SER A 6 -9.12 -3.72 12.57
N GLY A 7 -7.79 -3.96 12.67
CA GLY A 7 -7.12 -5.00 11.92
C GLY A 7 -6.76 -4.48 10.56
N PRO A 8 -6.69 -5.36 9.56
CA PRO A 8 -6.35 -4.99 8.20
C PRO A 8 -7.35 -4.04 7.60
N VAL A 9 -6.78 -3.06 6.89
CA VAL A 9 -7.43 -1.97 6.21
C VAL A 9 -8.01 -2.55 4.93
N GLU A 10 -9.09 -1.93 4.40
CA GLU A 10 -9.87 -2.47 3.31
C GLU A 10 -9.44 -1.85 2.03
N VAL A 11 -8.44 -2.48 1.43
CA VAL A 11 -7.62 -1.94 0.39
C VAL A 11 -8.02 -2.58 -0.92
N PHE A 12 -8.31 -1.72 -1.91
CA PHE A 12 -8.82 -2.10 -3.21
C PHE A 12 -7.95 -1.41 -4.23
N ILE A 13 -7.87 -2.00 -5.45
CA ILE A 13 -7.08 -1.47 -6.53
C ILE A 13 -8.03 -1.29 -7.67
N THR A 14 -8.31 -0.01 -7.96
CA THR A 14 -9.06 0.42 -9.12
C THR A 14 -8.24 1.55 -9.70
N GLU A 15 -8.91 2.51 -10.41
CA GLU A 15 -8.42 3.78 -10.89
C GLU A 15 -7.60 3.64 -12.15
N THR A 16 -7.12 2.41 -12.40
CA THR A 16 -6.16 2.13 -13.45
C THR A 16 -6.55 0.83 -14.11
N PRO A 17 -7.04 0.84 -15.36
CA PRO A 17 -7.14 -0.35 -16.18
C PRO A 17 -5.77 -0.80 -16.64
N SER A 18 -4.84 0.17 -16.84
CA SER A 18 -3.52 -0.10 -17.35
C SER A 18 -2.71 1.16 -17.17
N GLN A 19 -1.62 1.05 -16.38
CA GLN A 19 -0.61 2.08 -16.25
C GLN A 19 0.67 1.34 -15.96
N PRO A 20 1.77 1.54 -16.67
CA PRO A 20 2.99 0.77 -16.50
C PRO A 20 3.83 1.29 -15.37
N ASN A 21 3.59 2.54 -14.91
CA ASN A 21 4.51 3.24 -14.05
C ASN A 21 3.83 3.66 -12.80
N SER A 22 2.52 3.98 -12.87
CA SER A 22 1.79 4.38 -11.69
C SER A 22 0.91 3.24 -11.29
N HIS A 23 0.80 3.05 -9.96
CA HIS A 23 -0.06 2.05 -9.40
C HIS A 23 -0.68 2.62 -8.16
N PRO A 24 -1.89 3.14 -8.17
CA PRO A 24 -2.50 3.77 -7.01
C PRO A 24 -3.01 2.72 -6.05
N ILE A 25 -2.79 2.96 -4.73
CA ILE A 25 -3.31 2.16 -3.66
C ILE A 25 -4.40 3.00 -3.08
N GLN A 26 -5.57 2.40 -2.78
CA GLN A 26 -6.71 3.13 -2.26
C GLN A 26 -7.24 2.22 -1.21
N TRP A 27 -7.70 2.77 -0.06
CA TRP A 27 -8.04 1.94 1.07
C TRP A 27 -9.15 2.58 1.84
N ASN A 28 -9.76 1.80 2.76
CA ASN A 28 -10.84 2.28 3.61
C ASN A 28 -10.52 1.90 5.01
N ALA A 29 -10.59 2.89 5.91
CA ALA A 29 -10.14 2.79 7.28
C ALA A 29 -11.30 2.41 8.17
N PRO A 30 -11.05 2.08 9.44
CA PRO A 30 -12.09 1.93 10.45
C PRO A 30 -12.78 3.23 10.76
N GLN A 31 -13.95 3.16 11.42
CA GLN A 31 -14.79 4.28 11.75
C GLN A 31 -14.30 4.94 13.02
N PRO A 32 -14.17 4.34 14.22
CA PRO A 32 -13.65 5.03 15.39
C PRO A 32 -12.16 5.20 15.28
N SER A 33 -11.55 5.98 16.21
CA SER A 33 -10.14 6.24 16.24
C SER A 33 -9.43 5.02 16.76
N HIS A 34 -8.45 4.54 15.96
CA HIS A 34 -7.79 3.29 16.23
C HIS A 34 -6.52 3.32 15.43
N ILE A 35 -6.66 3.64 14.12
CA ILE A 35 -5.60 3.68 13.16
C ILE A 35 -5.45 5.11 12.79
N SER A 36 -4.17 5.58 12.70
CA SER A 36 -3.83 6.91 12.35
C SER A 36 -3.19 6.84 10.98
N LYS A 37 -1.87 6.61 10.98
CA LYS A 37 -0.98 6.90 9.87
C LYS A 37 -0.89 5.67 9.03
N TYR A 38 -0.46 5.78 7.76
CA TYR A 38 -0.27 4.64 6.91
C TYR A 38 1.14 4.71 6.41
N ILE A 39 1.82 3.55 6.38
CA ILE A 39 3.09 3.38 5.71
C ILE A 39 2.77 2.37 4.65
N LEU A 40 3.10 2.70 3.38
CA LEU A 40 3.02 1.74 2.31
C LEU A 40 4.41 1.33 2.07
N ARG A 41 4.62 0.00 2.06
CA ARG A 41 5.93 -0.57 1.87
C ARG A 41 5.77 -1.64 0.84
N TRP A 42 6.53 -1.51 -0.27
CA TRP A 42 6.36 -2.32 -1.46
C TRP A 42 7.73 -2.70 -1.96
N ARG A 43 7.85 -3.86 -2.63
CA ARG A 43 9.07 -4.23 -3.32
C ARG A 43 8.69 -5.20 -4.39
N PRO A 44 9.51 -5.52 -5.39
CA PRO A 44 9.15 -6.48 -6.43
C PRO A 44 9.25 -7.87 -5.86
N LYS A 45 8.16 -8.65 -5.99
CA LYS A 45 7.97 -10.00 -5.51
C LYS A 45 8.85 -10.97 -6.26
N ASN A 46 10.12 -11.06 -5.85
CA ASN A 46 11.13 -11.86 -6.50
C ASN A 46 12.00 -12.35 -5.38
N SER A 47 13.06 -11.59 -5.04
CA SER A 47 14.08 -11.99 -4.11
C SER A 47 13.73 -11.46 -2.73
N VAL A 48 14.72 -11.48 -1.82
CA VAL A 48 14.61 -11.10 -0.44
C VAL A 48 15.60 -9.98 -0.23
N GLY A 49 15.47 -8.91 -1.06
CA GLY A 49 16.35 -7.77 -1.03
C GLY A 49 15.82 -6.73 -0.10
N ARG A 50 15.92 -5.44 -0.50
CA ARG A 50 15.49 -4.32 0.29
C ARG A 50 14.14 -3.91 -0.24
N TRP A 51 13.42 -3.09 0.54
CA TRP A 51 12.10 -2.61 0.20
C TRP A 51 12.18 -1.14 -0.06
N LYS A 52 11.21 -0.63 -0.84
CA LYS A 52 10.90 0.79 -0.93
C LYS A 52 9.76 1.00 -0.01
N GLU A 53 9.64 2.21 0.54
CA GLU A 53 8.57 2.55 1.43
C GLU A 53 8.32 4.02 1.32
N ALA A 54 7.08 4.41 1.69
CA ALA A 54 6.66 5.78 1.76
C ALA A 54 5.78 5.90 2.96
N THR A 55 5.56 7.15 3.42
CA THR A 55 4.75 7.44 4.58
C THR A 55 3.68 8.37 4.08
N ILE A 56 2.41 8.00 4.36
CA ILE A 56 1.23 8.67 3.90
C ILE A 56 0.55 9.17 5.16
N PRO A 57 0.08 10.41 5.24
CA PRO A 57 -0.65 10.92 6.40
C PRO A 57 -1.96 10.21 6.64
N GLY A 58 -2.54 10.42 7.84
CA GLY A 58 -3.70 9.69 8.30
C GLY A 58 -4.98 10.23 7.74
N HIS A 59 -4.97 11.48 7.22
CA HIS A 59 -6.15 12.10 6.65
C HIS A 59 -6.33 11.67 5.22
N LEU A 60 -5.22 11.25 4.56
CA LEU A 60 -5.26 10.75 3.21
C LEU A 60 -5.51 9.26 3.28
N ASN A 61 -6.50 8.81 2.49
CA ASN A 61 -6.98 7.45 2.48
C ASN A 61 -6.58 6.78 1.19
N SER A 62 -5.74 7.46 0.39
CA SER A 62 -5.30 6.95 -0.88
C SER A 62 -3.89 7.42 -1.10
N TYR A 63 -3.23 6.82 -2.12
CA TYR A 63 -1.86 7.11 -2.46
C TYR A 63 -1.70 6.80 -3.93
N THR A 64 -0.47 7.06 -4.42
CA THR A 64 -0.04 6.78 -5.76
C THR A 64 1.38 6.31 -5.62
N ILE A 65 1.65 5.03 -6.00
CA ILE A 65 2.99 4.50 -6.11
C ILE A 65 3.41 4.88 -7.51
N LYS A 66 4.69 5.29 -7.71
CA LYS A 66 5.15 5.65 -9.03
C LYS A 66 6.57 5.17 -9.18
N GLY A 67 7.02 5.14 -10.46
CA GLY A 67 8.37 4.82 -10.84
C GLY A 67 8.49 3.35 -10.97
N LEU A 68 7.54 2.74 -11.71
CA LEU A 68 7.41 1.29 -11.75
C LEU A 68 7.62 0.84 -13.16
N LYS A 69 7.73 -0.49 -13.34
CA LYS A 69 8.01 -1.14 -14.60
C LYS A 69 6.75 -1.86 -15.01
N PRO A 70 6.51 -2.13 -16.29
CA PRO A 70 5.39 -2.95 -16.73
C PRO A 70 5.71 -4.41 -16.55
N GLY A 71 4.65 -5.26 -16.53
CA GLY A 71 4.68 -6.69 -16.54
C GLY A 71 5.41 -7.36 -15.41
N VAL A 72 5.49 -6.68 -14.24
CA VAL A 72 6.20 -7.17 -13.09
C VAL A 72 5.21 -7.26 -11.96
N VAL A 73 5.42 -8.25 -11.06
CA VAL A 73 4.63 -8.46 -9.89
C VAL A 73 5.37 -7.82 -8.74
N TYR A 74 4.65 -6.96 -7.96
CA TYR A 74 5.14 -6.36 -6.76
C TYR A 74 4.34 -6.99 -5.65
N GLU A 75 5.01 -7.19 -4.48
CA GLU A 75 4.35 -7.51 -3.24
C GLU A 75 4.24 -6.20 -2.53
N GLY A 76 3.14 -6.00 -1.79
CA GLY A 76 2.88 -4.75 -1.14
C GLY A 76 2.30 -5.03 0.20
N GLN A 77 2.49 -4.04 1.10
CA GLN A 77 2.02 -4.10 2.44
C GLN A 77 1.59 -2.72 2.75
N LEU A 78 0.40 -2.62 3.37
CA LEU A 78 -0.17 -1.37 3.81
C LEU A 78 -0.20 -1.52 5.31
N ILE A 79 0.84 -0.98 5.98
CA ILE A 79 1.03 -1.06 7.40
C ILE A 79 0.30 0.14 7.94
N SER A 80 -0.48 -0.04 9.01
CA SER A 80 -1.37 0.96 9.52
C SER A 80 -1.04 1.18 10.97
N ILE A 81 -0.49 2.39 11.26
CA ILE A 81 0.17 2.68 12.50
C ILE A 81 -0.89 3.27 13.36
N GLN A 82 -0.94 2.81 14.62
CA GLN A 82 -1.91 3.24 15.59
C GLN A 82 -1.30 4.38 16.33
N GLN A 83 -2.16 5.33 16.81
CA GLN A 83 -1.72 6.51 17.52
C GLN A 83 -1.20 6.15 18.88
N TYR A 84 0.15 6.20 19.01
CA TYR A 84 0.92 5.89 20.18
C TYR A 84 0.73 4.46 20.63
N GLY A 85 0.68 3.49 19.68
CA GLY A 85 0.52 2.11 20.04
C GLY A 85 1.19 1.25 19.02
N HIS A 86 0.40 0.30 18.50
CA HIS A 86 0.84 -0.84 17.72
C HIS A 86 1.00 -0.49 16.28
N GLN A 87 1.33 -1.53 15.49
CA GLN A 87 1.31 -1.51 14.05
C GLN A 87 0.55 -2.74 13.68
N GLU A 88 -0.23 -2.64 12.59
CA GLU A 88 -1.04 -3.72 12.08
C GLU A 88 -0.74 -3.76 10.61
N VAL A 89 -0.44 -4.97 10.07
CA VAL A 89 -0.04 -5.10 8.68
C VAL A 89 -1.21 -5.65 7.91
N THR A 90 -1.46 -5.04 6.72
CA THR A 90 -2.39 -5.49 5.74
C THR A 90 -1.48 -5.96 4.64
N ARG A 91 -1.68 -7.18 4.08
CA ARG A 91 -0.79 -7.68 3.05
C ARG A 91 -1.58 -8.01 1.81
N PHE A 92 -0.91 -7.86 0.66
CA PHE A 92 -1.47 -8.11 -0.64
C PHE A 92 -0.34 -8.22 -1.61
N ASP A 93 -0.68 -8.46 -2.89
CA ASP A 93 0.24 -8.32 -4.00
C ASP A 93 -0.56 -7.71 -5.12
N PHE A 94 0.15 -7.13 -6.10
CA PHE A 94 -0.46 -6.55 -7.27
C PHE A 94 0.51 -6.72 -8.40
N THR A 95 0.02 -6.41 -9.61
CA THR A 95 0.83 -6.33 -10.80
C THR A 95 0.69 -4.93 -11.30
N THR A 96 1.80 -4.36 -11.81
CA THR A 96 1.79 -3.10 -12.50
C THR A 96 2.20 -3.47 -13.89
N THR A 97 1.31 -3.19 -14.87
CA THR A 97 1.49 -3.63 -16.23
C THR A 97 0.72 -2.65 -17.07
N SER A 98 1.09 -2.57 -18.37
CA SER A 98 0.40 -1.77 -19.35
C SER A 98 -0.69 -2.67 -19.96
N SER A 6 -9.50 -4.53 15.06
CA SER A 6 -8.09 -4.27 14.68
C SER A 6 -7.58 -5.41 13.85
N GLY A 7 -6.95 -5.10 12.70
CA GLY A 7 -6.44 -6.10 11.80
C GLY A 7 -6.37 -5.46 10.45
N PRO A 8 -6.28 -6.25 9.38
CA PRO A 8 -6.04 -5.74 8.05
C PRO A 8 -7.08 -4.79 7.53
N VAL A 9 -6.58 -3.78 6.81
CA VAL A 9 -7.29 -2.69 6.20
C VAL A 9 -7.96 -3.26 4.96
N GLU A 10 -9.06 -2.62 4.53
CA GLU A 10 -9.86 -3.06 3.40
C GLU A 10 -9.46 -2.21 2.23
N VAL A 11 -8.49 -2.75 1.49
CA VAL A 11 -7.71 -2.06 0.51
C VAL A 11 -8.12 -2.52 -0.85
N PHE A 12 -8.36 -1.52 -1.74
CA PHE A 12 -8.66 -1.72 -3.14
C PHE A 12 -7.35 -1.59 -3.86
N ILE A 13 -7.19 -2.40 -4.93
CA ILE A 13 -6.02 -2.40 -5.77
C ILE A 13 -6.55 -1.92 -7.08
N THR A 14 -6.39 -0.59 -7.32
CA THR A 14 -6.98 0.09 -8.44
C THR A 14 -6.03 0.03 -9.62
N GLU A 15 -6.33 -0.95 -10.51
CA GLU A 15 -5.69 -1.16 -11.79
C GLU A 15 -6.68 -0.71 -12.83
N THR A 16 -7.36 0.41 -12.52
CA THR A 16 -8.34 1.05 -13.36
C THR A 16 -7.63 2.00 -14.31
N PRO A 17 -6.82 3.00 -13.96
CA PRO A 17 -6.11 3.83 -14.94
C PRO A 17 -4.96 3.06 -15.54
N SER A 18 -4.33 3.63 -16.59
CA SER A 18 -3.32 2.98 -17.37
C SER A 18 -2.11 3.86 -17.30
N GLN A 19 -1.15 3.42 -16.46
CA GLN A 19 0.18 3.97 -16.38
C GLN A 19 1.07 2.76 -16.19
N PRO A 20 2.19 2.61 -16.89
CA PRO A 20 3.01 1.41 -16.80
C PRO A 20 3.93 1.49 -15.61
N ASN A 21 4.03 2.68 -14.96
CA ASN A 21 4.98 2.91 -13.91
C ASN A 21 4.27 3.39 -12.69
N SER A 22 3.05 3.92 -12.82
CA SER A 22 2.31 4.37 -11.66
C SER A 22 1.27 3.34 -11.38
N HIS A 23 1.06 3.11 -10.07
CA HIS A 23 0.06 2.21 -9.57
C HIS A 23 -0.55 2.89 -8.39
N PRO A 24 -1.68 3.56 -8.50
CA PRO A 24 -2.38 4.13 -7.37
C PRO A 24 -3.16 3.06 -6.67
N ILE A 25 -3.31 3.20 -5.34
CA ILE A 25 -4.18 2.34 -4.56
C ILE A 25 -5.15 3.22 -3.83
N GLN A 26 -6.18 2.60 -3.19
CA GLN A 26 -7.03 3.26 -2.26
C GLN A 26 -7.24 2.27 -1.14
N TRP A 27 -7.68 2.74 0.06
CA TRP A 27 -7.99 1.84 1.15
C TRP A 27 -9.09 2.47 1.95
N ASN A 28 -9.66 1.66 2.88
CA ASN A 28 -10.64 2.15 3.83
C ASN A 28 -10.22 1.61 5.15
N ALA A 29 -10.09 2.53 6.12
CA ALA A 29 -9.51 2.30 7.41
C ALA A 29 -10.63 2.29 8.42
N PRO A 30 -10.36 2.01 9.70
CA PRO A 30 -11.37 2.02 10.75
C PRO A 30 -12.00 3.39 10.93
N GLN A 31 -13.32 3.40 11.25
CA GLN A 31 -14.14 4.59 11.33
C GLN A 31 -13.99 5.32 12.67
N PRO A 32 -13.90 4.72 13.88
CA PRO A 32 -13.80 5.49 15.12
C PRO A 32 -12.47 6.18 15.33
N SER A 33 -11.53 6.11 14.35
CA SER A 33 -10.20 6.67 14.38
C SER A 33 -9.36 5.87 15.33
N HIS A 34 -9.14 4.59 14.96
CA HIS A 34 -8.34 3.64 15.68
C HIS A 34 -6.92 3.79 15.23
N ILE A 35 -6.72 4.24 13.98
CA ILE A 35 -5.45 4.28 13.32
C ILE A 35 -5.18 5.71 13.00
N SER A 36 -3.87 6.09 13.03
CA SER A 36 -3.40 7.38 12.67
C SER A 36 -2.89 7.29 11.26
N LYS A 37 -1.64 6.83 11.12
CA LYS A 37 -0.85 6.95 9.91
C LYS A 37 -1.07 5.76 9.05
N TYR A 38 -0.56 5.81 7.80
CA TYR A 38 -0.46 4.64 6.98
C TYR A 38 0.95 4.66 6.46
N ILE A 39 1.56 3.47 6.29
CA ILE A 39 2.82 3.29 5.62
C ILE A 39 2.45 2.31 4.55
N LEU A 40 2.98 2.55 3.33
CA LEU A 40 2.92 1.58 2.27
C LEU A 40 4.31 1.20 2.03
N ARG A 41 4.52 -0.12 1.91
CA ARG A 41 5.76 -0.64 1.41
C ARG A 41 5.39 -1.38 0.16
N TRP A 42 6.41 -1.58 -0.70
CA TRP A 42 6.28 -2.40 -1.88
C TRP A 42 7.65 -2.92 -2.17
N ARG A 43 7.73 -4.04 -2.92
CA ARG A 43 8.97 -4.72 -3.18
C ARG A 43 8.68 -5.64 -4.32
N PRO A 44 9.50 -5.78 -5.35
CA PRO A 44 9.18 -6.63 -6.50
C PRO A 44 9.30 -8.08 -6.09
N LYS A 45 8.17 -8.81 -6.14
CA LYS A 45 8.03 -10.21 -5.79
C LYS A 45 8.72 -11.05 -6.83
N ASN A 46 10.03 -11.27 -6.62
CA ASN A 46 10.84 -12.02 -7.52
C ASN A 46 11.93 -12.55 -6.64
N SER A 47 12.66 -11.62 -5.98
CA SER A 47 13.60 -11.93 -4.93
C SER A 47 12.94 -11.45 -3.66
N VAL A 48 13.73 -11.40 -2.57
CA VAL A 48 13.32 -10.96 -1.28
C VAL A 48 14.42 -10.04 -0.81
N GLY A 49 14.59 -8.92 -1.54
CA GLY A 49 15.63 -7.96 -1.29
C GLY A 49 15.13 -6.89 -0.36
N ARG A 50 15.43 -5.62 -0.70
CA ARG A 50 15.09 -4.48 0.12
C ARG A 50 13.77 -3.97 -0.37
N TRP A 51 12.99 -3.37 0.56
CA TRP A 51 11.70 -2.80 0.26
C TRP A 51 11.90 -1.34 -0.01
N LYS A 52 11.03 -0.75 -0.85
CA LYS A 52 10.82 0.67 -0.92
C LYS A 52 9.63 0.90 -0.06
N GLU A 53 9.53 2.11 0.53
CA GLU A 53 8.46 2.43 1.41
C GLU A 53 8.24 3.91 1.35
N ALA A 54 6.99 4.32 1.68
CA ALA A 54 6.60 5.70 1.81
C ALA A 54 5.68 5.78 2.99
N THR A 55 5.49 7.00 3.54
CA THR A 55 4.62 7.25 4.66
C THR A 55 3.57 8.19 4.15
N ILE A 56 2.28 7.79 4.30
CA ILE A 56 1.13 8.51 3.85
C ILE A 56 0.50 9.09 5.10
N PRO A 57 0.10 10.37 5.13
CA PRO A 57 -0.58 10.97 6.27
C PRO A 57 -1.92 10.34 6.55
N GLY A 58 -2.46 10.58 7.77
CA GLY A 58 -3.67 9.96 8.25
C GLY A 58 -4.93 10.49 7.64
N HIS A 59 -4.87 11.69 7.00
CA HIS A 59 -6.02 12.30 6.38
C HIS A 59 -6.22 11.76 4.99
N LEU A 60 -5.12 11.33 4.33
CA LEU A 60 -5.17 10.75 3.02
C LEU A 60 -5.38 9.27 3.17
N ASN A 61 -6.37 8.73 2.43
CA ASN A 61 -6.81 7.36 2.53
C ASN A 61 -6.55 6.64 1.24
N SER A 62 -5.78 7.28 0.33
CA SER A 62 -5.44 6.73 -0.96
C SER A 62 -4.02 7.09 -1.22
N TYR A 63 -3.33 6.36 -2.13
CA TYR A 63 -1.95 6.67 -2.46
C TYR A 63 -1.77 6.62 -3.95
N THR A 64 -0.56 7.04 -4.39
CA THR A 64 -0.08 6.98 -5.74
C THR A 64 1.34 6.51 -5.60
N ILE A 65 1.62 5.27 -6.05
CA ILE A 65 2.97 4.75 -6.18
C ILE A 65 3.36 5.15 -7.58
N LYS A 66 4.64 5.53 -7.79
CA LYS A 66 5.13 5.96 -9.08
C LYS A 66 6.58 5.59 -9.18
N GLY A 67 7.05 5.48 -10.44
CA GLY A 67 8.42 5.14 -10.77
C GLY A 67 8.60 3.68 -10.61
N LEU A 68 7.76 2.90 -11.33
CA LEU A 68 7.79 1.45 -11.27
C LEU A 68 8.15 0.98 -12.66
N LYS A 69 7.85 -0.31 -12.95
CA LYS A 69 8.18 -0.92 -14.22
C LYS A 69 6.93 -1.61 -14.68
N PRO A 70 6.70 -1.82 -15.99
CA PRO A 70 5.59 -2.61 -16.48
C PRO A 70 5.94 -4.08 -16.36
N GLY A 71 4.89 -4.94 -16.44
CA GLY A 71 4.95 -6.37 -16.53
C GLY A 71 5.62 -7.08 -15.38
N VAL A 72 5.59 -6.46 -14.17
CA VAL A 72 6.23 -7.01 -13.00
C VAL A 72 5.22 -7.05 -11.90
N VAL A 73 5.30 -8.13 -11.08
CA VAL A 73 4.47 -8.34 -9.92
C VAL A 73 5.24 -7.84 -8.72
N TYR A 74 4.57 -6.97 -7.92
CA TYR A 74 5.09 -6.47 -6.67
C TYR A 74 4.28 -7.14 -5.59
N GLU A 75 4.92 -7.37 -4.42
CA GLU A 75 4.25 -7.64 -3.19
C GLU A 75 4.24 -6.32 -2.47
N GLY A 76 3.11 -6.01 -1.81
CA GLY A 76 2.93 -4.76 -1.15
C GLY A 76 2.41 -5.03 0.21
N GLN A 77 2.68 -4.11 1.16
CA GLN A 77 2.16 -4.19 2.50
C GLN A 77 1.68 -2.84 2.84
N LEU A 78 0.49 -2.79 3.45
CA LEU A 78 -0.10 -1.57 3.93
C LEU A 78 -0.14 -1.74 5.43
N ILE A 79 0.80 -1.07 6.13
CA ILE A 79 1.01 -1.18 7.55
C ILE A 79 0.37 0.06 8.11
N SER A 80 -0.57 -0.08 9.08
CA SER A 80 -1.29 1.05 9.61
C SER A 80 -0.85 1.26 11.02
N ILE A 81 -0.30 2.48 11.32
CA ILE A 81 0.35 2.74 12.58
C ILE A 81 -0.68 3.47 13.38
N GLN A 82 -0.76 3.11 14.68
CA GLN A 82 -1.52 3.78 15.69
C GLN A 82 -0.45 4.48 16.46
N GLN A 83 -0.62 5.82 16.66
CA GLN A 83 0.43 6.67 17.18
C GLN A 83 0.73 6.35 18.62
N TYR A 84 1.96 5.84 18.86
CA TYR A 84 2.48 5.36 20.11
C TYR A 84 1.66 4.22 20.66
N GLY A 85 1.42 3.18 19.83
CA GLY A 85 0.68 2.05 20.29
C GLY A 85 0.89 0.92 19.32
N HIS A 86 -0.23 0.50 18.70
CA HIS A 86 -0.33 -0.69 17.90
C HIS A 86 0.18 -0.46 16.50
N GLN A 87 0.42 -1.54 15.75
CA GLN A 87 0.68 -1.51 14.34
C GLN A 87 -0.06 -2.68 13.79
N GLU A 88 -0.88 -2.41 12.75
CA GLU A 88 -1.62 -3.40 12.01
C GLU A 88 -0.83 -3.64 10.76
N VAL A 89 -0.97 -4.84 10.15
CA VAL A 89 -0.29 -5.16 8.92
C VAL A 89 -1.28 -5.82 8.00
N THR A 90 -1.25 -5.38 6.72
CA THR A 90 -2.03 -5.92 5.63
C THR A 90 -0.99 -6.34 4.65
N ARG A 91 -1.20 -7.49 3.94
CA ARG A 91 -0.35 -7.86 2.84
C ARG A 91 -1.25 -8.25 1.69
N PHE A 92 -0.85 -7.83 0.48
CA PHE A 92 -1.50 -8.10 -0.77
C PHE A 92 -0.42 -8.21 -1.80
N ASP A 93 -0.82 -8.49 -3.05
CA ASP A 93 0.04 -8.41 -4.20
C ASP A 93 -0.69 -7.54 -5.20
N PHE A 94 0.08 -6.87 -6.08
CA PHE A 94 -0.48 -6.17 -7.21
C PHE A 94 0.48 -6.33 -8.34
N THR A 95 -0.01 -5.97 -9.54
CA THR A 95 0.78 -5.93 -10.75
C THR A 95 0.73 -4.51 -11.21
N THR A 96 1.87 -4.03 -11.76
CA THR A 96 1.95 -2.76 -12.44
C THR A 96 2.36 -3.20 -13.81
N THR A 97 1.46 -3.01 -14.79
CA THR A 97 1.62 -3.58 -16.11
C THR A 97 0.80 -2.76 -17.07
N SER A 98 -0.39 -2.29 -16.63
CA SER A 98 -1.40 -1.58 -17.39
C SER A 98 -1.77 -2.33 -18.69
N SER A 6 -7.90 -5.28 16.44
CA SER A 6 -7.37 -4.77 15.15
C SER A 6 -7.34 -5.84 14.09
N GLY A 7 -7.10 -5.42 12.84
CA GLY A 7 -7.01 -6.34 11.73
C GLY A 7 -6.89 -5.52 10.48
N PRO A 8 -6.78 -6.16 9.32
CA PRO A 8 -6.42 -5.49 8.08
C PRO A 8 -7.38 -4.42 7.63
N VAL A 9 -6.78 -3.40 6.99
CA VAL A 9 -7.41 -2.28 6.34
C VAL A 9 -7.93 -2.82 5.03
N GLU A 10 -8.99 -2.19 4.49
CA GLU A 10 -9.72 -2.70 3.35
C GLU A 10 -9.27 -1.97 2.13
N VAL A 11 -8.31 -2.59 1.42
CA VAL A 11 -7.51 -1.96 0.41
C VAL A 11 -7.82 -2.61 -0.90
N PHE A 12 -7.97 -1.76 -1.95
CA PHE A 12 -8.28 -2.16 -3.30
C PHE A 12 -7.00 -2.47 -4.01
N ILE A 13 -7.10 -3.43 -4.97
CA ILE A 13 -6.01 -3.90 -5.79
C ILE A 13 -6.49 -3.58 -7.18
N THR A 14 -5.57 -3.18 -8.08
CA THR A 14 -5.90 -2.93 -9.48
C THR A 14 -4.94 -3.75 -10.28
N GLU A 15 -5.40 -4.93 -10.76
CA GLU A 15 -4.64 -5.82 -11.60
C GLU A 15 -5.19 -5.73 -13.00
N THR A 16 -5.64 -4.50 -13.38
CA THR A 16 -6.12 -4.20 -14.71
C THR A 16 -4.91 -3.74 -15.50
N PRO A 17 -4.90 -3.79 -16.83
CA PRO A 17 -3.85 -3.17 -17.62
C PRO A 17 -4.13 -1.67 -17.72
N SER A 18 -3.71 -0.88 -16.71
CA SER A 18 -3.95 0.55 -16.71
C SER A 18 -2.97 1.26 -15.84
N GLN A 19 -1.77 0.69 -15.79
CA GLN A 19 -0.66 1.16 -15.00
C GLN A 19 0.60 1.06 -15.83
N PRO A 20 0.96 2.05 -16.64
CA PRO A 20 2.12 1.97 -17.48
C PRO A 20 3.35 2.43 -16.75
N ASN A 21 3.19 2.91 -15.48
CA ASN A 21 4.26 3.47 -14.72
C ASN A 21 3.89 3.57 -13.28
N SER A 22 2.61 3.94 -13.03
CA SER A 22 2.15 4.31 -11.71
C SER A 22 0.96 3.48 -11.37
N HIS A 23 0.95 3.02 -10.11
CA HIS A 23 -0.05 2.12 -9.58
C HIS A 23 -0.76 2.84 -8.46
N PRO A 24 -2.05 3.18 -8.57
CA PRO A 24 -2.80 3.79 -7.48
C PRO A 24 -3.20 2.74 -6.46
N ILE A 25 -2.90 3.00 -5.16
CA ILE A 25 -3.39 2.22 -4.06
C ILE A 25 -4.44 3.10 -3.44
N GLN A 26 -5.60 2.53 -3.09
CA GLN A 26 -6.65 3.24 -2.38
C GLN A 26 -7.11 2.27 -1.33
N TRP A 27 -7.54 2.78 -0.16
CA TRP A 27 -7.91 1.94 0.95
C TRP A 27 -9.01 2.63 1.70
N ASN A 28 -9.63 1.88 2.64
CA ASN A 28 -10.68 2.40 3.49
C ASN A 28 -10.36 1.90 4.86
N ALA A 29 -10.40 2.83 5.83
CA ALA A 29 -9.98 2.60 7.18
C ALA A 29 -11.21 2.38 8.03
N PRO A 30 -11.07 1.98 9.29
CA PRO A 30 -12.17 1.85 10.24
C PRO A 30 -12.80 3.19 10.57
N GLN A 31 -13.99 3.15 11.19
CA GLN A 31 -14.79 4.33 11.49
C GLN A 31 -14.32 5.00 12.77
N PRO A 32 -14.20 4.43 13.98
CA PRO A 32 -13.76 5.15 15.15
C PRO A 32 -12.27 5.39 15.10
N SER A 33 -11.72 6.18 16.05
CA SER A 33 -10.31 6.46 16.14
C SER A 33 -9.60 5.24 16.64
N HIS A 34 -8.60 4.78 15.85
CA HIS A 34 -8.05 3.46 16.00
C HIS A 34 -6.71 3.48 15.32
N ILE A 35 -6.71 3.96 14.06
CA ILE A 35 -5.58 3.99 13.18
C ILE A 35 -5.32 5.44 12.92
N SER A 36 -4.03 5.82 12.88
CA SER A 36 -3.59 7.16 12.62
C SER A 36 -3.05 7.15 11.23
N LYS A 37 -1.75 6.82 11.11
CA LYS A 37 -0.95 7.00 9.92
C LYS A 37 -1.03 5.75 9.11
N TYR A 38 -0.47 5.80 7.89
CA TYR A 38 -0.28 4.61 7.12
C TYR A 38 1.14 4.67 6.64
N ILE A 39 1.75 3.50 6.41
CA ILE A 39 2.97 3.33 5.67
C ILE A 39 2.54 2.41 4.58
N LEU A 40 2.94 2.72 3.32
CA LEU A 40 2.86 1.78 2.23
C LEU A 40 4.24 1.35 2.01
N ARG A 41 4.47 0.03 2.09
CA ARG A 41 5.76 -0.57 1.92
C ARG A 41 5.58 -1.63 0.88
N TRP A 42 6.37 -1.53 -0.22
CA TRP A 42 6.19 -2.36 -1.40
C TRP A 42 7.56 -2.80 -1.83
N ARG A 43 7.64 -3.99 -2.47
CA ARG A 43 8.84 -4.42 -3.15
C ARG A 43 8.39 -5.11 -4.40
N PRO A 44 9.19 -5.25 -5.44
CA PRO A 44 8.95 -6.21 -6.50
C PRO A 44 9.24 -7.59 -5.95
N LYS A 45 8.80 -8.68 -6.65
CA LYS A 45 9.15 -10.04 -6.30
C LYS A 45 10.65 -10.30 -6.42
N ASN A 46 11.37 -10.02 -5.33
CA ASN A 46 12.77 -10.25 -5.17
C ASN A 46 12.90 -10.97 -3.85
N SER A 47 13.84 -10.51 -2.98
CA SER A 47 14.03 -11.04 -1.65
C SER A 47 13.34 -10.10 -0.69
N VAL A 48 13.32 -10.50 0.61
CA VAL A 48 12.72 -9.74 1.69
C VAL A 48 13.83 -9.02 2.43
N GLY A 49 14.80 -8.45 1.67
CA GLY A 49 15.93 -7.75 2.22
C GLY A 49 15.53 -6.33 2.46
N ARG A 50 15.90 -5.42 1.52
CA ARG A 50 15.52 -4.03 1.58
C ARG A 50 14.33 -3.87 0.68
N TRP A 51 13.38 -3.01 1.12
CA TRP A 51 12.14 -2.75 0.44
C TRP A 51 12.13 -1.28 0.19
N LYS A 52 11.13 -0.80 -0.59
CA LYS A 52 10.85 0.61 -0.75
C LYS A 52 9.67 0.86 0.12
N GLU A 53 9.56 2.09 0.64
CA GLU A 53 8.47 2.45 1.49
C GLU A 53 8.27 3.94 1.39
N ALA A 54 7.04 4.36 1.74
CA ALA A 54 6.65 5.73 1.85
C ALA A 54 5.80 5.81 3.08
N THR A 55 5.64 7.03 3.64
CA THR A 55 4.82 7.25 4.81
C THR A 55 3.72 8.16 4.33
N ILE A 56 2.46 7.69 4.52
CA ILE A 56 1.28 8.36 4.07
C ILE A 56 0.70 9.04 5.29
N PRO A 57 0.26 10.30 5.21
CA PRO A 57 -0.45 10.96 6.30
C PRO A 57 -1.76 10.30 6.61
N GLY A 58 -2.32 10.56 7.81
CA GLY A 58 -3.49 9.89 8.32
C GLY A 58 -4.77 10.39 7.73
N HIS A 59 -4.75 11.62 7.13
CA HIS A 59 -5.91 12.22 6.53
C HIS A 59 -6.08 11.70 5.13
N LEU A 60 -4.97 11.30 4.47
CA LEU A 60 -4.99 10.74 3.15
C LEU A 60 -5.17 9.26 3.27
N ASN A 61 -6.15 8.73 2.51
CA ASN A 61 -6.54 7.34 2.52
C ASN A 61 -6.28 6.75 1.16
N SER A 62 -5.47 7.45 0.36
CA SER A 62 -5.12 7.03 -0.98
C SER A 62 -3.70 7.44 -1.22
N TYR A 63 -3.08 6.81 -2.24
CA TYR A 63 -1.72 7.09 -2.61
C TYR A 63 -1.58 6.78 -4.08
N THR A 64 -0.37 7.02 -4.60
CA THR A 64 0.05 6.70 -5.93
C THR A 64 1.50 6.30 -5.76
N ILE A 65 1.80 5.01 -6.06
CA ILE A 65 3.14 4.49 -6.05
C ILE A 65 3.65 4.64 -7.45
N LYS A 66 4.59 5.60 -7.67
CA LYS A 66 5.09 5.92 -8.98
C LYS A 66 6.50 5.41 -9.10
N GLY A 67 6.96 5.34 -10.37
CA GLY A 67 8.31 4.98 -10.73
C GLY A 67 8.45 3.50 -10.68
N LEU A 68 7.50 2.83 -11.36
CA LEU A 68 7.39 1.39 -11.36
C LEU A 68 7.49 0.94 -12.79
N LYS A 69 7.75 -0.37 -12.99
CA LYS A 69 7.95 -0.97 -14.29
C LYS A 69 6.64 -1.61 -14.67
N PRO A 70 6.26 -1.69 -15.95
CA PRO A 70 5.11 -2.48 -16.38
C PRO A 70 5.50 -3.94 -16.41
N GLY A 71 4.48 -4.83 -16.43
CA GLY A 71 4.58 -6.26 -16.57
C GLY A 71 5.29 -7.00 -15.47
N VAL A 72 5.35 -6.41 -14.24
CA VAL A 72 6.02 -7.03 -13.12
C VAL A 72 5.06 -7.02 -11.96
N VAL A 73 5.13 -8.07 -11.12
CA VAL A 73 4.30 -8.23 -9.95
C VAL A 73 5.07 -7.76 -8.75
N TYR A 74 4.39 -6.89 -7.97
CA TYR A 74 4.89 -6.35 -6.73
C TYR A 74 4.16 -7.06 -5.64
N GLU A 75 4.88 -7.29 -4.53
CA GLU A 75 4.27 -7.56 -3.24
C GLU A 75 4.13 -6.21 -2.57
N GLY A 76 2.94 -5.92 -1.99
CA GLY A 76 2.70 -4.65 -1.33
C GLY A 76 2.12 -4.94 0.01
N GLN A 77 2.24 -3.96 0.93
CA GLN A 77 1.77 -4.07 2.27
C GLN A 77 1.40 -2.70 2.68
N LEU A 78 0.26 -2.59 3.38
CA LEU A 78 -0.28 -1.36 3.89
C LEU A 78 -0.27 -1.52 5.38
N ILE A 79 0.76 -0.97 6.06
CA ILE A 79 0.92 -1.04 7.48
C ILE A 79 0.20 0.18 8.00
N SER A 80 -0.62 0.02 9.05
CA SER A 80 -1.38 1.09 9.62
C SER A 80 -0.92 1.28 11.05
N ILE A 81 -0.36 2.49 11.34
CA ILE A 81 0.27 2.76 12.60
C ILE A 81 -0.83 3.37 13.40
N GLN A 82 -0.99 2.85 14.63
CA GLN A 82 -2.10 3.15 15.48
C GLN A 82 -1.67 4.12 16.52
N GLN A 83 -2.67 4.79 17.14
CA GLN A 83 -2.54 5.69 18.25
C GLN A 83 -2.31 4.99 19.56
N TYR A 84 -1.59 3.86 19.53
CA TYR A 84 -1.26 3.10 20.71
C TYR A 84 0.08 2.44 20.52
N GLY A 85 0.83 2.87 19.49
CA GLY A 85 2.16 2.37 19.21
C GLY A 85 2.15 1.06 18.49
N HIS A 86 0.95 0.53 18.16
CA HIS A 86 0.78 -0.74 17.48
C HIS A 86 0.98 -0.51 16.01
N GLN A 87 1.30 -1.59 15.27
CA GLN A 87 1.51 -1.55 13.85
C GLN A 87 0.82 -2.79 13.38
N GLU A 88 -0.31 -2.58 12.69
CA GLU A 88 -1.12 -3.63 12.14
C GLU A 88 -0.78 -3.69 10.69
N VAL A 89 -0.51 -4.89 10.14
CA VAL A 89 -0.04 -5.06 8.79
C VAL A 89 -1.15 -5.65 7.98
N THR A 90 -1.37 -5.07 6.77
CA THR A 90 -2.26 -5.58 5.75
C THR A 90 -1.31 -6.02 4.68
N ARG A 91 -1.55 -7.19 4.05
CA ARG A 91 -0.70 -7.63 2.96
C ARG A 91 -1.53 -8.01 1.77
N PHE A 92 -0.92 -7.87 0.58
CA PHE A 92 -1.56 -8.08 -0.70
C PHE A 92 -0.46 -8.18 -1.71
N ASP A 93 -0.85 -8.34 -2.99
CA ASP A 93 0.02 -8.17 -4.12
C ASP A 93 -0.75 -7.34 -5.11
N PHE A 94 -0.01 -6.68 -6.04
CA PHE A 94 -0.61 -6.01 -7.17
C PHE A 94 0.31 -6.20 -8.31
N THR A 95 -0.23 -5.93 -9.52
CA THR A 95 0.54 -5.91 -10.73
C THR A 95 0.53 -4.48 -11.19
N THR A 96 1.70 -4.04 -11.73
CA THR A 96 1.81 -2.79 -12.46
C THR A 96 2.02 -3.32 -13.84
N THR A 97 1.04 -3.09 -14.72
CA THR A 97 1.07 -3.63 -16.06
C THR A 97 0.14 -2.76 -16.86
N SER A 98 0.43 -2.62 -18.17
CA SER A 98 -0.46 -1.98 -19.11
C SER A 98 -0.11 -2.60 -20.46
N SER A 6 -6.73 -3.11 16.24
CA SER A 6 -7.26 -3.05 14.85
C SER A 6 -6.96 -4.30 14.09
N GLY A 7 -7.18 -4.27 12.75
CA GLY A 7 -6.94 -5.39 11.90
C GLY A 7 -6.77 -4.84 10.52
N PRO A 8 -6.76 -5.70 9.50
CA PRO A 8 -6.43 -5.31 8.15
C PRO A 8 -7.39 -4.30 7.57
N VAL A 9 -6.80 -3.33 6.88
CA VAL A 9 -7.46 -2.22 6.23
C VAL A 9 -8.04 -2.78 4.95
N GLU A 10 -9.13 -2.17 4.45
CA GLU A 10 -9.88 -2.67 3.31
C GLU A 10 -9.40 -1.96 2.09
N VAL A 11 -8.40 -2.58 1.45
CA VAL A 11 -7.57 -1.98 0.46
C VAL A 11 -7.91 -2.60 -0.87
N PHE A 12 -8.17 -1.75 -1.88
CA PHE A 12 -8.62 -2.16 -3.19
C PHE A 12 -7.78 -1.39 -4.17
N ILE A 13 -7.65 -1.94 -5.40
CA ILE A 13 -6.85 -1.36 -6.44
C ILE A 13 -7.81 -0.88 -7.47
N THR A 14 -8.03 0.45 -7.45
CA THR A 14 -8.83 1.14 -8.41
C THR A 14 -8.36 2.58 -8.35
N GLU A 15 -8.64 3.34 -9.44
CA GLU A 15 -8.47 4.77 -9.61
C GLU A 15 -8.20 4.88 -11.08
N THR A 16 -7.05 4.31 -11.48
CA THR A 16 -6.62 4.24 -12.86
C THR A 16 -5.67 3.04 -12.91
N PRO A 17 -6.16 1.81 -13.13
CA PRO A 17 -5.32 0.64 -13.32
C PRO A 17 -4.92 0.51 -14.78
N SER A 18 -4.71 1.63 -15.49
CA SER A 18 -4.30 1.68 -16.87
C SER A 18 -3.02 2.45 -16.92
N GLN A 19 -2.19 2.14 -15.94
CA GLN A 19 -0.93 2.79 -15.65
C GLN A 19 0.07 1.70 -15.36
N PRO A 20 1.10 1.45 -16.17
CA PRO A 20 2.12 0.48 -15.86
C PRO A 20 3.25 1.12 -15.08
N ASN A 21 3.22 2.47 -14.93
CA ASN A 21 4.31 3.22 -14.35
C ASN A 21 3.96 3.60 -12.95
N SER A 22 2.70 4.00 -12.76
CA SER A 22 2.17 4.31 -11.45
C SER A 22 1.19 3.23 -11.10
N HIS A 23 1.02 3.03 -9.78
CA HIS A 23 0.09 2.04 -9.28
C HIS A 23 -0.64 2.69 -8.13
N PRO A 24 -1.85 3.19 -8.33
CA PRO A 24 -2.59 3.88 -7.28
C PRO A 24 -3.16 2.87 -6.33
N ILE A 25 -2.95 3.10 -5.01
CA ILE A 25 -3.48 2.30 -3.95
C ILE A 25 -4.54 3.20 -3.35
N GLN A 26 -5.63 2.61 -2.82
CA GLN A 26 -6.55 3.34 -1.99
C GLN A 26 -7.09 2.33 -1.06
N TRP A 27 -7.50 2.77 0.14
CA TRP A 27 -7.85 1.88 1.22
C TRP A 27 -8.94 2.55 1.99
N ASN A 28 -9.60 1.77 2.88
CA ASN A 28 -10.69 2.29 3.67
C ASN A 28 -10.54 1.74 5.06
N ALA A 29 -10.66 2.65 6.04
CA ALA A 29 -10.30 2.44 7.41
C ALA A 29 -11.51 1.97 8.19
N PRO A 30 -11.35 1.64 9.48
CA PRO A 30 -12.45 1.37 10.39
C PRO A 30 -13.32 2.60 10.60
N GLN A 31 -14.54 2.38 11.16
CA GLN A 31 -15.52 3.43 11.35
C GLN A 31 -15.21 4.23 12.60
N PRO A 32 -14.81 3.72 13.78
CA PRO A 32 -14.38 4.58 14.89
C PRO A 32 -13.05 5.24 14.61
N SER A 33 -12.29 4.73 13.61
CA SER A 33 -10.97 5.18 13.22
C SER A 33 -9.99 4.91 14.35
N HIS A 34 -9.57 3.63 14.45
CA HIS A 34 -8.69 3.13 15.47
C HIS A 34 -7.26 3.24 14.99
N ILE A 35 -7.08 3.61 13.71
CA ILE A 35 -5.82 3.64 13.00
C ILE A 35 -5.56 5.10 12.74
N SER A 36 -4.27 5.51 12.77
CA SER A 36 -3.85 6.84 12.48
C SER A 36 -3.25 6.80 11.12
N LYS A 37 -1.94 6.49 11.05
CA LYS A 37 -1.08 6.70 9.92
C LYS A 37 -1.13 5.50 9.03
N TYR A 38 -0.59 5.62 7.81
CA TYR A 38 -0.44 4.49 6.94
C TYR A 38 0.95 4.61 6.38
N ILE A 39 1.62 3.46 6.22
CA ILE A 39 2.89 3.37 5.54
C ILE A 39 2.59 2.38 4.46
N LEU A 40 3.03 2.66 3.22
CA LEU A 40 2.93 1.73 2.13
C LEU A 40 4.32 1.32 1.82
N ARG A 41 4.51 0.01 1.72
CA ARG A 41 5.73 -0.58 1.28
C ARG A 41 5.40 -1.27 -0.01
N TRP A 42 6.43 -1.48 -0.84
CA TRP A 42 6.32 -2.29 -2.02
C TRP A 42 7.69 -2.88 -2.24
N ARG A 43 7.72 -4.19 -2.56
CA ARG A 43 8.92 -4.96 -2.80
C ARG A 43 8.59 -5.76 -4.01
N PRO A 44 9.42 -5.93 -5.03
CA PRO A 44 9.07 -6.73 -6.19
C PRO A 44 9.22 -8.19 -5.84
N LYS A 45 8.48 -9.07 -6.54
CA LYS A 45 8.61 -10.51 -6.50
C LYS A 45 9.88 -10.95 -7.21
N ASN A 46 11.04 -10.47 -6.71
CA ASN A 46 12.34 -10.64 -7.30
C ASN A 46 13.26 -10.53 -6.14
N SER A 47 13.17 -9.38 -5.41
CA SER A 47 13.95 -9.12 -4.23
C SER A 47 13.24 -9.72 -3.05
N VAL A 48 14.01 -9.92 -1.96
CA VAL A 48 13.57 -10.61 -0.77
C VAL A 48 13.94 -9.77 0.43
N GLY A 49 14.68 -8.65 0.22
CA GLY A 49 15.22 -7.86 1.29
C GLY A 49 15.15 -6.42 0.93
N ARG A 50 15.51 -6.11 -0.33
CA ARG A 50 15.57 -4.75 -0.84
C ARG A 50 14.18 -4.32 -1.22
N TRP A 51 13.74 -3.17 -0.67
CA TRP A 51 12.42 -2.66 -0.96
C TRP A 51 12.39 -1.18 -0.75
N LYS A 52 11.20 -0.59 -0.93
CA LYS A 52 10.96 0.83 -0.86
C LYS A 52 9.77 0.99 0.02
N GLU A 53 9.61 2.20 0.58
CA GLU A 53 8.47 2.54 1.40
C GLU A 53 8.20 4.00 1.21
N ALA A 54 6.95 4.39 1.55
CA ALA A 54 6.52 5.77 1.63
C ALA A 54 5.61 5.85 2.81
N THR A 55 5.44 7.07 3.37
CA THR A 55 4.61 7.30 4.54
C THR A 55 3.54 8.24 4.10
N ILE A 56 2.27 7.86 4.36
CA ILE A 56 1.08 8.58 3.94
C ILE A 56 0.43 9.05 5.23
N PRO A 57 -0.01 10.29 5.37
CA PRO A 57 -0.69 10.78 6.56
C PRO A 57 -2.01 10.10 6.81
N GLY A 58 -2.61 10.33 8.00
CA GLY A 58 -3.79 9.64 8.42
C GLY A 58 -5.05 10.20 7.81
N HIS A 59 -5.01 11.45 7.30
CA HIS A 59 -6.14 12.10 6.70
C HIS A 59 -6.27 11.67 5.26
N LEU A 60 -5.13 11.32 4.61
CA LEU A 60 -5.11 10.84 3.25
C LEU A 60 -5.28 9.35 3.29
N ASN A 61 -6.23 8.84 2.47
CA ASN A 61 -6.66 7.46 2.49
C ASN A 61 -6.33 6.82 1.17
N SER A 62 -5.55 7.51 0.32
CA SER A 62 -5.17 7.01 -0.99
C SER A 62 -3.76 7.43 -1.25
N TYR A 63 -3.16 6.84 -2.31
CA TYR A 63 -1.78 7.09 -2.65
C TYR A 63 -1.60 6.81 -4.13
N THR A 64 -0.36 7.04 -4.60
CA THR A 64 0.10 6.81 -5.93
C THR A 64 1.52 6.36 -5.76
N ILE A 65 1.83 5.10 -6.13
CA ILE A 65 3.17 4.56 -6.09
C ILE A 65 3.70 4.70 -7.49
N LYS A 66 4.46 5.79 -7.77
CA LYS A 66 5.00 6.05 -9.08
C LYS A 66 6.43 5.62 -9.12
N GLY A 67 6.95 5.45 -10.37
CA GLY A 67 8.32 5.09 -10.62
C GLY A 67 8.46 3.61 -10.51
N LEU A 68 7.59 2.90 -11.25
CA LEU A 68 7.55 1.45 -11.28
C LEU A 68 7.82 1.04 -12.69
N LYS A 69 8.12 -0.26 -12.89
CA LYS A 69 8.49 -0.82 -14.16
C LYS A 69 7.26 -1.44 -14.75
N PRO A 70 7.13 -1.63 -16.06
CA PRO A 70 6.02 -2.37 -16.64
C PRO A 70 6.25 -3.85 -16.47
N GLY A 71 5.14 -4.64 -16.49
CA GLY A 71 5.11 -6.06 -16.53
C GLY A 71 5.79 -6.79 -15.40
N VAL A 72 5.81 -6.18 -14.20
CA VAL A 72 6.41 -6.75 -13.01
C VAL A 72 5.34 -6.81 -11.96
N VAL A 73 5.32 -7.93 -11.21
CA VAL A 73 4.42 -8.17 -10.11
C VAL A 73 5.17 -7.83 -8.85
N TYR A 74 4.49 -7.10 -7.94
CA TYR A 74 5.01 -6.68 -6.66
C TYR A 74 4.22 -7.37 -5.59
N GLU A 75 4.84 -7.54 -4.41
CA GLU A 75 4.11 -7.71 -3.16
C GLU A 75 4.06 -6.32 -2.55
N GLY A 76 2.92 -6.00 -1.92
CA GLY A 76 2.70 -4.70 -1.33
C GLY A 76 2.17 -4.90 0.04
N GLN A 77 2.59 -4.03 0.99
CA GLN A 77 2.15 -4.17 2.36
C GLN A 77 1.79 -2.79 2.82
N LEU A 78 0.62 -2.69 3.46
CA LEU A 78 0.04 -1.46 3.93
C LEU A 78 0.05 -1.59 5.43
N ILE A 79 1.07 -1.01 6.08
CA ILE A 79 1.28 -1.09 7.51
C ILE A 79 0.50 0.07 8.04
N SER A 80 -0.42 -0.19 9.00
CA SER A 80 -1.37 0.79 9.44
C SER A 80 -1.17 0.98 10.93
N ILE A 81 -0.64 2.17 11.30
CA ILE A 81 -0.10 2.41 12.62
C ILE A 81 -1.13 3.19 13.34
N GLN A 82 -1.32 2.89 14.63
CA GLN A 82 -2.32 3.51 15.47
C GLN A 82 -1.76 4.76 16.10
N GLN A 83 -2.57 5.45 16.93
CA GLN A 83 -2.17 6.61 17.69
C GLN A 83 -1.30 6.22 18.85
N TYR A 84 0.02 6.06 18.58
CA TYR A 84 1.04 5.63 19.52
C TYR A 84 0.75 4.29 20.13
N GLY A 85 0.02 3.42 19.37
CA GLY A 85 -0.46 2.15 19.86
C GLY A 85 0.26 1.06 19.12
N HIS A 86 -0.54 0.24 18.40
CA HIS A 86 -0.08 -0.94 17.70
C HIS A 86 0.53 -0.54 16.39
N GLN A 87 1.20 -1.50 15.73
CA GLN A 87 1.68 -1.37 14.38
C GLN A 87 1.10 -2.61 13.74
N GLU A 88 0.10 -2.40 12.85
CA GLU A 88 -0.68 -3.45 12.25
C GLU A 88 -0.15 -3.61 10.86
N VAL A 89 -0.29 -4.82 10.26
CA VAL A 89 0.18 -5.10 8.92
C VAL A 89 -0.97 -5.69 8.14
N THR A 90 -1.21 -5.10 6.94
CA THR A 90 -2.13 -5.59 5.95
C THR A 90 -1.20 -6.05 4.84
N ARG A 91 -1.49 -7.20 4.20
CA ARG A 91 -0.64 -7.72 3.15
C ARG A 91 -1.51 -8.08 1.97
N PHE A 92 -0.96 -7.82 0.76
CA PHE A 92 -1.59 -8.09 -0.51
C PHE A 92 -0.48 -8.19 -1.50
N ASP A 93 -0.86 -8.38 -2.78
CA ASP A 93 0.03 -8.25 -3.90
C ASP A 93 -0.72 -7.47 -4.95
N PHE A 94 0.03 -6.82 -5.85
CA PHE A 94 -0.54 -6.17 -7.02
C PHE A 94 0.46 -6.36 -8.12
N THR A 95 0.08 -5.93 -9.32
CA THR A 95 0.97 -6.00 -10.46
C THR A 95 0.73 -4.76 -11.27
N THR A 96 1.77 -4.35 -12.02
CA THR A 96 1.71 -3.35 -13.04
C THR A 96 1.98 -4.18 -14.27
N THR A 97 1.02 -4.19 -15.23
CA THR A 97 1.10 -5.05 -16.38
C THR A 97 0.24 -4.42 -17.45
N SER A 98 0.00 -3.09 -17.32
CA SER A 98 -0.87 -2.35 -18.20
C SER A 98 -0.09 -1.88 -19.43
N SER A 6 -10.15 -5.24 15.60
CA SER A 6 -9.58 -4.71 14.33
C SER A 6 -8.93 -5.80 13.52
N GLY A 7 -8.25 -5.40 12.43
CA GLY A 7 -7.59 -6.32 11.54
C GLY A 7 -7.35 -5.55 10.27
N PRO A 8 -6.90 -6.21 9.19
CA PRO A 8 -6.40 -5.57 7.99
C PRO A 8 -7.33 -4.58 7.37
N VAL A 9 -6.71 -3.53 6.79
CA VAL A 9 -7.34 -2.41 6.14
C VAL A 9 -7.79 -2.91 4.79
N GLU A 10 -8.85 -2.30 4.23
CA GLU A 10 -9.52 -2.80 3.06
C GLU A 10 -9.03 -2.05 1.87
N VAL A 11 -7.96 -2.59 1.28
CA VAL A 11 -7.15 -1.93 0.29
C VAL A 11 -7.37 -2.64 -1.00
N PHE A 12 -7.61 -1.83 -2.07
CA PHE A 12 -7.97 -2.33 -3.38
C PHE A 12 -7.32 -1.39 -4.36
N ILE A 13 -7.44 -1.73 -5.66
CA ILE A 13 -7.28 -0.79 -6.73
C ILE A 13 -8.41 -1.14 -7.65
N THR A 14 -9.16 -0.09 -8.08
CA THR A 14 -10.31 -0.24 -8.93
C THR A 14 -10.31 0.97 -9.86
N GLU A 15 -9.19 1.73 -9.87
CA GLU A 15 -9.05 2.96 -10.62
C GLU A 15 -8.62 2.60 -12.00
N THR A 16 -7.36 2.13 -12.12
CA THR A 16 -6.73 1.81 -13.37
C THR A 16 -6.77 0.31 -13.54
N PRO A 17 -7.21 -0.26 -14.66
CA PRO A 17 -7.09 -1.69 -14.93
C PRO A 17 -5.71 -2.01 -15.43
N SER A 18 -4.94 -0.98 -15.88
CA SER A 18 -3.62 -1.14 -16.43
C SER A 18 -2.98 0.18 -16.21
N GLN A 19 -1.83 0.16 -15.51
CA GLN A 19 -0.99 1.32 -15.36
C GLN A 19 0.38 0.79 -15.03
N PRO A 20 1.41 0.89 -15.89
CA PRO A 20 2.66 0.20 -15.68
C PRO A 20 3.56 0.98 -14.76
N ASN A 21 3.38 2.32 -14.70
CA ASN A 21 4.32 3.23 -14.09
C ASN A 21 3.85 3.60 -12.72
N SER A 22 2.56 3.92 -12.62
CA SER A 22 1.93 4.31 -11.39
C SER A 22 1.05 3.18 -10.94
N HIS A 23 0.76 3.19 -9.63
CA HIS A 23 -0.18 2.27 -9.03
C HIS A 23 -1.02 3.12 -8.10
N PRO A 24 -2.09 3.77 -8.58
CA PRO A 24 -2.87 4.68 -7.78
C PRO A 24 -3.87 3.91 -6.94
N ILE A 25 -3.56 3.66 -5.65
CA ILE A 25 -4.36 2.82 -4.80
C ILE A 25 -5.27 3.66 -3.95
N GLN A 26 -6.17 2.99 -3.21
CA GLN A 26 -6.89 3.59 -2.11
C GLN A 26 -7.20 2.47 -1.17
N TRP A 27 -7.52 2.82 0.10
CA TRP A 27 -7.80 1.89 1.14
C TRP A 27 -8.95 2.44 1.92
N ASN A 28 -9.61 1.57 2.71
CA ASN A 28 -10.74 1.97 3.52
C ASN A 28 -10.45 1.53 4.91
N ALA A 29 -10.50 2.49 5.83
CA ALA A 29 -10.06 2.36 7.19
C ALA A 29 -11.29 2.27 8.07
N PRO A 30 -11.12 2.01 9.37
CA PRO A 30 -12.21 2.03 10.35
C PRO A 30 -12.82 3.40 10.49
N GLN A 31 -14.12 3.45 10.84
CA GLN A 31 -14.90 4.68 10.93
C GLN A 31 -14.67 5.40 12.24
N PRO A 32 -14.56 4.82 13.45
CA PRO A 32 -14.29 5.58 14.66
C PRO A 32 -12.87 6.12 14.73
N SER A 33 -12.01 5.80 13.74
CA SER A 33 -10.63 6.20 13.64
C SER A 33 -9.82 5.46 14.68
N HIS A 34 -9.52 4.19 14.38
CA HIS A 34 -8.72 3.31 15.20
C HIS A 34 -7.29 3.47 14.82
N ILE A 35 -7.05 3.80 13.52
CA ILE A 35 -5.77 3.84 12.88
C ILE A 35 -5.48 5.29 12.67
N SER A 36 -4.18 5.68 12.76
CA SER A 36 -3.72 7.02 12.52
C SER A 36 -3.13 6.96 11.15
N LYS A 37 -1.83 6.62 11.08
CA LYS A 37 -0.98 6.82 9.94
C LYS A 37 -1.07 5.61 9.06
N TYR A 38 -0.55 5.73 7.82
CA TYR A 38 -0.40 4.59 6.96
C TYR A 38 0.99 4.67 6.43
N ILE A 39 1.66 3.51 6.28
CA ILE A 39 2.93 3.37 5.61
C ILE A 39 2.57 2.43 4.51
N LEU A 40 3.05 2.70 3.29
CA LEU A 40 3.02 1.73 2.22
C LEU A 40 4.43 1.37 2.04
N ARG A 41 4.68 0.06 1.96
CA ARG A 41 5.97 -0.43 1.57
C ARG A 41 5.74 -1.48 0.55
N TRP A 42 6.73 -1.66 -0.33
CA TRP A 42 6.58 -2.52 -1.49
C TRP A 42 7.95 -2.99 -1.89
N ARG A 43 8.01 -4.19 -2.52
CA ARG A 43 9.20 -4.65 -3.20
C ARG A 43 8.75 -5.64 -4.22
N PRO A 44 9.46 -5.87 -5.32
CA PRO A 44 9.03 -6.79 -6.35
C PRO A 44 9.29 -8.19 -5.89
N LYS A 45 8.55 -9.18 -6.46
CA LYS A 45 8.74 -10.59 -6.23
C LYS A 45 10.02 -11.07 -6.86
N ASN A 46 11.16 -10.84 -6.18
CA ASN A 46 12.48 -11.20 -6.63
C ASN A 46 13.23 -11.39 -5.35
N SER A 47 13.72 -10.27 -4.77
CA SER A 47 14.51 -10.26 -3.56
C SER A 47 13.59 -10.08 -2.39
N VAL A 48 14.12 -10.35 -1.18
CA VAL A 48 13.43 -10.19 0.08
C VAL A 48 14.40 -9.49 1.01
N GLY A 49 15.35 -8.71 0.45
CA GLY A 49 16.40 -8.07 1.20
C GLY A 49 15.95 -6.71 1.64
N ARG A 50 16.27 -5.67 0.83
CA ARG A 50 15.90 -4.30 1.08
C ARG A 50 14.64 -4.02 0.33
N TRP A 51 13.97 -2.89 0.66
CA TRP A 51 12.73 -2.53 0.03
C TRP A 51 12.48 -1.07 0.17
N LYS A 52 11.40 -0.60 -0.51
CA LYS A 52 11.06 0.80 -0.57
C LYS A 52 9.88 1.01 0.31
N GLU A 53 9.73 2.25 0.80
CA GLU A 53 8.57 2.63 1.56
C GLU A 53 8.32 4.08 1.38
N ALA A 54 7.07 4.49 1.70
CA ALA A 54 6.64 5.86 1.80
C ALA A 54 5.75 5.92 3.00
N THR A 55 5.52 7.14 3.54
CA THR A 55 4.66 7.37 4.67
C THR A 55 3.59 8.31 4.20
N ILE A 56 2.32 7.90 4.40
CA ILE A 56 1.14 8.61 3.95
C ILE A 56 0.48 9.12 5.22
N PRO A 57 0.05 10.39 5.30
CA PRO A 57 -0.65 10.92 6.45
C PRO A 57 -1.98 10.25 6.70
N GLY A 58 -2.55 10.46 7.91
CA GLY A 58 -3.75 9.80 8.35
C GLY A 58 -5.01 10.34 7.74
N HIS A 59 -4.96 11.57 7.18
CA HIS A 59 -6.10 12.21 6.58
C HIS A 59 -6.25 11.74 5.14
N LEU A 60 -5.12 11.37 4.50
CA LEU A 60 -5.13 10.86 3.15
C LEU A 60 -5.31 9.36 3.23
N ASN A 61 -6.26 8.84 2.43
CA ASN A 61 -6.65 7.45 2.44
C ASN A 61 -6.38 6.82 1.11
N SER A 62 -5.60 7.52 0.25
CA SER A 62 -5.28 7.06 -1.08
C SER A 62 -3.82 7.33 -1.31
N TYR A 63 -3.23 6.64 -2.32
CA TYR A 63 -1.84 6.90 -2.64
C TYR A 63 -1.64 6.71 -4.12
N THR A 64 -0.38 6.93 -4.57
CA THR A 64 0.10 6.69 -5.89
C THR A 64 1.52 6.24 -5.69
N ILE A 65 1.79 4.94 -6.01
CA ILE A 65 3.12 4.39 -5.98
C ILE A 65 3.64 4.51 -7.39
N LYS A 66 4.42 5.58 -7.67
CA LYS A 66 4.93 5.84 -8.99
C LYS A 66 6.38 5.46 -9.06
N GLY A 67 6.87 5.26 -10.31
CA GLY A 67 8.23 4.91 -10.59
C GLY A 67 8.38 3.42 -10.55
N LEU A 68 7.50 2.73 -11.30
CA LEU A 68 7.44 1.29 -11.35
C LEU A 68 7.67 0.88 -12.77
N LYS A 69 7.83 -0.45 -13.00
CA LYS A 69 8.22 -1.03 -14.25
C LYS A 69 7.02 -1.70 -14.85
N PRO A 70 6.90 -1.91 -16.16
CA PRO A 70 5.78 -2.60 -16.77
C PRO A 70 5.90 -4.08 -16.55
N GLY A 71 4.72 -4.77 -16.51
CA GLY A 71 4.55 -6.20 -16.51
C GLY A 71 5.27 -6.95 -15.45
N VAL A 72 5.36 -6.37 -14.22
CA VAL A 72 6.05 -6.96 -13.11
C VAL A 72 5.09 -7.08 -11.96
N VAL A 73 5.23 -8.17 -11.18
CA VAL A 73 4.40 -8.47 -10.05
C VAL A 73 5.15 -8.04 -8.81
N TYR A 74 4.46 -7.23 -7.95
CA TYR A 74 4.99 -6.71 -6.72
C TYR A 74 4.27 -7.35 -5.58
N GLU A 75 4.98 -7.45 -4.44
CA GLU A 75 4.43 -7.64 -3.12
C GLU A 75 4.27 -6.25 -2.58
N GLY A 76 3.13 -5.96 -1.92
CA GLY A 76 2.95 -4.70 -1.25
C GLY A 76 2.35 -4.95 0.08
N GLN A 77 2.55 -3.99 1.01
CA GLN A 77 2.03 -4.07 2.35
C GLN A 77 1.68 -2.69 2.73
N LEU A 78 0.52 -2.55 3.40
CA LEU A 78 0.01 -1.30 3.90
C LEU A 78 0.01 -1.49 5.39
N ILE A 79 1.06 -0.98 6.07
CA ILE A 79 1.24 -1.10 7.49
C ILE A 79 0.55 0.10 8.08
N SER A 80 -0.33 -0.11 9.07
CA SER A 80 -1.20 0.90 9.61
C SER A 80 -0.87 1.07 11.08
N ILE A 81 -0.43 2.31 11.44
CA ILE A 81 0.06 2.60 12.76
C ILE A 81 -1.12 3.12 13.51
N GLN A 82 -1.33 2.58 14.73
CA GLN A 82 -2.37 2.98 15.64
C GLN A 82 -1.74 3.99 16.53
N GLN A 83 -2.51 5.04 16.92
CA GLN A 83 -2.02 6.17 17.65
C GLN A 83 -1.64 5.80 19.05
N TYR A 84 -0.31 5.87 19.33
CA TYR A 84 0.34 5.55 20.58
C TYR A 84 0.03 4.15 21.04
N GLY A 85 0.11 3.17 20.10
CA GLY A 85 -0.21 1.81 20.45
C GLY A 85 0.46 0.89 19.50
N HIS A 86 -0.36 0.10 18.78
CA HIS A 86 0.05 -1.04 18.00
C HIS A 86 0.56 -0.63 16.65
N GLN A 87 1.03 -1.64 15.89
CA GLN A 87 1.40 -1.50 14.51
C GLN A 87 0.84 -2.75 13.88
N GLU A 88 -0.12 -2.55 12.96
CA GLU A 88 -0.89 -3.58 12.29
C GLU A 88 -0.34 -3.66 10.89
N VAL A 89 -0.36 -4.86 10.29
CA VAL A 89 0.10 -5.07 8.92
C VAL A 89 -1.06 -5.59 8.12
N THR A 90 -1.24 -4.99 6.91
CA THR A 90 -2.12 -5.47 5.87
C THR A 90 -1.15 -5.93 4.80
N ARG A 91 -1.41 -7.08 4.16
CA ARG A 91 -0.53 -7.58 3.12
C ARG A 91 -1.35 -7.98 1.92
N PHE A 92 -0.74 -7.86 0.73
CA PHE A 92 -1.40 -8.10 -0.53
C PHE A 92 -0.35 -8.27 -1.58
N ASP A 93 -0.80 -8.62 -2.81
CA ASP A 93 0.02 -8.70 -3.99
C ASP A 93 -0.70 -7.83 -4.99
N PHE A 94 0.06 -7.14 -5.88
CA PHE A 94 -0.52 -6.48 -7.03
C PHE A 94 0.40 -6.70 -8.17
N THR A 95 -0.11 -6.37 -9.37
CA THR A 95 0.63 -6.45 -10.61
C THR A 95 0.42 -5.11 -11.26
N THR A 96 1.48 -4.59 -11.91
CA THR A 96 1.43 -3.43 -12.76
C THR A 96 1.68 -3.97 -14.14
N THR A 97 0.90 -3.50 -15.14
CA THR A 97 0.98 -4.03 -16.47
C THR A 97 0.71 -2.87 -17.41
N SER A 98 1.20 -3.00 -18.66
CA SER A 98 1.07 -1.98 -19.67
C SER A 98 -0.30 -2.14 -20.35
N SER A 6 -6.10 -1.67 14.50
CA SER A 6 -7.47 -2.24 14.55
C SER A 6 -7.44 -3.62 13.98
N GLY A 7 -7.55 -3.74 12.63
CA GLY A 7 -7.49 -5.02 11.97
C GLY A 7 -7.17 -4.74 10.53
N PRO A 8 -7.06 -5.77 9.68
CA PRO A 8 -6.62 -5.63 8.31
C PRO A 8 -7.54 -4.75 7.51
N VAL A 9 -6.89 -3.87 6.74
CA VAL A 9 -7.49 -2.84 5.95
C VAL A 9 -7.87 -3.47 4.65
N GLU A 10 -8.87 -2.88 3.96
CA GLU A 10 -9.37 -3.35 2.70
C GLU A 10 -8.83 -2.41 1.68
N VAL A 11 -7.79 -2.87 0.97
CA VAL A 11 -6.99 -2.06 0.08
C VAL A 11 -7.01 -2.78 -1.25
N PHE A 12 -7.09 -1.97 -2.33
CA PHE A 12 -7.48 -2.45 -3.63
C PHE A 12 -7.01 -1.45 -4.64
N ILE A 13 -7.11 -1.83 -5.94
CA ILE A 13 -7.12 -0.96 -7.05
C ILE A 13 -8.40 -1.31 -7.75
N THR A 14 -9.18 -0.28 -8.14
CA THR A 14 -10.44 -0.48 -8.81
C THR A 14 -10.43 0.44 -10.01
N GLU A 15 -10.64 -0.17 -11.20
CA GLU A 15 -10.76 0.47 -12.49
C GLU A 15 -9.44 1.08 -12.91
N THR A 16 -8.37 0.27 -12.81
CA THR A 16 -7.05 0.61 -13.32
C THR A 16 -6.88 -0.19 -14.59
N PRO A 17 -6.99 0.36 -15.80
CA PRO A 17 -6.92 -0.42 -17.03
C PRO A 17 -5.48 -0.81 -17.33
N SER A 18 -4.62 0.18 -17.68
CA SER A 18 -3.25 -0.05 -17.99
C SER A 18 -2.50 1.09 -17.40
N GLN A 19 -1.77 0.80 -16.31
CA GLN A 19 -0.96 1.76 -15.61
C GLN A 19 0.44 1.17 -15.68
N PRO A 20 1.38 1.66 -16.49
CA PRO A 20 2.61 0.94 -16.76
C PRO A 20 3.63 1.21 -15.68
N ASN A 21 3.54 2.37 -15.00
CA ASN A 21 4.56 2.87 -14.12
C ASN A 21 3.92 3.37 -12.87
N SER A 22 2.63 3.75 -12.91
CA SER A 22 1.94 4.19 -11.72
C SER A 22 1.17 3.01 -11.19
N HIS A 23 0.88 3.07 -9.88
CA HIS A 23 -0.06 2.17 -9.26
C HIS A 23 -0.86 3.00 -8.27
N PRO A 24 -1.94 3.67 -8.70
CA PRO A 24 -2.72 4.55 -7.85
C PRO A 24 -3.70 3.77 -7.03
N ILE A 25 -3.39 3.50 -5.73
CA ILE A 25 -4.19 2.65 -4.90
C ILE A 25 -5.17 3.46 -4.11
N GLN A 26 -6.17 2.78 -3.49
CA GLN A 26 -7.03 3.37 -2.51
C GLN A 26 -7.27 2.29 -1.50
N TRP A 27 -7.45 2.68 -0.22
CA TRP A 27 -7.77 1.78 0.85
C TRP A 27 -8.94 2.38 1.56
N ASN A 28 -9.68 1.53 2.31
CA ASN A 28 -10.73 2.00 3.19
C ASN A 28 -10.46 1.35 4.50
N ALA A 29 -10.51 2.17 5.56
CA ALA A 29 -10.03 1.86 6.87
C ALA A 29 -11.07 1.12 7.67
N PRO A 30 -10.70 0.47 8.77
CA PRO A 30 -11.64 -0.08 9.75
C PRO A 30 -12.42 0.99 10.48
N GLN A 31 -13.30 0.58 11.41
CA GLN A 31 -14.19 1.47 12.12
C GLN A 31 -13.47 2.18 13.25
N PRO A 32 -12.73 1.59 14.21
CA PRO A 32 -12.20 2.33 15.35
C PRO A 32 -11.12 3.31 14.94
N SER A 33 -11.04 4.46 15.64
CA SER A 33 -10.10 5.52 15.35
C SER A 33 -8.93 5.37 16.29
N HIS A 34 -8.29 4.19 16.23
CA HIS A 34 -7.10 3.86 16.98
C HIS A 34 -5.99 3.62 15.98
N ILE A 35 -6.32 3.79 14.68
CA ILE A 35 -5.37 3.81 13.60
C ILE A 35 -5.18 5.25 13.27
N SER A 36 -3.90 5.68 13.16
CA SER A 36 -3.53 7.03 12.84
C SER A 36 -2.95 7.01 11.46
N LYS A 37 -1.65 6.69 11.36
CA LYS A 37 -0.86 6.90 10.16
C LYS A 37 -0.95 5.67 9.32
N TYR A 38 -0.40 5.77 8.09
CA TYR A 38 -0.20 4.61 7.26
C TYR A 38 1.23 4.68 6.81
N ILE A 39 1.85 3.50 6.64
CA ILE A 39 3.10 3.34 5.94
C ILE A 39 2.70 2.41 4.85
N LEU A 40 3.09 2.75 3.60
CA LEU A 40 2.95 1.87 2.47
C LEU A 40 4.33 1.48 2.12
N ARG A 41 4.54 0.18 1.93
CA ARG A 41 5.77 -0.31 1.38
C ARG A 41 5.42 -1.24 0.26
N TRP A 42 6.40 -1.44 -0.64
CA TRP A 42 6.23 -2.26 -1.80
C TRP A 42 7.60 -2.75 -2.19
N ARG A 43 7.68 -4.02 -2.63
CA ARG A 43 8.89 -4.68 -3.05
C ARG A 43 8.52 -5.45 -4.29
N PRO A 44 9.33 -5.59 -5.34
CA PRO A 44 9.07 -6.51 -6.42
C PRO A 44 9.12 -7.93 -5.92
N LYS A 45 7.98 -8.66 -5.98
CA LYS A 45 7.85 -10.04 -5.54
C LYS A 45 8.57 -10.96 -6.50
N ASN A 46 9.89 -11.09 -6.27
CA ASN A 46 10.80 -11.84 -7.09
C ASN A 46 11.84 -12.28 -6.10
N SER A 47 12.63 -11.30 -5.59
CA SER A 47 13.62 -11.49 -4.58
C SER A 47 13.10 -10.83 -3.33
N VAL A 48 13.85 -10.99 -2.21
CA VAL A 48 13.58 -10.36 -0.93
C VAL A 48 14.73 -9.43 -0.66
N GLY A 49 15.04 -8.57 -1.66
CA GLY A 49 16.17 -7.66 -1.62
C GLY A 49 15.73 -6.33 -1.12
N ARG A 50 16.21 -5.24 -1.78
CA ARG A 50 15.96 -3.88 -1.39
C ARG A 50 14.60 -3.48 -1.89
N TRP A 51 13.99 -2.48 -1.21
CA TRP A 51 12.61 -2.15 -1.44
C TRP A 51 12.35 -0.75 -0.98
N LYS A 52 11.15 -0.24 -1.35
CA LYS A 52 10.78 1.14 -1.19
C LYS A 52 9.68 1.21 -0.18
N GLU A 53 9.55 2.38 0.45
CA GLU A 53 8.44 2.68 1.32
C GLU A 53 8.21 4.17 1.28
N ALA A 54 6.99 4.57 1.71
CA ALA A 54 6.61 5.94 1.93
C ALA A 54 5.80 5.93 3.18
N THR A 55 5.59 7.14 3.78
CA THR A 55 4.76 7.30 4.95
C THR A 55 3.66 8.22 4.50
N ILE A 56 2.40 7.75 4.64
CA ILE A 56 1.23 8.43 4.17
C ILE A 56 0.58 9.05 5.39
N PRO A 57 0.08 10.28 5.36
CA PRO A 57 -0.72 10.85 6.43
C PRO A 57 -2.03 10.12 6.63
N GLY A 58 -2.64 10.30 7.83
CA GLY A 58 -3.80 9.56 8.25
C GLY A 58 -5.08 10.04 7.62
N HIS A 59 -5.09 11.28 7.09
CA HIS A 59 -6.25 11.87 6.48
C HIS A 59 -6.37 11.43 5.04
N LEU A 60 -5.23 11.05 4.41
CA LEU A 60 -5.21 10.56 3.07
C LEU A 60 -5.42 9.07 3.11
N ASN A 61 -6.38 8.60 2.29
CA ASN A 61 -6.83 7.22 2.26
C ASN A 61 -6.52 6.63 0.91
N SER A 62 -5.72 7.35 0.09
CA SER A 62 -5.36 6.91 -1.23
C SER A 62 -3.93 7.30 -1.43
N TYR A 63 -3.22 6.57 -2.32
CA TYR A 63 -1.84 6.86 -2.63
C TYR A 63 -1.66 6.74 -4.12
N THR A 64 -0.48 7.18 -4.58
CA THR A 64 0.00 7.03 -5.92
C THR A 64 1.42 6.55 -5.77
N ILE A 65 1.66 5.28 -6.14
CA ILE A 65 2.98 4.70 -6.22
C ILE A 65 3.42 5.01 -7.62
N LYS A 66 4.72 5.30 -7.83
CA LYS A 66 5.24 5.53 -9.15
C LYS A 66 6.64 4.97 -9.21
N GLY A 67 7.15 4.83 -10.46
CA GLY A 67 8.49 4.43 -10.76
C GLY A 67 8.55 2.94 -10.85
N LEU A 68 7.59 2.36 -11.60
CA LEU A 68 7.38 0.93 -11.61
C LEU A 68 7.56 0.46 -13.03
N LYS A 69 7.58 -0.87 -13.22
CA LYS A 69 7.86 -1.50 -14.48
C LYS A 69 6.61 -2.19 -14.93
N PRO A 70 6.38 -2.34 -16.24
CA PRO A 70 5.34 -3.20 -16.77
C PRO A 70 5.63 -4.66 -16.53
N GLY A 71 4.55 -5.48 -16.47
CA GLY A 71 4.55 -6.92 -16.45
C GLY A 71 5.29 -7.56 -15.32
N VAL A 72 5.36 -6.90 -14.15
CA VAL A 72 6.03 -7.43 -13.00
C VAL A 72 5.07 -7.40 -11.83
N VAL A 73 5.15 -8.47 -11.00
CA VAL A 73 4.31 -8.65 -9.83
C VAL A 73 5.06 -8.11 -8.64
N TYR A 74 4.36 -7.28 -7.83
CA TYR A 74 4.87 -6.70 -6.62
C TYR A 74 4.15 -7.31 -5.46
N GLU A 75 4.84 -7.30 -4.30
CA GLU A 75 4.30 -7.52 -2.98
C GLU A 75 4.10 -6.14 -2.45
N GLY A 76 2.93 -5.84 -1.86
CA GLY A 76 2.69 -4.57 -1.24
C GLY A 76 2.15 -4.83 0.13
N GLN A 77 2.45 -3.91 1.07
CA GLN A 77 1.96 -4.03 2.42
C GLN A 77 1.63 -2.65 2.87
N LEU A 78 0.47 -2.54 3.54
CA LEU A 78 -0.06 -1.31 4.05
C LEU A 78 -0.12 -1.52 5.54
N ILE A 79 0.91 -1.02 6.26
CA ILE A 79 1.01 -1.14 7.70
C ILE A 79 0.37 0.11 8.24
N SER A 80 -0.57 -0.04 9.18
CA SER A 80 -1.34 1.04 9.74
C SER A 80 -0.88 1.23 11.14
N ILE A 81 -0.30 2.42 11.48
CA ILE A 81 0.36 2.61 12.75
C ILE A 81 -0.74 3.06 13.66
N GLN A 82 -0.78 2.41 14.85
CA GLN A 82 -1.79 2.63 15.85
C GLN A 82 -1.21 3.60 16.84
N GLN A 83 -2.12 4.29 17.57
CA GLN A 83 -1.78 5.43 18.39
C GLN A 83 -0.97 5.03 19.60
N TYR A 84 0.26 5.59 19.65
CA TYR A 84 1.18 5.56 20.77
C TYR A 84 1.59 4.16 21.15
N GLY A 85 1.75 3.24 20.16
CA GLY A 85 2.20 1.93 20.51
C GLY A 85 2.31 1.04 19.31
N HIS A 86 1.21 0.30 19.04
CA HIS A 86 1.20 -0.84 18.16
C HIS A 86 1.16 -0.43 16.71
N GLN A 87 1.13 -1.44 15.84
CA GLN A 87 0.89 -1.27 14.43
C GLN A 87 0.27 -2.55 13.93
N GLU A 88 -0.62 -2.38 12.95
CA GLU A 88 -1.36 -3.42 12.28
C GLU A 88 -0.71 -3.59 10.95
N VAL A 89 -0.68 -4.83 10.39
CA VAL A 89 -0.12 -5.08 9.08
C VAL A 89 -1.23 -5.62 8.23
N THR A 90 -1.37 -5.04 7.02
CA THR A 90 -2.24 -5.51 5.97
C THR A 90 -1.27 -5.95 4.90
N ARG A 91 -1.51 -7.10 4.23
CA ARG A 91 -0.65 -7.58 3.18
C ARG A 91 -1.47 -7.96 1.99
N PHE A 92 -0.85 -7.82 0.80
CA PHE A 92 -1.49 -8.03 -0.47
C PHE A 92 -0.40 -8.17 -1.50
N ASP A 93 -0.81 -8.41 -2.76
CA ASP A 93 0.08 -8.36 -3.90
C ASP A 93 -0.69 -7.64 -4.98
N PHE A 94 0.03 -7.06 -5.96
CA PHE A 94 -0.57 -6.44 -7.10
C PHE A 94 0.34 -6.67 -8.26
N THR A 95 -0.16 -6.32 -9.46
CA THR A 95 0.61 -6.31 -10.67
C THR A 95 0.54 -4.90 -11.19
N THR A 96 1.65 -4.45 -11.82
CA THR A 96 1.69 -3.21 -12.55
C THR A 96 2.07 -3.68 -13.93
N THR A 97 1.13 -3.52 -14.89
CA THR A 97 1.25 -4.06 -16.22
C THR A 97 0.64 -3.04 -17.14
N SER A 98 1.16 -2.98 -18.39
CA SER A 98 0.78 -2.01 -19.39
C SER A 98 -0.33 -2.60 -20.28
N SER A 6 -6.24 -1.50 14.81
CA SER A 6 -7.51 -2.25 14.75
C SER A 6 -7.24 -3.59 14.13
N GLY A 7 -7.50 -3.73 12.82
CA GLY A 7 -7.29 -4.96 12.10
C GLY A 7 -7.02 -4.57 10.68
N PRO A 8 -6.92 -5.52 9.75
CA PRO A 8 -6.53 -5.27 8.38
C PRO A 8 -7.47 -4.35 7.67
N VAL A 9 -6.87 -3.40 6.95
CA VAL A 9 -7.50 -2.33 6.23
C VAL A 9 -8.04 -2.94 4.96
N GLU A 10 -9.09 -2.32 4.39
CA GLU A 10 -9.79 -2.82 3.23
C GLU A 10 -9.23 -2.12 2.03
N VAL A 11 -8.20 -2.75 1.46
CA VAL A 11 -7.33 -2.18 0.48
C VAL A 11 -7.54 -2.93 -0.80
N PHE A 12 -7.68 -2.17 -1.90
CA PHE A 12 -8.03 -2.69 -3.19
C PHE A 12 -7.09 -2.04 -4.16
N ILE A 13 -7.15 -2.50 -5.43
CA ILE A 13 -6.43 -1.94 -6.55
C ILE A 13 -7.47 -1.07 -7.22
N THR A 14 -7.06 0.12 -7.72
CA THR A 14 -7.89 0.93 -8.57
C THR A 14 -7.17 0.90 -9.89
N GLU A 15 -7.94 0.70 -10.99
CA GLU A 15 -7.41 0.51 -12.31
C GLU A 15 -7.96 1.66 -13.09
N THR A 16 -7.77 2.87 -12.53
CA THR A 16 -8.11 4.14 -13.10
C THR A 16 -6.95 4.49 -14.03
N PRO A 17 -7.11 5.25 -15.13
CA PRO A 17 -6.04 5.44 -16.10
C PRO A 17 -4.86 6.19 -15.54
N SER A 18 -3.68 5.53 -15.51
CA SER A 18 -2.46 6.08 -15.05
C SER A 18 -1.47 5.25 -15.81
N GLN A 19 -0.21 5.41 -15.41
CA GLN A 19 0.97 4.83 -16.01
C GLN A 19 1.15 3.41 -15.50
N PRO A 20 1.93 2.54 -16.15
CA PRO A 20 2.40 1.28 -15.59
C PRO A 20 3.59 1.53 -14.69
N ASN A 21 4.04 2.80 -14.61
CA ASN A 21 5.05 3.28 -13.71
C ASN A 21 4.36 3.70 -12.44
N SER A 22 3.02 3.86 -12.45
CA SER A 22 2.28 4.18 -11.26
C SER A 22 1.41 3.01 -10.90
N HIS A 23 1.18 2.88 -9.59
CA HIS A 23 0.16 2.01 -9.03
C HIS A 23 -0.69 2.91 -8.18
N PRO A 24 -1.85 3.39 -8.64
CA PRO A 24 -2.81 4.09 -7.81
C PRO A 24 -3.51 3.08 -6.94
N ILE A 25 -3.32 3.18 -5.60
CA ILE A 25 -3.84 2.33 -4.61
C ILE A 25 -4.88 3.14 -3.88
N GLN A 26 -5.94 2.48 -3.37
CA GLN A 26 -6.89 3.09 -2.50
C GLN A 26 -7.10 2.09 -1.41
N TRP A 27 -7.32 2.58 -0.17
CA TRP A 27 -7.64 1.73 0.96
C TRP A 27 -8.77 2.42 1.66
N ASN A 28 -9.45 1.70 2.58
CA ASN A 28 -10.57 2.25 3.31
C ASN A 28 -10.44 1.74 4.70
N ALA A 29 -10.57 2.66 5.67
CA ALA A 29 -10.17 2.47 7.03
C ALA A 29 -11.35 2.07 7.87
N PRO A 30 -11.14 1.63 9.12
CA PRO A 30 -12.17 1.48 10.12
C PRO A 30 -12.76 2.81 10.53
N GLN A 31 -13.90 2.80 11.25
CA GLN A 31 -14.63 3.98 11.63
C GLN A 31 -14.02 4.63 12.87
N PRO A 32 -13.75 4.02 14.03
CA PRO A 32 -13.31 4.75 15.22
C PRO A 32 -11.90 5.25 15.09
N SER A 33 -11.48 6.19 15.98
CA SER A 33 -10.12 6.66 16.06
C SER A 33 -9.33 5.60 16.79
N HIS A 34 -8.33 5.05 16.09
CA HIS A 34 -7.71 3.81 16.49
C HIS A 34 -6.50 3.63 15.64
N ILE A 35 -6.66 3.87 14.33
CA ILE A 35 -5.62 3.83 13.32
C ILE A 35 -5.47 5.26 12.89
N SER A 36 -4.20 5.70 12.73
CA SER A 36 -3.85 7.02 12.31
C SER A 36 -3.22 6.89 10.96
N LYS A 37 -1.90 6.65 10.95
CA LYS A 37 -1.01 6.90 9.84
C LYS A 37 -0.98 5.68 8.99
N TYR A 38 -0.49 5.79 7.73
CA TYR A 38 -0.34 4.64 6.88
C TYR A 38 1.07 4.70 6.38
N ILE A 39 1.73 3.53 6.32
CA ILE A 39 3.01 3.36 5.69
C ILE A 39 2.70 2.35 4.63
N LEU A 40 3.13 2.62 3.39
CA LEU A 40 3.05 1.68 2.32
C LEU A 40 4.45 1.29 2.04
N ARG A 41 4.67 -0.02 1.87
CA ARG A 41 5.89 -0.52 1.35
C ARG A 41 5.55 -1.49 0.27
N TRP A 42 6.51 -1.69 -0.65
CA TRP A 42 6.32 -2.52 -1.80
C TRP A 42 7.68 -3.01 -2.21
N ARG A 43 7.73 -4.26 -2.72
CA ARG A 43 8.94 -4.89 -3.18
C ARG A 43 8.56 -5.59 -4.45
N PRO A 44 9.35 -5.62 -5.52
CA PRO A 44 9.01 -6.39 -6.71
C PRO A 44 9.21 -7.86 -6.42
N LYS A 45 8.10 -8.63 -6.45
CA LYS A 45 8.02 -10.04 -6.13
C LYS A 45 8.70 -10.88 -7.18
N ASN A 46 10.04 -10.97 -7.05
CA ASN A 46 10.90 -11.79 -7.87
C ASN A 46 12.18 -11.84 -7.11
N SER A 47 12.68 -10.65 -6.69
CA SER A 47 13.87 -10.50 -5.90
C SER A 47 13.48 -10.36 -4.46
N VAL A 48 14.47 -10.54 -3.56
CA VAL A 48 14.31 -10.39 -2.13
C VAL A 48 15.37 -9.41 -1.70
N GLY A 49 15.51 -8.30 -2.47
CA GLY A 49 16.54 -7.30 -2.27
C GLY A 49 16.00 -6.19 -1.41
N ARG A 50 16.59 -4.98 -1.57
CA ARG A 50 16.22 -3.80 -0.82
C ARG A 50 14.96 -3.24 -1.41
N TRP A 51 13.94 -3.04 -0.55
CA TRP A 51 12.62 -2.65 -0.96
C TRP A 51 12.39 -1.20 -0.64
N LYS A 52 11.23 -0.68 -1.12
CA LYS A 52 10.91 0.73 -1.10
C LYS A 52 9.78 0.91 -0.14
N GLU A 53 9.66 2.14 0.38
CA GLU A 53 8.53 2.52 1.22
C GLU A 53 8.29 4.00 1.06
N ALA A 54 7.05 4.41 1.41
CA ALA A 54 6.65 5.79 1.53
C ALA A 54 5.81 5.85 2.77
N THR A 55 5.58 7.08 3.30
CA THR A 55 4.77 7.31 4.47
C THR A 55 3.71 8.29 4.04
N ILE A 56 2.44 7.94 4.31
CA ILE A 56 1.28 8.65 3.85
C ILE A 56 0.58 9.14 5.11
N PRO A 57 0.11 10.39 5.18
CA PRO A 57 -0.64 10.90 6.33
C PRO A 57 -1.94 10.18 6.58
N GLY A 58 -2.54 10.40 7.77
CA GLY A 58 -3.69 9.67 8.22
C GLY A 58 -4.99 10.19 7.65
N HIS A 59 -4.98 11.42 7.08
CA HIS A 59 -6.16 12.01 6.49
C HIS A 59 -6.33 11.54 5.08
N LEU A 60 -5.20 11.14 4.42
CA LEU A 60 -5.22 10.60 3.08
C LEU A 60 -5.43 9.12 3.19
N ASN A 61 -6.39 8.62 2.38
CA ASN A 61 -6.83 7.25 2.40
C ASN A 61 -6.45 6.58 1.11
N SER A 62 -5.65 7.27 0.27
CA SER A 62 -5.26 6.77 -1.02
C SER A 62 -3.87 7.28 -1.26
N TYR A 63 -3.15 6.63 -2.21
CA TYR A 63 -1.82 7.05 -2.56
C TYR A 63 -1.60 6.74 -4.00
N THR A 64 -0.58 7.43 -4.56
CA THR A 64 -0.04 7.14 -5.86
C THR A 64 1.37 6.70 -5.59
N ILE A 65 1.62 5.39 -5.79
CA ILE A 65 2.94 4.81 -5.78
C ILE A 65 3.44 5.08 -7.18
N LYS A 66 4.72 5.50 -7.32
CA LYS A 66 5.25 5.83 -8.61
C LYS A 66 6.71 5.48 -8.63
N GLY A 67 7.25 5.35 -9.87
CA GLY A 67 8.62 5.03 -10.13
C GLY A 67 8.75 3.54 -10.21
N LEU A 68 7.92 2.92 -11.05
CA LEU A 68 7.80 1.47 -11.11
C LEU A 68 8.15 1.06 -12.51
N LYS A 69 8.29 -0.26 -12.71
CA LYS A 69 8.62 -0.86 -13.98
C LYS A 69 7.33 -1.39 -14.56
N PRO A 70 7.18 -1.53 -15.87
CA PRO A 70 6.00 -2.14 -16.47
C PRO A 70 6.07 -3.64 -16.35
N GLY A 71 4.90 -4.31 -16.41
CA GLY A 71 4.72 -5.73 -16.53
C GLY A 71 5.35 -6.57 -15.46
N VAL A 72 5.41 -6.06 -14.22
CA VAL A 72 6.04 -6.73 -13.11
C VAL A 72 5.08 -6.74 -11.96
N VAL A 73 5.11 -7.86 -11.18
CA VAL A 73 4.28 -8.08 -10.04
C VAL A 73 5.07 -7.67 -8.82
N TYR A 74 4.40 -6.93 -7.91
CA TYR A 74 4.95 -6.47 -6.66
C TYR A 74 4.19 -7.17 -5.57
N GLU A 75 4.86 -7.39 -4.42
CA GLU A 75 4.20 -7.68 -3.17
C GLU A 75 4.09 -6.35 -2.49
N GLY A 76 3.00 -6.13 -1.74
CA GLY A 76 2.78 -4.86 -1.10
C GLY A 76 2.25 -5.10 0.27
N GLN A 77 2.59 -4.17 1.19
CA GLN A 77 2.11 -4.23 2.54
C GLN A 77 1.76 -2.84 2.90
N LEU A 78 0.61 -2.69 3.55
CA LEU A 78 0.07 -1.44 4.01
C LEU A 78 0.03 -1.60 5.50
N ILE A 79 1.03 -1.05 6.22
CA ILE A 79 1.08 -1.08 7.65
C ILE A 79 0.35 0.15 8.10
N SER A 80 -0.64 -0.01 8.99
CA SER A 80 -1.49 1.04 9.47
C SER A 80 -1.14 1.24 10.92
N ILE A 81 -0.61 2.45 11.25
CA ILE A 81 0.01 2.70 12.53
C ILE A 81 -1.07 3.20 13.42
N GLN A 82 -1.02 2.69 14.66
CA GLN A 82 -2.04 2.91 15.66
C GLN A 82 -1.52 3.97 16.59
N GLN A 83 -2.47 4.70 17.23
CA GLN A 83 -2.22 5.93 17.94
C GLN A 83 -1.42 5.72 19.18
N TYR A 84 -0.10 6.04 19.09
CA TYR A 84 0.91 5.94 20.11
C TYR A 84 0.96 4.56 20.74
N GLY A 85 0.81 3.52 19.88
CA GLY A 85 0.73 2.17 20.38
C GLY A 85 1.30 1.25 19.36
N HIS A 86 0.44 0.33 18.87
CA HIS A 86 0.83 -0.81 18.06
C HIS A 86 1.00 -0.43 16.63
N GLN A 87 1.27 -1.46 15.81
CA GLN A 87 1.31 -1.39 14.38
C GLN A 87 0.53 -2.60 13.95
N GLU A 88 -0.32 -2.40 12.92
CA GLU A 88 -1.16 -3.42 12.35
C GLU A 88 -0.72 -3.54 10.93
N VAL A 89 -0.59 -4.78 10.40
CA VAL A 89 -0.12 -5.01 9.05
C VAL A 89 -1.28 -5.54 8.25
N THR A 90 -1.38 -5.05 6.99
CA THR A 90 -2.33 -5.50 6.00
C THR A 90 -1.43 -5.96 4.89
N ARG A 91 -1.68 -7.16 4.28
CA ARG A 91 -0.82 -7.69 3.25
C ARG A 91 -1.62 -8.00 2.03
N PHE A 92 -0.97 -7.89 0.85
CA PHE A 92 -1.58 -8.11 -0.44
C PHE A 92 -0.48 -8.24 -1.44
N ASP A 93 -0.88 -8.38 -2.72
CA ASP A 93 -0.01 -8.18 -3.86
C ASP A 93 -0.78 -7.38 -4.87
N PHE A 94 -0.04 -6.70 -5.80
CA PHE A 94 -0.61 -6.06 -6.95
C PHE A 94 0.36 -6.27 -8.05
N THR A 95 -0.04 -5.88 -9.27
CA THR A 95 0.84 -5.90 -10.40
C THR A 95 0.54 -4.66 -11.19
N THR A 96 1.55 -4.18 -11.94
CA THR A 96 1.43 -3.11 -12.88
C THR A 96 1.69 -3.78 -14.20
N THR A 97 0.81 -3.52 -15.19
CA THR A 97 0.92 -4.08 -16.52
C THR A 97 0.77 -2.92 -17.46
N SER A 98 1.50 -2.98 -18.60
CA SER A 98 1.52 -1.92 -19.58
C SER A 98 0.58 -2.30 -20.73
N SER A 6 -5.87 -2.78 15.13
CA SER A 6 -7.05 -2.72 14.23
C SER A 6 -7.23 -4.06 13.56
N GLY A 7 -7.41 -4.07 12.23
CA GLY A 7 -7.45 -5.27 11.44
C GLY A 7 -7.19 -4.85 10.03
N PRO A 8 -7.15 -5.77 9.06
CA PRO A 8 -6.73 -5.49 7.70
C PRO A 8 -7.60 -4.47 7.04
N VAL A 9 -6.92 -3.53 6.39
CA VAL A 9 -7.48 -2.37 5.72
C VAL A 9 -7.98 -2.88 4.38
N GLU A 10 -9.04 -2.24 3.85
CA GLU A 10 -9.77 -2.71 2.70
C GLU A 10 -9.31 -1.95 1.51
N VAL A 11 -8.27 -2.52 0.89
CA VAL A 11 -7.46 -1.89 -0.11
C VAL A 11 -7.86 -2.44 -1.44
N PHE A 12 -8.18 -1.52 -2.39
CA PHE A 12 -8.79 -1.84 -3.65
C PHE A 12 -7.75 -2.22 -4.66
N ILE A 13 -8.07 -3.27 -5.44
CA ILE A 13 -7.41 -3.59 -6.68
C ILE A 13 -8.60 -3.81 -7.58
N THR A 14 -9.40 -2.73 -7.76
CA THR A 14 -10.67 -2.77 -8.45
C THR A 14 -10.44 -1.97 -9.70
N GLU A 15 -10.21 -2.70 -10.83
CA GLU A 15 -9.91 -2.19 -12.14
C GLU A 15 -8.70 -1.28 -12.11
N THR A 16 -7.67 -1.70 -11.34
CA THR A 16 -6.49 -0.91 -11.10
C THR A 16 -5.42 -1.25 -12.11
N PRO A 17 -4.92 -2.47 -12.38
CA PRO A 17 -3.69 -2.68 -13.13
C PRO A 17 -3.77 -2.37 -14.62
N SER A 18 -3.54 -1.09 -15.00
CA SER A 18 -3.36 -0.70 -16.38
C SER A 18 -2.65 0.62 -16.32
N GLN A 19 -1.33 0.50 -16.15
CA GLN A 19 -0.40 1.58 -15.99
C GLN A 19 0.92 1.00 -16.44
N PRO A 20 1.92 1.79 -16.85
CA PRO A 20 3.24 1.29 -17.15
C PRO A 20 4.05 1.09 -15.90
N ASN A 21 4.11 2.12 -15.03
CA ASN A 21 5.07 2.25 -13.97
C ASN A 21 4.42 2.85 -12.77
N SER A 22 3.21 3.38 -12.88
CA SER A 22 2.53 3.99 -11.76
C SER A 22 1.58 2.97 -11.21
N HIS A 23 1.14 3.17 -9.95
CA HIS A 23 0.10 2.33 -9.38
C HIS A 23 -0.66 3.13 -8.36
N PRO A 24 -1.89 3.61 -8.61
CA PRO A 24 -2.69 4.29 -7.62
C PRO A 24 -3.27 3.29 -6.67
N ILE A 25 -3.01 3.46 -5.35
CA ILE A 25 -3.47 2.58 -4.31
C ILE A 25 -4.47 3.39 -3.53
N GLN A 26 -5.62 2.78 -3.17
CA GLN A 26 -6.65 3.45 -2.42
C GLN A 26 -7.15 2.41 -1.46
N TRP A 27 -7.56 2.83 -0.24
CA TRP A 27 -7.93 1.90 0.80
C TRP A 27 -9.02 2.50 1.63
N ASN A 28 -9.63 1.65 2.51
CA ASN A 28 -10.70 2.08 3.39
C ASN A 28 -10.37 1.61 4.77
N ALA A 29 -10.39 2.56 5.71
CA ALA A 29 -10.01 2.38 7.09
C ALA A 29 -11.23 2.02 7.90
N PRO A 30 -11.09 1.72 9.19
CA PRO A 30 -12.21 1.54 10.11
C PRO A 30 -13.04 2.79 10.26
N GLN A 31 -14.30 2.64 10.73
CA GLN A 31 -15.23 3.73 10.89
C GLN A 31 -14.99 4.48 12.18
N PRO A 32 -14.63 3.90 13.34
CA PRO A 32 -14.19 4.69 14.50
C PRO A 32 -12.85 5.34 14.30
N SER A 33 -12.13 5.01 13.19
CA SER A 33 -10.80 5.45 12.83
C SER A 33 -9.80 5.20 13.92
N HIS A 34 -9.46 3.92 14.12
CA HIS A 34 -8.58 3.44 15.16
C HIS A 34 -7.16 3.47 14.67
N ILE A 35 -6.96 3.70 13.35
CA ILE A 35 -5.67 3.75 12.70
C ILE A 35 -5.30 5.20 12.69
N SER A 36 -3.99 5.52 12.84
CA SER A 36 -3.48 6.85 12.72
C SER A 36 -2.94 6.90 11.34
N LYS A 37 -1.67 6.50 11.19
CA LYS A 37 -0.87 6.69 10.00
C LYS A 37 -1.08 5.53 9.08
N TYR A 38 -0.64 5.68 7.81
CA TYR A 38 -0.48 4.55 6.91
C TYR A 38 0.93 4.65 6.44
N ILE A 39 1.58 3.50 6.29
CA ILE A 39 2.85 3.35 5.63
C ILE A 39 2.49 2.41 4.52
N LEU A 40 2.92 2.74 3.29
CA LEU A 40 2.88 1.80 2.20
C LEU A 40 4.30 1.43 2.00
N ARG A 41 4.55 0.12 1.98
CA ARG A 41 5.78 -0.42 1.48
C ARG A 41 5.42 -1.15 0.23
N TRP A 42 6.41 -1.31 -0.64
CA TRP A 42 6.25 -2.05 -1.86
C TRP A 42 7.63 -2.51 -2.25
N ARG A 43 7.70 -3.70 -2.89
CA ARG A 43 8.93 -4.16 -3.49
C ARG A 43 8.50 -5.17 -4.52
N PRO A 44 9.32 -5.52 -5.52
CA PRO A 44 8.99 -6.54 -6.50
C PRO A 44 8.90 -7.88 -5.83
N LYS A 45 8.05 -8.80 -6.35
CA LYS A 45 7.94 -10.16 -5.86
C LYS A 45 9.12 -10.98 -6.33
N ASN A 46 10.31 -10.68 -5.75
CA ASN A 46 11.59 -11.18 -6.19
C ASN A 46 12.45 -11.02 -4.97
N SER A 47 12.48 -9.79 -4.41
CA SER A 47 13.33 -9.41 -3.32
C SER A 47 12.75 -9.90 -2.02
N VAL A 48 13.70 -10.14 -1.11
CA VAL A 48 13.49 -10.73 0.20
C VAL A 48 14.25 -9.92 1.21
N GLY A 49 14.96 -8.85 0.77
CA GLY A 49 15.83 -8.06 1.60
C GLY A 49 15.11 -6.82 2.04
N ARG A 50 15.39 -5.68 1.36
CA ARG A 50 14.88 -4.39 1.72
C ARG A 50 13.62 -4.11 0.94
N TRP A 51 12.91 -3.03 1.38
CA TRP A 51 11.70 -2.57 0.76
C TRP A 51 11.95 -1.13 0.37
N LYS A 52 11.08 -0.61 -0.53
CA LYS A 52 10.88 0.83 -0.68
C LYS A 52 9.68 1.10 0.14
N GLU A 53 9.58 2.34 0.68
CA GLU A 53 8.47 2.69 1.53
C GLU A 53 8.23 4.17 1.44
N ALA A 54 6.99 4.55 1.80
CA ALA A 54 6.56 5.92 1.92
C ALA A 54 5.65 5.97 3.10
N THR A 55 5.41 7.19 3.64
CA THR A 55 4.52 7.40 4.76
C THR A 55 3.47 8.33 4.25
N ILE A 56 2.19 7.91 4.41
CA ILE A 56 1.01 8.62 3.96
C ILE A 56 0.37 9.10 5.24
N PRO A 57 -0.07 10.37 5.36
CA PRO A 57 -0.74 10.87 6.55
C PRO A 57 -2.05 10.20 6.82
N GLY A 58 -2.61 10.37 8.04
CA GLY A 58 -3.80 9.69 8.48
C GLY A 58 -5.07 10.22 7.90
N HIS A 59 -5.05 11.46 7.35
CA HIS A 59 -6.22 12.07 6.75
C HIS A 59 -6.37 11.60 5.33
N LEU A 60 -5.23 11.27 4.66
CA LEU A 60 -5.22 10.73 3.33
C LEU A 60 -5.32 9.24 3.43
N ASN A 61 -6.20 8.64 2.60
CA ASN A 61 -6.46 7.23 2.60
C ASN A 61 -6.21 6.70 1.22
N SER A 62 -5.36 7.41 0.46
CA SER A 62 -5.01 7.06 -0.88
C SER A 62 -3.58 7.47 -1.10
N TYR A 63 -2.98 6.93 -2.18
CA TYR A 63 -1.61 7.20 -2.55
C TYR A 63 -1.47 6.97 -4.03
N THR A 64 -0.24 7.23 -4.52
CA THR A 64 0.17 7.01 -5.88
C THR A 64 1.60 6.57 -5.78
N ILE A 65 1.87 5.32 -6.25
CA ILE A 65 3.20 4.78 -6.42
C ILE A 65 3.61 5.22 -7.80
N LYS A 66 4.91 5.54 -8.02
CA LYS A 66 5.42 5.76 -9.35
C LYS A 66 6.82 5.26 -9.38
N GLY A 67 7.31 5.05 -10.62
CA GLY A 67 8.67 4.66 -10.91
C GLY A 67 8.81 3.20 -10.67
N LEU A 68 7.94 2.41 -11.32
CA LEU A 68 7.95 0.97 -11.23
C LEU A 68 8.46 0.45 -12.53
N LYS A 69 8.08 -0.80 -12.90
CA LYS A 69 8.62 -1.52 -14.02
C LYS A 69 7.42 -2.05 -14.77
N PRO A 70 7.52 -2.35 -16.07
CA PRO A 70 6.46 -3.00 -16.81
C PRO A 70 6.39 -4.47 -16.44
N GLY A 71 5.14 -4.98 -16.22
CA GLY A 71 4.80 -6.36 -16.05
C GLY A 71 5.49 -7.07 -14.95
N VAL A 72 5.48 -6.45 -13.74
CA VAL A 72 5.97 -7.04 -12.53
C VAL A 72 4.80 -7.14 -11.60
N VAL A 73 4.65 -8.33 -10.97
CA VAL A 73 3.80 -8.54 -9.83
C VAL A 73 4.62 -8.13 -8.63
N TYR A 74 4.10 -7.12 -7.90
CA TYR A 74 4.70 -6.54 -6.73
C TYR A 74 4.02 -7.14 -5.54
N GLU A 75 4.77 -7.27 -4.42
CA GLU A 75 4.23 -7.59 -3.12
C GLU A 75 4.35 -6.32 -2.33
N GLY A 76 3.25 -5.96 -1.64
CA GLY A 76 3.17 -4.71 -0.93
C GLY A 76 2.74 -5.00 0.46
N GLN A 77 2.92 -4.01 1.34
CA GLN A 77 2.36 -4.06 2.67
C GLN A 77 1.81 -2.71 2.90
N LEU A 78 0.58 -2.67 3.42
CA LEU A 78 -0.09 -1.46 3.83
C LEU A 78 -0.14 -1.58 5.33
N ILE A 79 0.91 -1.05 6.00
CA ILE A 79 1.09 -1.16 7.42
C ILE A 79 0.43 0.04 8.02
N SER A 80 -0.40 -0.15 9.05
CA SER A 80 -1.21 0.87 9.64
C SER A 80 -0.79 1.00 11.07
N ILE A 81 -0.22 2.18 11.44
CA ILE A 81 0.37 2.39 12.73
C ILE A 81 -0.73 2.93 13.59
N GLN A 82 -0.82 2.40 14.83
CA GLN A 82 -1.67 2.91 15.88
C GLN A 82 -0.71 3.72 16.71
N GLN A 83 -1.00 5.02 16.88
CA GLN A 83 -0.06 5.98 17.41
C GLN A 83 0.24 5.72 18.86
N TYR A 84 1.56 5.59 19.17
CA TYR A 84 2.12 5.33 20.48
C TYR A 84 1.75 3.98 21.00
N GLY A 85 1.82 2.93 20.15
CA GLY A 85 1.56 1.60 20.61
C GLY A 85 1.90 0.65 19.51
N HIS A 86 0.87 -0.06 19.03
CA HIS A 86 0.97 -1.19 18.13
C HIS A 86 1.06 -0.73 16.70
N GLN A 87 1.20 -1.71 15.80
CA GLN A 87 0.99 -1.50 14.39
C GLN A 87 0.41 -2.77 13.85
N GLU A 88 -0.50 -2.59 12.88
CA GLU A 88 -1.28 -3.62 12.22
C GLU A 88 -0.67 -3.72 10.86
N VAL A 89 -0.55 -4.94 10.29
CA VAL A 89 0.04 -5.13 8.99
C VAL A 89 -0.97 -5.80 8.10
N THR A 90 -1.33 -5.12 6.99
CA THR A 90 -2.12 -5.67 5.92
C THR A 90 -1.08 -6.08 4.92
N ARG A 91 -1.11 -7.34 4.42
CA ARG A 91 -0.20 -7.78 3.39
C ARG A 91 -1.04 -8.07 2.18
N PHE A 92 -0.55 -7.64 0.99
CA PHE A 92 -1.27 -7.82 -0.24
C PHE A 92 -0.26 -7.92 -1.34
N ASP A 93 -0.76 -8.16 -2.57
CA ASP A 93 0.04 -8.11 -3.77
C ASP A 93 -0.81 -7.43 -4.80
N PHE A 94 -0.16 -6.74 -5.76
CA PHE A 94 -0.82 -6.10 -6.86
C PHE A 94 0.09 -6.25 -8.03
N THR A 95 -0.42 -5.89 -9.23
CA THR A 95 0.33 -5.98 -10.45
C THR A 95 0.35 -4.60 -11.02
N THR A 96 1.49 -4.22 -11.64
CA THR A 96 1.60 -3.04 -12.46
C THR A 96 2.02 -3.62 -13.78
N THR A 97 1.20 -3.37 -14.83
CA THR A 97 1.32 -4.03 -16.11
C THR A 97 2.27 -3.25 -16.99
N SER A 98 2.30 -3.59 -18.29
CA SER A 98 3.15 -2.95 -19.26
C SER A 98 2.28 -1.93 -20.00
N SER A 6 -9.24 -2.83 15.52
CA SER A 6 -7.93 -2.62 14.84
C SER A 6 -7.54 -3.86 14.11
N GLY A 7 -7.03 -3.69 12.87
CA GLY A 7 -6.63 -4.82 12.08
C GLY A 7 -6.40 -4.33 10.68
N PRO A 8 -6.36 -5.26 9.71
CA PRO A 8 -6.10 -4.95 8.33
C PRO A 8 -7.13 -4.03 7.73
N VAL A 9 -6.60 -3.07 6.96
CA VAL A 9 -7.29 -2.03 6.25
C VAL A 9 -7.89 -2.64 5.01
N GLU A 10 -8.99 -2.05 4.53
CA GLU A 10 -9.77 -2.56 3.43
C GLU A 10 -9.31 -1.92 2.17
N VAL A 11 -8.29 -2.53 1.57
CA VAL A 11 -7.54 -2.02 0.46
C VAL A 11 -8.26 -2.51 -0.77
N PHE A 12 -8.09 -1.77 -1.87
CA PHE A 12 -9.08 -1.61 -2.88
C PHE A 12 -8.31 -1.49 -4.16
N ILE A 13 -7.63 -2.58 -4.55
CA ILE A 13 -6.89 -2.67 -5.79
C ILE A 13 -7.82 -3.41 -6.72
N THR A 14 -8.56 -2.61 -7.49
CA THR A 14 -9.64 -3.07 -8.35
C THR A 14 -9.89 -2.07 -9.45
N GLU A 15 -9.56 -0.78 -9.23
CA GLU A 15 -9.80 0.32 -10.13
C GLU A 15 -8.49 0.62 -10.83
N THR A 16 -7.43 -0.18 -10.54
CA THR A 16 -6.11 0.02 -11.09
C THR A 16 -5.58 -1.32 -11.54
N PRO A 17 -6.04 -1.93 -12.64
CA PRO A 17 -5.49 -3.17 -13.15
C PRO A 17 -4.15 -2.93 -13.81
N SER A 18 -4.09 -1.99 -14.77
CA SER A 18 -2.96 -1.74 -15.60
C SER A 18 -2.88 -0.25 -15.69
N GLN A 19 -1.85 0.29 -15.04
CA GLN A 19 -1.41 1.67 -15.17
C GLN A 19 0.06 1.50 -15.44
N PRO A 20 0.67 2.15 -16.42
CA PRO A 20 1.89 1.64 -17.04
C PRO A 20 3.12 1.98 -16.24
N ASN A 21 3.07 3.09 -15.48
CA ASN A 21 4.20 3.62 -14.76
C ASN A 21 3.89 3.66 -13.32
N SER A 22 2.63 4.02 -13.02
CA SER A 22 2.17 4.23 -11.68
C SER A 22 1.41 3.01 -11.27
N HIS A 23 1.16 2.90 -9.95
CA HIS A 23 0.16 2.03 -9.41
C HIS A 23 -0.42 2.79 -8.25
N PRO A 24 -1.55 3.48 -8.39
CA PRO A 24 -2.25 4.09 -7.29
C PRO A 24 -2.88 3.03 -6.42
N ILE A 25 -2.70 3.15 -5.10
CA ILE A 25 -3.29 2.29 -4.12
C ILE A 25 -4.39 3.13 -3.55
N GLN A 26 -5.56 2.51 -3.30
CA GLN A 26 -6.65 3.16 -2.62
C GLN A 26 -7.02 2.21 -1.53
N TRP A 27 -7.51 2.73 -0.39
CA TRP A 27 -7.87 1.89 0.72
C TRP A 27 -9.00 2.55 1.44
N ASN A 28 -9.63 1.77 2.35
CA ASN A 28 -10.74 2.25 3.15
C ASN A 28 -10.41 1.88 4.55
N ALA A 29 -10.49 2.86 5.46
CA ALA A 29 -10.01 2.70 6.81
C ALA A 29 -11.10 2.12 7.68
N PRO A 30 -10.79 1.25 8.66
CA PRO A 30 -11.67 0.99 9.79
C PRO A 30 -11.55 2.14 10.75
N GLN A 31 -12.49 2.27 11.72
CA GLN A 31 -12.40 3.30 12.73
C GLN A 31 -12.56 2.65 14.08
N PRO A 32 -11.49 2.13 14.69
CA PRO A 32 -11.47 1.81 16.11
C PRO A 32 -11.14 3.06 16.89
N SER A 33 -10.77 4.17 16.19
CA SER A 33 -10.25 5.41 16.72
C SER A 33 -8.98 5.20 17.48
N HIS A 34 -8.11 4.37 16.88
CA HIS A 34 -6.88 3.91 17.47
C HIS A 34 -5.82 3.87 16.39
N ILE A 35 -6.21 4.03 15.09
CA ILE A 35 -5.35 3.89 13.95
C ILE A 35 -5.21 5.26 13.39
N SER A 36 -3.94 5.67 13.13
CA SER A 36 -3.60 6.98 12.66
C SER A 36 -3.07 6.84 11.26
N LYS A 37 -1.76 6.55 11.15
CA LYS A 37 -0.99 6.75 9.94
C LYS A 37 -1.11 5.55 9.08
N TYR A 38 -0.64 5.66 7.82
CA TYR A 38 -0.50 4.53 6.95
C TYR A 38 0.90 4.62 6.42
N ILE A 39 1.56 3.46 6.32
CA ILE A 39 2.82 3.30 5.63
C ILE A 39 2.45 2.36 4.54
N LEU A 40 2.85 2.70 3.30
CA LEU A 40 2.77 1.77 2.20
C LEU A 40 4.17 1.38 1.95
N ARG A 41 4.40 0.06 1.90
CA ARG A 41 5.63 -0.47 1.41
C ARG A 41 5.28 -1.20 0.17
N TRP A 42 6.31 -1.39 -0.69
CA TRP A 42 6.18 -2.18 -1.88
C TRP A 42 7.53 -2.79 -2.06
N ARG A 43 7.57 -4.13 -2.27
CA ARG A 43 8.78 -4.87 -2.51
C ARG A 43 8.53 -5.52 -3.83
N PRO A 44 9.45 -5.63 -4.80
CA PRO A 44 9.27 -6.47 -5.97
C PRO A 44 9.22 -7.91 -5.55
N LYS A 45 8.21 -8.69 -5.99
CA LYS A 45 8.11 -10.12 -5.77
C LYS A 45 9.11 -10.84 -6.65
N ASN A 46 10.40 -10.68 -6.30
CA ASN A 46 11.54 -11.11 -7.06
C ASN A 46 12.62 -11.12 -6.03
N SER A 47 12.83 -9.95 -5.38
CA SER A 47 13.81 -9.73 -4.34
C SER A 47 13.22 -10.15 -3.02
N VAL A 48 14.10 -10.29 -2.02
CA VAL A 48 13.79 -10.83 -0.71
C VAL A 48 13.92 -9.76 0.34
N GLY A 49 14.56 -8.61 0.01
CA GLY A 49 14.74 -7.58 1.01
C GLY A 49 15.37 -6.37 0.40
N ARG A 50 14.95 -6.04 -0.85
CA ARG A 50 15.31 -4.82 -1.51
C ARG A 50 13.98 -4.19 -1.76
N TRP A 51 13.64 -3.14 -0.98
CA TRP A 51 12.31 -2.59 -1.04
C TRP A 51 12.26 -1.18 -0.56
N LYS A 52 11.12 -0.54 -0.88
CA LYS A 52 10.89 0.87 -0.73
C LYS A 52 9.71 1.02 0.16
N GLU A 53 9.56 2.24 0.76
CA GLU A 53 8.40 2.57 1.54
C GLU A 53 8.17 4.04 1.47
N ALA A 54 6.93 4.45 1.80
CA ALA A 54 6.52 5.82 1.91
C ALA A 54 5.60 5.89 3.10
N THR A 55 5.38 7.13 3.62
CA THR A 55 4.50 7.37 4.75
C THR A 55 3.46 8.30 4.22
N ILE A 56 2.18 7.90 4.40
CA ILE A 56 1.01 8.61 3.94
C ILE A 56 0.33 9.06 5.21
N PRO A 57 -0.18 10.30 5.32
CA PRO A 57 -0.89 10.77 6.49
C PRO A 57 -2.19 10.04 6.74
N GLY A 58 -2.79 10.24 7.94
CA GLY A 58 -3.96 9.52 8.38
C GLY A 58 -5.23 10.02 7.76
N HIS A 59 -5.23 11.27 7.25
CA HIS A 59 -6.38 11.89 6.64
C HIS A 59 -6.49 11.46 5.19
N LEU A 60 -5.34 11.15 4.56
CA LEU A 60 -5.30 10.68 3.19
C LEU A 60 -5.44 9.18 3.22
N ASN A 61 -6.37 8.67 2.39
CA ASN A 61 -6.75 7.28 2.37
C ASN A 61 -6.45 6.69 1.03
N SER A 62 -5.66 7.42 0.22
CA SER A 62 -5.26 6.98 -1.10
C SER A 62 -3.85 7.43 -1.32
N TYR A 63 -3.20 6.88 -2.37
CA TYR A 63 -1.82 7.16 -2.67
C TYR A 63 -1.62 6.92 -4.14
N THR A 64 -0.37 7.21 -4.60
CA THR A 64 0.09 7.02 -5.94
C THR A 64 1.52 6.57 -5.80
N ILE A 65 1.82 5.31 -6.22
CA ILE A 65 3.17 4.79 -6.21
C ILE A 65 3.67 4.92 -7.62
N LYS A 66 4.45 5.99 -7.93
CA LYS A 66 4.99 6.20 -9.25
C LYS A 66 6.39 5.65 -9.28
N GLY A 67 6.90 5.45 -10.53
CA GLY A 67 8.25 5.05 -10.79
C GLY A 67 8.36 3.57 -10.70
N LEU A 68 7.41 2.89 -11.39
CA LEU A 68 7.33 1.44 -11.40
C LEU A 68 7.44 1.03 -12.84
N LYS A 69 7.74 -0.26 -13.07
CA LYS A 69 7.95 -0.81 -14.37
C LYS A 69 6.67 -1.50 -14.77
N PRO A 70 6.39 -1.72 -16.06
CA PRO A 70 5.35 -2.64 -16.49
C PRO A 70 5.86 -4.06 -16.41
N GLY A 71 4.94 -5.04 -16.51
CA GLY A 71 5.18 -6.45 -16.59
C GLY A 71 5.83 -7.10 -15.40
N VAL A 72 5.78 -6.44 -14.21
CA VAL A 72 6.43 -6.92 -13.02
C VAL A 72 5.40 -7.04 -11.94
N VAL A 73 5.50 -8.11 -11.13
CA VAL A 73 4.62 -8.39 -10.02
C VAL A 73 5.30 -7.89 -8.78
N TYR A 74 4.56 -7.08 -7.98
CA TYR A 74 5.00 -6.54 -6.73
C TYR A 74 4.25 -7.22 -5.62
N GLU A 75 4.89 -7.23 -4.43
CA GLU A 75 4.28 -7.40 -3.15
C GLU A 75 4.00 -6.01 -2.68
N GLY A 76 2.82 -5.78 -2.06
CA GLY A 76 2.54 -4.52 -1.43
C GLY A 76 2.00 -4.80 -0.06
N GLN A 77 2.33 -3.91 0.90
CA GLN A 77 1.84 -4.03 2.25
C GLN A 77 1.47 -2.67 2.68
N LEU A 78 0.31 -2.57 3.34
CA LEU A 78 -0.25 -1.34 3.82
C LEU A 78 -0.31 -1.51 5.31
N ILE A 79 0.72 -1.02 6.03
CA ILE A 79 0.84 -1.15 7.45
C ILE A 79 0.16 0.07 8.02
N SER A 80 -0.74 -0.12 9.02
CA SER A 80 -1.50 0.97 9.60
C SER A 80 -1.03 1.15 11.01
N ILE A 81 -0.44 2.33 11.27
CA ILE A 81 0.35 2.57 12.47
C ILE A 81 -0.58 3.17 13.47
N GLN A 82 -0.27 2.91 14.74
CA GLN A 82 -0.97 3.43 15.88
C GLN A 82 0.03 4.24 16.63
N GLN A 83 -0.43 5.35 17.24
CA GLN A 83 0.38 6.26 18.03
C GLN A 83 0.69 5.72 19.41
N TYR A 84 0.89 4.40 19.51
CA TYR A 84 1.19 3.70 20.74
C TYR A 84 2.25 2.69 20.44
N GLY A 85 2.87 2.81 19.25
CA GLY A 85 4.01 2.01 18.86
C GLY A 85 3.60 0.77 18.09
N HIS A 86 2.30 0.41 18.12
CA HIS A 86 1.80 -0.80 17.51
C HIS A 86 1.63 -0.61 16.04
N GLN A 87 1.55 -1.73 15.29
CA GLN A 87 1.42 -1.74 13.86
C GLN A 87 0.55 -2.92 13.57
N GLU A 88 -0.41 -2.73 12.64
CA GLU A 88 -1.24 -3.78 12.12
C GLU A 88 -0.93 -3.83 10.66
N VAL A 89 -0.65 -5.01 10.10
CA VAL A 89 -0.17 -5.14 8.74
C VAL A 89 -1.29 -5.68 7.90
N THR A 90 -1.50 -5.03 6.73
CA THR A 90 -2.36 -5.49 5.68
C THR A 90 -1.37 -5.98 4.65
N ARG A 91 -1.61 -7.15 4.01
CA ARG A 91 -0.69 -7.66 3.02
C ARG A 91 -1.48 -8.11 1.83
N PHE A 92 -0.87 -7.94 0.63
CA PHE A 92 -1.48 -8.18 -0.64
C PHE A 92 -0.38 -8.23 -1.65
N ASP A 93 -0.76 -8.43 -2.92
CA ASP A 93 0.11 -8.31 -4.05
C ASP A 93 -0.66 -7.57 -5.10
N PHE A 94 0.07 -6.94 -6.04
CA PHE A 94 -0.51 -6.38 -7.23
C PHE A 94 0.46 -6.60 -8.32
N THR A 95 0.03 -6.31 -9.56
CA THR A 95 0.88 -6.39 -10.73
C THR A 95 0.72 -5.05 -11.36
N THR A 96 1.84 -4.48 -11.88
CA THR A 96 1.84 -3.23 -12.58
C THR A 96 2.19 -3.66 -13.98
N THR A 97 1.24 -3.49 -14.92
CA THR A 97 1.40 -3.86 -16.31
C THR A 97 1.11 -2.63 -17.12
N SER A 98 1.43 -2.69 -18.44
CA SER A 98 1.24 -1.58 -19.34
C SER A 98 -0.22 -1.59 -19.79
N SER A 6 -8.82 -3.97 15.73
CA SER A 6 -7.46 -4.24 15.18
C SER A 6 -7.53 -5.47 14.31
N GLY A 7 -7.14 -5.31 13.03
CA GLY A 7 -7.11 -6.41 12.10
C GLY A 7 -6.89 -5.82 10.74
N PRO A 8 -6.71 -6.64 9.70
CA PRO A 8 -6.30 -6.19 8.38
C PRO A 8 -7.25 -5.21 7.77
N VAL A 9 -6.64 -4.19 7.14
CA VAL A 9 -7.25 -3.10 6.42
C VAL A 9 -7.65 -3.68 5.08
N GLU A 10 -8.63 -3.05 4.42
CA GLU A 10 -9.21 -3.54 3.19
C GLU A 10 -8.76 -2.63 2.11
N VAL A 11 -7.72 -3.09 1.41
CA VAL A 11 -6.94 -2.33 0.46
C VAL A 11 -7.00 -3.09 -0.82
N PHE A 12 -7.15 -2.32 -1.94
CA PHE A 12 -7.38 -2.86 -3.25
C PHE A 12 -6.65 -1.94 -4.18
N ILE A 13 -6.73 -2.25 -5.48
CA ILE A 13 -6.43 -1.30 -6.52
C ILE A 13 -7.53 -1.48 -7.52
N THR A 14 -8.18 -0.36 -7.88
CA THR A 14 -9.28 -0.34 -8.80
C THR A 14 -9.32 1.04 -9.41
N GLU A 15 -8.28 1.89 -9.18
CA GLU A 15 -8.33 3.30 -9.47
C GLU A 15 -8.02 3.55 -10.91
N THR A 16 -7.17 2.68 -11.52
CA THR A 16 -6.85 2.74 -12.92
C THR A 16 -6.84 1.28 -13.36
N PRO A 17 -7.32 0.90 -14.53
CA PRO A 17 -7.30 -0.48 -14.98
C PRO A 17 -5.97 -0.82 -15.61
N SER A 18 -5.19 0.20 -16.07
CA SER A 18 -4.03 -0.01 -16.87
C SER A 18 -3.20 1.21 -16.71
N GLN A 19 -2.01 1.06 -16.08
CA GLN A 19 -1.05 2.12 -15.94
C GLN A 19 0.29 1.45 -15.73
N PRO A 20 1.32 1.60 -16.57
CA PRO A 20 2.49 0.74 -16.52
C PRO A 20 3.53 1.28 -15.57
N ASN A 21 3.47 2.59 -15.25
CA ASN A 21 4.59 3.28 -14.62
C ASN A 21 4.19 3.70 -13.24
N SER A 22 2.93 4.16 -13.12
CA SER A 22 2.36 4.53 -11.85
C SER A 22 1.44 3.42 -11.45
N HIS A 23 1.23 3.29 -10.13
CA HIS A 23 0.25 2.36 -9.60
C HIS A 23 -0.43 3.05 -8.45
N PRO A 24 -1.53 3.78 -8.69
CA PRO A 24 -2.25 4.48 -7.65
C PRO A 24 -3.21 3.53 -6.96
N ILE A 25 -3.04 3.34 -5.63
CA ILE A 25 -3.86 2.43 -4.87
C ILE A 25 -4.85 3.22 -4.06
N GLN A 26 -5.77 2.51 -3.38
CA GLN A 26 -6.69 3.11 -2.46
C GLN A 26 -6.99 2.06 -1.42
N TRP A 27 -7.28 2.51 -0.17
CA TRP A 27 -7.55 1.66 0.95
C TRP A 27 -8.75 2.23 1.64
N ASN A 28 -9.44 1.34 2.40
CA ASN A 28 -10.48 1.67 3.34
C ASN A 28 -9.76 1.65 4.64
N ALA A 29 -10.49 1.87 5.74
CA ALA A 29 -9.92 1.78 7.06
C ALA A 29 -11.06 1.49 7.99
N PRO A 30 -10.79 1.17 9.26
CA PRO A 30 -11.82 1.02 10.28
C PRO A 30 -12.57 2.30 10.55
N GLN A 31 -13.73 2.18 11.22
CA GLN A 31 -14.70 3.24 11.36
C GLN A 31 -14.31 4.22 12.45
N PRO A 32 -14.02 3.91 13.72
CA PRO A 32 -13.54 4.89 14.68
C PRO A 32 -12.10 5.23 14.38
N SER A 33 -11.55 6.25 15.07
CA SER A 33 -10.17 6.68 14.92
C SER A 33 -9.33 5.78 15.79
N HIS A 34 -8.93 4.63 15.21
CA HIS A 34 -8.17 3.60 15.85
C HIS A 34 -6.82 3.58 15.20
N ILE A 35 -6.79 3.89 13.88
CA ILE A 35 -5.61 3.90 13.06
C ILE A 35 -5.36 5.36 12.83
N SER A 36 -4.08 5.79 12.96
CA SER A 36 -3.65 7.12 12.68
C SER A 36 -2.98 7.12 11.34
N LYS A 37 -1.71 6.72 11.30
CA LYS A 37 -0.82 6.91 10.17
C LYS A 37 -0.86 5.68 9.32
N TYR A 38 -0.43 5.77 8.05
CA TYR A 38 -0.26 4.63 7.19
C TYR A 38 1.15 4.70 6.70
N ILE A 39 1.84 3.54 6.67
CA ILE A 39 3.09 3.36 5.96
C ILE A 39 2.65 2.49 4.83
N LEU A 40 2.99 2.87 3.59
CA LEU A 40 2.82 1.98 2.46
C LEU A 40 4.18 1.56 2.05
N ARG A 41 4.30 0.25 1.77
CA ARG A 41 5.49 -0.32 1.21
C ARG A 41 5.09 -1.05 -0.02
N TRP A 42 6.08 -1.27 -0.91
CA TRP A 42 5.92 -2.07 -2.09
C TRP A 42 7.28 -2.65 -2.37
N ARG A 43 7.31 -3.89 -2.88
CA ARG A 43 8.55 -4.59 -3.13
C ARG A 43 8.23 -5.55 -4.24
N PRO A 44 9.05 -5.78 -5.27
CA PRO A 44 8.71 -6.67 -6.37
C PRO A 44 8.78 -8.09 -5.89
N LYS A 45 7.64 -8.82 -5.98
CA LYS A 45 7.46 -10.21 -5.63
C LYS A 45 8.11 -11.10 -6.66
N ASN A 46 9.45 -11.03 -6.77
CA ASN A 46 10.18 -11.64 -7.83
C ASN A 46 11.58 -11.70 -7.32
N SER A 47 12.10 -10.53 -6.87
CA SER A 47 13.41 -10.39 -6.30
C SER A 47 13.32 -10.63 -4.82
N VAL A 48 14.49 -10.82 -4.19
CA VAL A 48 14.62 -11.09 -2.77
C VAL A 48 15.37 -9.93 -2.17
N GLY A 49 15.02 -8.70 -2.61
CA GLY A 49 15.67 -7.49 -2.18
C GLY A 49 14.93 -6.91 -1.00
N ARG A 50 15.08 -5.58 -0.81
CA ARG A 50 14.46 -4.86 0.26
C ARG A 50 13.29 -4.13 -0.31
N TRP A 51 12.46 -3.52 0.57
CA TRP A 51 11.26 -2.82 0.19
C TRP A 51 11.62 -1.40 -0.15
N LYS A 52 10.68 -0.70 -0.84
CA LYS A 52 10.65 0.74 -0.93
C LYS A 52 9.47 1.07 -0.09
N GLU A 53 9.43 2.31 0.46
CA GLU A 53 8.34 2.70 1.31
C GLU A 53 8.13 4.17 1.22
N ALA A 54 6.90 4.57 1.60
CA ALA A 54 6.48 5.93 1.76
C ALA A 54 5.77 6.00 3.07
N THR A 55 5.66 7.23 3.63
CA THR A 55 4.97 7.50 4.87
C THR A 55 3.90 8.47 4.50
N ILE A 56 2.63 8.12 4.84
CA ILE A 56 1.45 8.84 4.40
C ILE A 56 0.74 9.22 5.68
N PRO A 57 0.45 10.49 5.97
CA PRO A 57 -0.31 10.88 7.16
C PRO A 57 -1.75 10.42 7.05
N GLY A 58 -2.51 10.52 8.16
CA GLY A 58 -3.89 10.07 8.21
C GLY A 58 -4.80 11.16 7.74
N HIS A 59 -4.95 11.25 6.40
CA HIS A 59 -5.78 12.23 5.75
C HIS A 59 -6.11 11.69 4.40
N LEU A 60 -5.10 11.13 3.71
CA LEU A 60 -5.22 10.54 2.40
C LEU A 60 -5.56 9.10 2.57
N ASN A 61 -6.53 8.63 1.75
CA ASN A 61 -7.04 7.28 1.75
C ASN A 61 -6.64 6.61 0.46
N SER A 62 -5.83 7.31 -0.37
CA SER A 62 -5.40 6.80 -1.64
C SER A 62 -3.99 7.26 -1.86
N TYR A 63 -3.19 6.45 -2.59
CA TYR A 63 -1.80 6.78 -2.84
C TYR A 63 -1.58 6.76 -4.33
N THR A 64 -0.36 7.17 -4.74
CA THR A 64 0.15 7.09 -6.08
C THR A 64 1.57 6.65 -5.91
N ILE A 65 1.87 5.39 -6.32
CA ILE A 65 3.22 4.87 -6.39
C ILE A 65 3.68 5.24 -7.79
N LYS A 66 4.99 5.54 -7.97
CA LYS A 66 5.52 5.84 -9.28
C LYS A 66 6.88 5.21 -9.38
N GLY A 67 7.36 5.09 -10.65
CA GLY A 67 8.68 4.64 -10.99
C GLY A 67 8.73 3.14 -10.99
N LEU A 68 7.72 2.54 -11.67
CA LEU A 68 7.51 1.11 -11.68
C LEU A 68 7.63 0.63 -13.09
N LYS A 69 7.59 -0.71 -13.28
CA LYS A 69 7.77 -1.36 -14.55
C LYS A 69 6.44 -1.94 -14.94
N PRO A 70 6.17 -2.20 -16.22
CA PRO A 70 5.01 -2.98 -16.65
C PRO A 70 5.30 -4.46 -16.46
N GLY A 71 4.22 -5.28 -16.44
CA GLY A 71 4.24 -6.71 -16.44
C GLY A 71 4.95 -7.38 -15.30
N VAL A 72 5.05 -6.69 -14.14
CA VAL A 72 5.75 -7.19 -12.98
C VAL A 72 4.74 -7.26 -11.87
N VAL A 73 4.94 -8.25 -10.96
CA VAL A 73 4.13 -8.43 -9.78
C VAL A 73 4.89 -7.83 -8.63
N TYR A 74 4.20 -6.99 -7.83
CA TYR A 74 4.70 -6.45 -6.61
C TYR A 74 3.88 -7.06 -5.52
N GLU A 75 4.50 -7.27 -4.34
CA GLU A 75 3.79 -7.49 -3.11
C GLU A 75 3.78 -6.13 -2.46
N GLY A 76 2.60 -5.73 -1.95
CA GLY A 76 2.42 -4.44 -1.33
C GLY A 76 2.05 -4.72 0.08
N GLN A 77 2.37 -3.77 0.98
CA GLN A 77 2.12 -3.95 2.38
C GLN A 77 1.76 -2.63 2.93
N LEU A 78 0.65 -2.62 3.66
CA LEU A 78 0.02 -1.45 4.21
C LEU A 78 0.08 -1.67 5.69
N ILE A 79 1.06 -1.03 6.37
CA ILE A 79 1.18 -1.10 7.81
C ILE A 79 0.40 0.10 8.28
N SER A 80 -0.49 -0.10 9.27
CA SER A 80 -1.34 0.94 9.78
C SER A 80 -0.98 1.14 11.22
N ILE A 81 -0.45 2.35 11.55
CA ILE A 81 0.09 2.64 12.85
C ILE A 81 -1.11 3.16 13.58
N GLN A 82 -1.29 2.62 14.79
CA GLN A 82 -2.42 2.89 15.62
C GLN A 82 -1.99 3.88 16.65
N GLN A 83 -2.96 4.68 17.14
CA GLN A 83 -2.79 5.72 18.13
C GLN A 83 -2.67 5.15 19.54
N TYR A 84 -1.93 4.04 19.71
CA TYR A 84 -1.71 3.42 20.98
C TYR A 84 -0.38 2.70 20.96
N GLY A 85 0.48 3.04 19.95
CA GLY A 85 1.81 2.50 19.82
C GLY A 85 1.82 1.20 19.05
N HIS A 86 0.64 0.60 18.80
CA HIS A 86 0.48 -0.68 18.15
C HIS A 86 0.64 -0.48 16.66
N GLN A 87 0.93 -1.57 15.93
CA GLN A 87 1.01 -1.57 14.50
C GLN A 87 0.30 -2.81 14.08
N GLU A 88 -0.54 -2.66 13.03
CA GLU A 88 -1.28 -3.74 12.45
C GLU A 88 -0.84 -3.77 11.02
N VAL A 89 -0.50 -4.98 10.51
CA VAL A 89 0.06 -5.14 9.19
C VAL A 89 -0.99 -5.79 8.33
N THR A 90 -1.08 -5.31 7.08
CA THR A 90 -1.99 -5.80 6.07
C THR A 90 -1.07 -6.12 4.92
N ARG A 91 -1.17 -7.32 4.29
CA ARG A 91 -0.32 -7.65 3.16
C ARG A 91 -1.19 -8.18 2.05
N PHE A 92 -0.76 -7.86 0.81
CA PHE A 92 -1.51 -8.09 -0.42
C PHE A 92 -0.48 -8.15 -1.51
N ASP A 93 -0.96 -8.35 -2.75
CA ASP A 93 -0.14 -8.20 -3.94
C ASP A 93 -0.98 -7.56 -5.01
N PHE A 94 -0.30 -6.93 -5.99
CA PHE A 94 -0.91 -6.37 -7.17
C PHE A 94 0.05 -6.57 -8.30
N THR A 95 -0.43 -6.30 -9.52
CA THR A 95 0.40 -6.25 -10.71
C THR A 95 0.33 -4.85 -11.22
N THR A 96 1.49 -4.31 -11.66
CA THR A 96 1.56 -3.03 -12.33
C THR A 96 1.85 -3.41 -13.74
N THR A 97 0.88 -3.15 -14.64
CA THR A 97 0.94 -3.54 -16.02
C THR A 97 -0.08 -2.68 -16.71
N SER A 98 -0.01 -2.63 -18.06
CA SER A 98 -0.99 -1.94 -18.86
C SER A 98 -1.37 -2.88 -20.03
N SER A 6 -2.44 -7.01 15.33
CA SER A 6 -2.79 -6.61 13.94
C SER A 6 -4.20 -7.01 13.59
N GLY A 7 -4.75 -6.42 12.52
CA GLY A 7 -6.06 -6.79 12.05
C GLY A 7 -6.38 -5.99 10.82
N PRO A 8 -6.32 -6.59 9.63
CA PRO A 8 -6.21 -5.87 8.39
C PRO A 8 -7.39 -5.02 8.04
N VAL A 9 -7.08 -3.89 7.38
CA VAL A 9 -7.99 -2.97 6.77
C VAL A 9 -8.33 -3.53 5.41
N GLU A 10 -9.35 -2.94 4.74
CA GLU A 10 -9.81 -3.43 3.46
C GLU A 10 -9.26 -2.54 2.39
N VAL A 11 -8.19 -3.02 1.75
CA VAL A 11 -7.42 -2.30 0.77
C VAL A 11 -7.72 -2.89 -0.57
N PHE A 12 -7.89 -2.01 -1.58
CA PHE A 12 -8.37 -2.43 -2.86
C PHE A 12 -7.69 -1.58 -3.89
N ILE A 13 -7.17 -2.23 -4.96
CA ILE A 13 -6.65 -1.55 -6.11
C ILE A 13 -7.82 -1.39 -7.04
N THR A 14 -7.71 -0.48 -8.04
CA THR A 14 -8.83 -0.07 -8.87
C THR A 14 -9.04 -1.12 -9.94
N GLU A 15 -8.67 -0.85 -11.21
CA GLU A 15 -8.78 -1.79 -12.30
C GLU A 15 -7.36 -2.02 -12.72
N THR A 16 -6.86 -1.17 -13.63
CA THR A 16 -5.45 -0.99 -13.87
C THR A 16 -5.42 0.42 -14.40
N PRO A 17 -4.43 1.26 -14.11
CA PRO A 17 -4.39 2.63 -14.62
C PRO A 17 -3.94 2.62 -16.07
N SER A 18 -3.67 3.81 -16.65
CA SER A 18 -3.11 3.96 -17.98
C SER A 18 -1.76 4.58 -17.79
N GLN A 19 -1.16 4.14 -16.69
CA GLN A 19 0.11 4.56 -16.16
C GLN A 19 0.94 3.31 -16.00
N PRO A 20 1.88 2.98 -16.88
CA PRO A 20 2.74 1.81 -16.72
C PRO A 20 3.78 2.05 -15.66
N ASN A 21 3.91 3.32 -15.22
CA ASN A 21 4.93 3.79 -14.33
C ASN A 21 4.42 3.84 -12.93
N SER A 22 3.11 4.08 -12.80
CA SER A 22 2.49 4.31 -11.52
C SER A 22 1.45 3.26 -11.29
N HIS A 23 1.16 3.05 -10.00
CA HIS A 23 0.09 2.20 -9.54
C HIS A 23 -0.56 2.89 -8.37
N PRO A 24 -1.67 3.60 -8.53
CA PRO A 24 -2.38 4.23 -7.44
C PRO A 24 -3.24 3.21 -6.73
N ILE A 25 -3.24 3.25 -5.37
CA ILE A 25 -4.03 2.36 -4.56
C ILE A 25 -4.98 3.19 -3.77
N GLN A 26 -5.93 2.52 -3.05
CA GLN A 26 -6.75 3.18 -2.08
C GLN A 26 -7.08 2.14 -1.06
N TRP A 27 -7.44 2.57 0.17
CA TRP A 27 -7.69 1.67 1.27
C TRP A 27 -8.84 2.22 2.06
N ASN A 28 -9.39 1.33 2.91
CA ASN A 28 -10.34 1.67 3.93
C ASN A 28 -9.57 1.50 5.21
N ALA A 29 -10.25 1.82 6.33
CA ALA A 29 -9.67 1.81 7.64
C ALA A 29 -10.84 1.77 8.58
N PRO A 30 -10.63 1.62 9.88
CA PRO A 30 -11.69 1.66 10.88
C PRO A 30 -12.38 3.00 10.94
N GLN A 31 -13.66 2.99 11.40
CA GLN A 31 -14.51 4.15 11.42
C GLN A 31 -14.27 5.02 12.64
N PRO A 32 -14.04 4.58 13.89
CA PRO A 32 -13.80 5.49 15.01
C PRO A 32 -12.49 6.23 14.94
N SER A 33 -11.60 5.86 13.99
CA SER A 33 -10.30 6.46 13.76
C SER A 33 -9.38 6.17 14.91
N HIS A 34 -9.04 4.87 15.06
CA HIS A 34 -8.10 4.38 16.04
C HIS A 34 -6.75 4.22 15.36
N ILE A 35 -6.71 4.50 14.04
CA ILE A 35 -5.54 4.41 13.21
C ILE A 35 -5.21 5.82 12.85
N SER A 36 -3.89 6.16 12.93
CA SER A 36 -3.37 7.45 12.60
C SER A 36 -2.83 7.35 11.20
N LYS A 37 -1.59 6.87 11.06
CA LYS A 37 -0.81 6.98 9.85
C LYS A 37 -1.05 5.79 9.00
N TYR A 38 -0.56 5.84 7.75
CA TYR A 38 -0.48 4.68 6.90
C TYR A 38 0.91 4.72 6.35
N ILE A 39 1.56 3.54 6.26
CA ILE A 39 2.86 3.39 5.64
C ILE A 39 2.55 2.39 4.57
N LEU A 40 3.08 2.64 3.36
CA LEU A 40 3.06 1.67 2.30
C LEU A 40 4.47 1.32 2.09
N ARG A 41 4.70 0.02 1.92
CA ARG A 41 5.97 -0.48 1.47
C ARG A 41 5.66 -1.44 0.37
N TRP A 42 6.61 -1.59 -0.56
CA TRP A 42 6.43 -2.40 -1.73
C TRP A 42 7.79 -2.83 -2.19
N ARG A 43 7.87 -3.99 -2.86
CA ARG A 43 9.09 -4.42 -3.49
C ARG A 43 8.67 -5.41 -4.55
N PRO A 44 9.45 -5.68 -5.59
CA PRO A 44 9.03 -6.55 -6.68
C PRO A 44 9.12 -7.97 -6.22
N LYS A 45 7.99 -8.72 -6.32
CA LYS A 45 7.84 -10.11 -5.97
C LYS A 45 8.57 -10.99 -6.97
N ASN A 46 9.90 -11.08 -6.81
CA ASN A 46 10.79 -11.79 -7.68
C ASN A 46 11.92 -12.12 -6.76
N SER A 47 12.68 -11.07 -6.35
CA SER A 47 13.70 -11.16 -5.34
C SER A 47 13.07 -10.69 -4.06
N VAL A 48 13.76 -10.95 -2.93
CA VAL A 48 13.31 -10.58 -1.62
C VAL A 48 14.51 -9.93 -0.96
N GLY A 49 14.95 -8.80 -1.55
CA GLY A 49 16.08 -8.04 -1.09
C GLY A 49 15.61 -6.98 -0.16
N ARG A 50 15.73 -5.70 -0.60
CA ARG A 50 15.34 -4.55 0.18
C ARG A 50 13.96 -4.13 -0.27
N TRP A 51 13.34 -3.20 0.48
CA TRP A 51 12.04 -2.66 0.19
C TRP A 51 12.22 -1.22 -0.19
N LYS A 52 11.14 -0.63 -0.75
CA LYS A 52 10.95 0.79 -0.87
C LYS A 52 9.78 1.04 0.00
N GLU A 53 9.68 2.26 0.55
CA GLU A 53 8.55 2.61 1.38
C GLU A 53 8.33 4.08 1.30
N ALA A 54 7.08 4.48 1.65
CA ALA A 54 6.68 5.86 1.80
C ALA A 54 5.80 5.92 3.01
N THR A 55 5.59 7.14 3.56
CA THR A 55 4.70 7.37 4.67
C THR A 55 3.67 8.31 4.17
N ILE A 56 2.38 7.91 4.32
CA ILE A 56 1.22 8.61 3.84
C ILE A 56 0.54 9.16 5.08
N PRO A 57 0.12 10.42 5.11
CA PRO A 57 -0.62 10.98 6.24
C PRO A 57 -1.96 10.34 6.47
N GLY A 58 -2.55 10.56 7.67
CA GLY A 58 -3.77 9.94 8.09
C GLY A 58 -5.01 10.49 7.45
N HIS A 59 -4.92 11.70 6.84
CA HIS A 59 -6.05 12.33 6.19
C HIS A 59 -6.22 11.78 4.79
N LEU A 60 -5.11 11.32 4.17
CA LEU A 60 -5.14 10.73 2.86
C LEU A 60 -5.38 9.25 3.03
N ASN A 61 -6.35 8.73 2.24
CA ASN A 61 -6.83 7.38 2.32
C ASN A 61 -6.49 6.64 1.05
N SER A 62 -5.69 7.29 0.18
CA SER A 62 -5.32 6.75 -1.11
C SER A 62 -3.87 7.07 -1.32
N TYR A 63 -3.19 6.34 -2.24
CA TYR A 63 -1.82 6.67 -2.55
C TYR A 63 -1.61 6.55 -4.04
N THR A 64 -0.36 6.87 -4.46
CA THR A 64 0.11 6.87 -5.80
C THR A 64 1.54 6.40 -5.69
N ILE A 65 1.81 5.12 -6.04
CA ILE A 65 3.14 4.55 -5.98
C ILE A 65 3.73 4.69 -7.35
N LYS A 66 4.68 5.64 -7.53
CA LYS A 66 5.33 5.84 -8.80
C LYS A 66 6.70 5.24 -8.77
N GLY A 67 7.27 5.06 -9.98
CA GLY A 67 8.63 4.65 -10.21
C GLY A 67 8.67 3.15 -10.31
N LEU A 68 7.73 2.60 -11.09
CA LEU A 68 7.50 1.18 -11.24
C LEU A 68 7.69 0.87 -12.70
N LYS A 69 7.59 -0.43 -13.03
CA LYS A 69 7.82 -0.95 -14.37
C LYS A 69 6.54 -1.63 -14.79
N PRO A 70 6.28 -1.82 -16.08
CA PRO A 70 5.18 -2.64 -16.56
C PRO A 70 5.54 -4.10 -16.48
N GLY A 71 4.52 -4.98 -16.58
CA GLY A 71 4.58 -6.41 -16.72
C GLY A 71 5.25 -7.14 -15.58
N VAL A 72 5.27 -6.56 -14.37
CA VAL A 72 5.94 -7.12 -13.23
C VAL A 72 4.98 -7.13 -12.08
N VAL A 73 5.11 -8.16 -11.21
CA VAL A 73 4.32 -8.34 -10.01
C VAL A 73 5.12 -7.77 -8.87
N TYR A 74 4.44 -6.98 -8.01
CA TYR A 74 4.98 -6.44 -6.80
C TYR A 74 4.22 -7.09 -5.68
N GLU A 75 4.91 -7.26 -4.52
CA GLU A 75 4.28 -7.57 -3.27
C GLU A 75 4.23 -6.25 -2.54
N GLY A 76 3.11 -6.00 -1.84
CA GLY A 76 2.90 -4.74 -1.18
C GLY A 76 2.33 -5.02 0.16
N GLN A 77 2.65 -4.12 1.12
CA GLN A 77 2.16 -4.23 2.47
C GLN A 77 1.82 -2.84 2.87
N LEU A 78 0.65 -2.70 3.50
CA LEU A 78 0.12 -1.47 4.00
C LEU A 78 0.10 -1.65 5.48
N ILE A 79 1.07 -1.04 6.21
CA ILE A 79 1.17 -1.09 7.64
C ILE A 79 0.41 0.13 8.08
N SER A 80 -0.64 -0.03 8.91
CA SER A 80 -1.49 1.06 9.32
C SER A 80 -1.29 1.24 10.81
N ILE A 81 -0.73 2.43 11.19
CA ILE A 81 -0.15 2.62 12.49
C ILE A 81 -1.26 3.12 13.34
N GLN A 82 -1.41 2.50 14.53
CA GLN A 82 -2.46 2.85 15.45
C GLN A 82 -1.99 4.01 16.26
N GLN A 83 -2.96 4.86 16.65
CA GLN A 83 -2.82 5.95 17.59
C GLN A 83 -2.76 5.43 19.01
N TYR A 84 -2.03 4.31 19.23
CA TYR A 84 -1.95 3.65 20.50
C TYR A 84 -0.64 2.93 20.58
N GLY A 85 0.31 3.27 19.68
CA GLY A 85 1.66 2.74 19.70
C GLY A 85 1.80 1.46 18.91
N HIS A 86 0.66 0.77 18.63
CA HIS A 86 0.64 -0.50 17.95
C HIS A 86 0.71 -0.27 16.48
N GLN A 87 0.84 -1.39 15.72
CA GLN A 87 0.85 -1.37 14.29
C GLN A 87 0.02 -2.53 13.87
N GLU A 88 -0.69 -2.34 12.74
CA GLU A 88 -1.42 -3.38 12.04
C GLU A 88 -0.68 -3.59 10.76
N VAL A 89 -0.77 -4.81 10.18
CA VAL A 89 -0.22 -5.08 8.88
C VAL A 89 -1.33 -5.67 8.05
N THR A 90 -1.41 -5.20 6.79
CA THR A 90 -2.36 -5.62 5.80
C THR A 90 -1.48 -6.00 4.65
N ARG A 91 -1.68 -7.19 4.04
CA ARG A 91 -0.77 -7.68 3.01
C ARG A 91 -1.55 -8.04 1.80
N PHE A 92 -0.89 -7.88 0.62
CA PHE A 92 -1.50 -8.08 -0.67
C PHE A 92 -0.40 -8.19 -1.70
N ASP A 93 -0.81 -8.41 -2.96
CA ASP A 93 0.04 -8.31 -4.12
C ASP A 93 -0.73 -7.49 -5.12
N PHE A 94 0.00 -6.81 -6.03
CA PHE A 94 -0.60 -6.16 -7.18
C PHE A 94 0.33 -6.34 -8.32
N THR A 95 -0.19 -6.04 -9.53
CA THR A 95 0.57 -6.03 -10.75
C THR A 95 0.49 -4.64 -11.30
N THR A 96 1.61 -4.14 -11.86
CA THR A 96 1.65 -2.90 -12.59
C THR A 96 1.99 -3.36 -13.97
N THR A 97 1.11 -3.06 -14.95
CA THR A 97 1.27 -3.51 -16.30
C THR A 97 0.72 -2.42 -17.18
N SER A 98 -0.62 -2.20 -17.12
CA SER A 98 -1.32 -1.18 -17.86
C SER A 98 -1.23 -1.45 -19.37
N SER A 6 -8.73 -4.76 15.80
CA SER A 6 -7.58 -4.73 14.86
C SER A 6 -7.60 -5.93 13.97
N GLY A 7 -7.36 -5.72 12.66
CA GLY A 7 -7.28 -6.79 11.71
C GLY A 7 -7.25 -6.15 10.35
N PRO A 8 -6.98 -6.90 9.28
CA PRO A 8 -6.61 -6.34 7.99
C PRO A 8 -7.61 -5.42 7.37
N VAL A 9 -7.04 -4.42 6.67
CA VAL A 9 -7.70 -3.37 5.94
C VAL A 9 -8.16 -3.96 4.62
N GLU A 10 -9.15 -3.29 4.00
CA GLU A 10 -9.67 -3.62 2.70
C GLU A 10 -9.09 -2.59 1.79
N VAL A 11 -8.10 -3.00 0.98
CA VAL A 11 -7.29 -2.12 0.19
C VAL A 11 -7.31 -2.69 -1.20
N PHE A 12 -7.36 -1.78 -2.19
CA PHE A 12 -7.65 -2.10 -3.56
C PHE A 12 -7.01 -1.04 -4.39
N ILE A 13 -6.57 -1.40 -5.62
CA ILE A 13 -5.96 -0.46 -6.54
C ILE A 13 -6.98 -0.26 -7.61
N THR A 14 -7.42 1.01 -7.77
CA THR A 14 -8.44 1.40 -8.72
C THR A 14 -7.80 2.36 -9.69
N GLU A 15 -8.63 2.89 -10.63
CA GLU A 15 -8.32 3.93 -11.58
C GLU A 15 -7.21 3.55 -12.53
N THR A 16 -7.01 2.22 -12.71
CA THR A 16 -5.93 1.68 -13.51
C THR A 16 -6.54 0.75 -14.55
N PRO A 17 -6.83 1.20 -15.77
CA PRO A 17 -7.16 0.32 -16.88
C PRO A 17 -5.90 -0.29 -17.44
N SER A 18 -4.77 0.42 -17.30
CA SER A 18 -3.46 -0.01 -17.73
C SER A 18 -2.54 1.12 -17.36
N GLN A 19 -1.69 0.90 -16.33
CA GLN A 19 -0.69 1.84 -15.90
C GLN A 19 0.46 0.99 -15.42
N PRO A 20 1.55 0.83 -16.17
CA PRO A 20 2.67 -0.01 -15.79
C PRO A 20 3.59 0.74 -14.85
N ASN A 21 3.36 2.06 -14.69
CA ASN A 21 4.26 2.98 -14.03
C ASN A 21 3.69 3.36 -12.71
N SER A 22 2.38 3.61 -12.70
CA SER A 22 1.67 4.15 -11.56
C SER A 22 0.67 3.13 -11.11
N HIS A 23 0.30 3.25 -9.82
CA HIS A 23 -0.80 2.54 -9.25
C HIS A 23 -1.40 3.45 -8.21
N PRO A 24 -2.48 4.18 -8.49
CA PRO A 24 -3.22 4.94 -7.52
C PRO A 24 -4.08 4.00 -6.68
N ILE A 25 -3.58 3.67 -5.48
CA ILE A 25 -4.11 2.79 -4.51
C ILE A 25 -5.00 3.61 -3.62
N GLN A 26 -6.06 2.97 -3.08
CA GLN A 26 -6.94 3.61 -2.14
C GLN A 26 -7.25 2.52 -1.15
N TRP A 27 -7.52 2.91 0.12
CA TRP A 27 -7.77 1.95 1.16
C TRP A 27 -8.91 2.45 1.99
N ASN A 28 -9.58 1.50 2.67
CA ASN A 28 -10.57 1.73 3.70
C ASN A 28 -9.80 1.67 4.96
N ALA A 29 -10.48 1.73 6.10
CA ALA A 29 -9.82 1.53 7.36
C ALA A 29 -10.87 1.05 8.34
N PRO A 30 -10.47 0.58 9.53
CA PRO A 30 -11.39 0.29 10.62
C PRO A 30 -12.08 1.53 11.14
N GLN A 31 -13.14 1.35 11.96
CA GLN A 31 -14.01 2.41 12.40
C GLN A 31 -13.41 3.21 13.55
N PRO A 32 -12.75 2.70 14.61
CA PRO A 32 -12.16 3.53 15.63
C PRO A 32 -11.00 4.34 15.11
N SER A 33 -10.74 5.51 15.74
CA SER A 33 -9.67 6.41 15.37
C SER A 33 -8.52 6.18 16.31
N HIS A 34 -8.06 4.92 16.34
CA HIS A 34 -6.91 4.47 17.10
C HIS A 34 -5.79 4.24 16.13
N ILE A 35 -6.08 4.39 14.81
CA ILE A 35 -5.13 4.25 13.74
C ILE A 35 -4.85 5.64 13.29
N SER A 36 -3.55 5.98 13.19
CA SER A 36 -3.07 7.27 12.80
C SER A 36 -2.58 7.16 11.39
N LYS A 37 -1.32 6.71 11.23
CA LYS A 37 -0.58 6.85 10.00
C LYS A 37 -0.84 5.66 9.15
N TYR A 38 -0.42 5.73 7.88
CA TYR A 38 -0.37 4.59 7.01
C TYR A 38 1.01 4.63 6.44
N ILE A 39 1.66 3.45 6.35
CA ILE A 39 2.89 3.26 5.64
C ILE A 39 2.45 2.35 4.55
N LEU A 40 2.83 2.69 3.30
CA LEU A 40 2.71 1.78 2.20
C LEU A 40 4.09 1.43 1.86
N ARG A 41 4.34 0.12 1.76
CA ARG A 41 5.63 -0.36 1.36
C ARG A 41 5.39 -1.40 0.31
N TRP A 42 6.41 -1.59 -0.55
CA TRP A 42 6.28 -2.44 -1.69
C TRP A 42 7.66 -2.91 -2.05
N ARG A 43 7.77 -4.18 -2.48
CA ARG A 43 9.00 -4.83 -2.83
C ARG A 43 8.68 -5.65 -4.04
N PRO A 44 9.51 -5.77 -5.07
CA PRO A 44 9.24 -6.64 -6.21
C PRO A 44 9.41 -8.07 -5.76
N LYS A 45 8.31 -8.86 -5.88
CA LYS A 45 8.20 -10.25 -5.50
C LYS A 45 9.06 -11.10 -6.41
N ASN A 46 10.34 -11.20 -6.03
CA ASN A 46 11.36 -11.92 -6.76
C ASN A 46 12.29 -12.34 -5.66
N SER A 47 13.04 -11.36 -5.12
CA SER A 47 13.91 -11.53 -3.97
C SER A 47 13.23 -10.89 -2.79
N VAL A 48 13.82 -11.09 -1.59
CA VAL A 48 13.39 -10.49 -0.36
C VAL A 48 14.54 -9.61 0.10
N GLY A 49 15.01 -8.74 -0.82
CA GLY A 49 16.14 -7.87 -0.61
C GLY A 49 15.66 -6.51 -0.21
N ARG A 50 16.18 -5.47 -0.91
CA ARG A 50 15.88 -4.08 -0.62
C ARG A 50 14.54 -3.72 -1.20
N TRP A 51 13.94 -2.62 -0.68
CA TRP A 51 12.59 -2.28 -1.01
C TRP A 51 12.32 -0.85 -0.66
N LYS A 52 11.14 -0.36 -1.13
CA LYS A 52 10.75 1.01 -1.04
C LYS A 52 9.63 1.11 -0.07
N GLU A 53 9.47 2.30 0.53
CA GLU A 53 8.33 2.61 1.34
C GLU A 53 8.10 4.09 1.26
N ALA A 54 6.86 4.50 1.62
CA ALA A 54 6.45 5.86 1.75
C ALA A 54 5.61 5.92 2.98
N THR A 55 5.46 7.13 3.56
CA THR A 55 4.63 7.35 4.73
C THR A 55 3.61 8.35 4.29
N ILE A 56 2.33 7.99 4.49
CA ILE A 56 1.18 8.72 4.04
C ILE A 56 0.49 9.18 5.31
N PRO A 57 0.03 10.42 5.44
CA PRO A 57 -0.69 10.89 6.61
C PRO A 57 -2.02 10.20 6.82
N GLY A 58 -2.62 10.38 8.01
CA GLY A 58 -3.84 9.71 8.42
C GLY A 58 -5.08 10.28 7.81
N HIS A 59 -5.02 11.54 7.30
CA HIS A 59 -6.17 12.19 6.70
C HIS A 59 -6.30 11.76 5.26
N LEU A 60 -5.18 11.38 4.62
CA LEU A 60 -5.16 10.86 3.29
C LEU A 60 -5.35 9.37 3.38
N ASN A 61 -6.27 8.85 2.54
CA ASN A 61 -6.67 7.46 2.54
C ASN A 61 -6.40 6.88 1.19
N SER A 62 -5.60 7.60 0.38
CA SER A 62 -5.26 7.20 -0.96
C SER A 62 -3.84 7.62 -1.19
N TYR A 63 -3.15 6.94 -2.13
CA TYR A 63 -1.79 7.29 -2.48
C TYR A 63 -1.56 6.92 -3.91
N THR A 64 -0.55 7.59 -4.51
CA THR A 64 -0.07 7.30 -5.84
C THR A 64 1.28 6.66 -5.66
N ILE A 65 1.41 5.36 -6.00
CA ILE A 65 2.66 4.65 -6.01
C ILE A 65 3.14 4.69 -7.43
N LYS A 66 3.93 5.72 -7.77
CA LYS A 66 4.51 5.90 -9.07
C LYS A 66 5.96 5.54 -9.00
N GLY A 67 6.56 5.25 -10.17
CA GLY A 67 7.95 4.88 -10.29
C GLY A 67 8.07 3.40 -10.15
N LEU A 68 7.27 2.68 -10.95
CA LEU A 68 7.25 1.24 -10.99
C LEU A 68 7.74 0.81 -12.34
N LYS A 69 8.22 -0.45 -12.44
CA LYS A 69 8.76 -1.05 -13.62
C LYS A 69 7.64 -1.82 -14.28
N PRO A 70 7.65 -2.08 -15.58
CA PRO A 70 6.61 -2.87 -16.24
C PRO A 70 6.85 -4.35 -16.03
N GLY A 71 5.79 -5.15 -16.27
CA GLY A 71 5.79 -6.58 -16.44
C GLY A 71 6.26 -7.39 -15.26
N VAL A 72 6.14 -6.85 -14.02
CA VAL A 72 6.69 -7.47 -12.84
C VAL A 72 5.63 -7.51 -11.77
N VAL A 73 5.67 -8.59 -10.95
CA VAL A 73 4.79 -8.77 -9.82
C VAL A 73 5.47 -8.18 -8.63
N TYR A 74 4.76 -7.27 -7.90
CA TYR A 74 5.20 -6.71 -6.65
C TYR A 74 4.36 -7.33 -5.58
N GLU A 75 4.95 -7.51 -4.38
CA GLU A 75 4.22 -7.71 -3.16
C GLU A 75 4.13 -6.36 -2.53
N GLY A 76 2.99 -6.07 -1.88
CA GLY A 76 2.77 -4.79 -1.25
C GLY A 76 2.23 -5.05 0.11
N GLN A 77 2.43 -4.08 1.04
CA GLN A 77 1.89 -4.17 2.36
C GLN A 77 1.50 -2.78 2.74
N LEU A 78 0.32 -2.70 3.38
CA LEU A 78 -0.22 -1.48 3.91
C LEU A 78 -0.19 -1.69 5.39
N ILE A 79 0.78 -1.07 6.10
CA ILE A 79 0.91 -1.18 7.53
C ILE A 79 0.25 0.06 8.06
N SER A 80 -0.68 -0.08 9.02
CA SER A 80 -1.46 1.01 9.56
C SER A 80 -1.04 1.19 10.99
N ILE A 81 -0.38 2.34 11.30
CA ILE A 81 0.32 2.50 12.56
C ILE A 81 -0.72 3.02 13.50
N GLN A 82 -0.73 2.46 14.73
CA GLN A 82 -1.66 2.80 15.77
C GLN A 82 -0.95 3.81 16.62
N GLN A 83 -1.72 4.82 17.11
CA GLN A 83 -1.19 5.98 17.78
C GLN A 83 -0.63 5.63 19.12
N TYR A 84 0.70 5.85 19.27
CA TYR A 84 1.50 5.61 20.45
C TYR A 84 1.46 4.17 20.91
N GLY A 85 1.59 3.21 19.98
CA GLY A 85 1.66 1.83 20.40
C GLY A 85 2.03 0.96 19.26
N HIS A 86 1.09 0.10 18.87
CA HIS A 86 1.27 -1.01 17.97
C HIS A 86 1.18 -0.55 16.55
N GLN A 87 1.17 -1.55 15.64
CA GLN A 87 0.87 -1.33 14.25
C GLN A 87 0.16 -2.58 13.78
N GLU A 88 -0.79 -2.36 12.85
CA GLU A 88 -1.62 -3.35 12.22
C GLU A 88 -1.01 -3.56 10.86
N VAL A 89 -1.04 -4.80 10.32
CA VAL A 89 -0.43 -5.10 9.04
C VAL A 89 -1.48 -5.70 8.15
N THR A 90 -1.47 -5.27 6.87
CA THR A 90 -2.31 -5.76 5.81
C THR A 90 -1.33 -6.15 4.74
N ARG A 91 -1.54 -7.31 4.08
CA ARG A 91 -0.65 -7.78 3.05
C ARG A 91 -1.47 -8.16 1.84
N PHE A 92 -0.91 -7.91 0.64
CA PHE A 92 -1.52 -8.15 -0.63
C PHE A 92 -0.41 -8.29 -1.62
N ASP A 93 -0.79 -8.49 -2.89
CA ASP A 93 0.12 -8.40 -4.02
C ASP A 93 -0.62 -7.72 -5.14
N PHE A 94 0.14 -7.18 -6.12
CA PHE A 94 -0.40 -6.62 -7.32
C PHE A 94 0.59 -6.87 -8.41
N THR A 95 0.16 -6.60 -9.65
CA THR A 95 0.98 -6.74 -10.82
C THR A 95 1.00 -5.42 -11.53
N THR A 96 2.15 -5.13 -12.17
CA THR A 96 2.28 -4.09 -13.17
C THR A 96 2.47 -4.88 -14.43
N THR A 97 1.68 -4.55 -15.47
CA THR A 97 1.72 -5.19 -16.76
C THR A 97 2.71 -4.42 -17.60
N SER A 98 2.90 -4.85 -18.87
CA SER A 98 3.75 -4.18 -19.80
C SER A 98 2.82 -3.58 -20.85
N SER A 6 -8.17 -3.25 15.93
CA SER A 6 -8.59 -3.38 14.52
C SER A 6 -7.88 -4.56 13.91
N GLY A 7 -7.29 -4.38 12.70
CA GLY A 7 -6.64 -5.46 12.01
C GLY A 7 -6.40 -4.95 10.62
N PRO A 8 -6.29 -5.85 9.64
CA PRO A 8 -5.97 -5.48 8.28
C PRO A 8 -6.96 -4.56 7.64
N VAL A 9 -6.41 -3.60 6.90
CA VAL A 9 -7.10 -2.56 6.17
C VAL A 9 -7.60 -3.19 4.90
N GLU A 10 -8.68 -2.62 4.32
CA GLU A 10 -9.34 -3.16 3.16
C GLU A 10 -8.90 -2.36 1.98
N VAL A 11 -7.89 -2.92 1.31
CA VAL A 11 -7.07 -2.26 0.33
C VAL A 11 -7.20 -3.00 -0.97
N PHE A 12 -7.21 -2.22 -2.08
CA PHE A 12 -7.54 -2.66 -3.40
C PHE A 12 -6.45 -3.50 -4.02
N ILE A 13 -6.81 -4.08 -5.20
CA ILE A 13 -6.00 -4.86 -6.08
C ILE A 13 -5.36 -3.90 -7.05
N THR A 14 -5.07 -4.41 -8.23
CA THR A 14 -4.60 -3.69 -9.40
C THR A 14 -5.75 -2.89 -9.98
N GLU A 15 -5.86 -1.62 -9.53
CA GLU A 15 -6.87 -0.68 -9.95
C GLU A 15 -6.47 0.04 -11.20
N THR A 16 -5.27 -0.26 -11.75
CA THR A 16 -4.79 0.32 -12.98
C THR A 16 -5.36 -0.50 -14.13
N PRO A 17 -5.88 0.10 -15.20
CA PRO A 17 -6.18 -0.61 -16.43
C PRO A 17 -4.88 -0.95 -17.12
N SER A 18 -4.17 0.07 -17.65
CA SER A 18 -2.83 -0.07 -18.14
C SER A 18 -2.17 1.23 -17.79
N GLN A 19 -1.20 1.16 -16.85
CA GLN A 19 -0.40 2.29 -16.43
C GLN A 19 0.99 1.74 -16.27
N PRO A 20 1.98 2.11 -17.08
CA PRO A 20 3.27 1.45 -17.10
C PRO A 20 4.16 1.95 -15.99
N ASN A 21 3.80 3.10 -15.37
CA ASN A 21 4.73 3.85 -14.57
C ASN A 21 4.21 4.02 -13.18
N SER A 22 2.89 4.18 -13.07
CA SER A 22 2.25 4.49 -11.82
C SER A 22 1.32 3.37 -11.45
N HIS A 23 1.13 3.22 -10.12
CA HIS A 23 0.09 2.40 -9.58
C HIS A 23 -0.36 3.07 -8.31
N PRO A 24 -1.52 3.70 -8.25
CA PRO A 24 -2.05 4.24 -7.02
C PRO A 24 -2.64 3.12 -6.19
N ILE A 25 -2.46 3.20 -4.86
CA ILE A 25 -3.06 2.29 -3.91
C ILE A 25 -4.20 3.08 -3.34
N GLN A 26 -5.35 2.42 -3.12
CA GLN A 26 -6.50 3.04 -2.50
C GLN A 26 -6.88 2.06 -1.43
N TRP A 27 -7.23 2.54 -0.23
CA TRP A 27 -7.58 1.68 0.87
C TRP A 27 -8.73 2.32 1.59
N ASN A 28 -9.39 1.55 2.47
CA ASN A 28 -10.48 2.04 3.27
C ASN A 28 -10.26 1.50 4.64
N ALA A 29 -10.36 2.39 5.63
CA ALA A 29 -9.92 2.16 6.98
C ALA A 29 -11.12 1.90 7.86
N PRO A 30 -10.93 1.42 9.08
CA PRO A 30 -11.98 1.30 10.08
C PRO A 30 -12.50 2.65 10.52
N GLN A 31 -13.74 2.68 11.06
CA GLN A 31 -14.41 3.89 11.48
C GLN A 31 -13.96 4.33 12.87
N PRO A 32 -13.84 3.51 13.94
CA PRO A 32 -13.45 4.01 15.25
C PRO A 32 -12.02 4.48 15.30
N SER A 33 -11.66 5.25 16.36
CA SER A 33 -10.32 5.77 16.55
C SER A 33 -9.44 4.65 17.04
N HIS A 34 -8.34 4.42 16.30
CA HIS A 34 -7.48 3.29 16.52
C HIS A 34 -6.31 3.47 15.59
N ILE A 35 -6.59 3.89 14.34
CA ILE A 35 -5.62 3.96 13.28
C ILE A 35 -5.53 5.39 12.88
N SER A 36 -4.28 5.87 12.68
CA SER A 36 -3.98 7.20 12.24
C SER A 36 -3.36 7.06 10.89
N LYS A 37 -2.04 6.82 10.85
CA LYS A 37 -1.21 6.98 9.67
C LYS A 37 -1.25 5.72 8.87
N TYR A 38 -0.74 5.79 7.63
CA TYR A 38 -0.67 4.65 6.78
C TYR A 38 0.72 4.67 6.24
N ILE A 39 1.41 3.52 6.27
CA ILE A 39 2.74 3.38 5.77
C ILE A 39 2.58 2.30 4.74
N LEU A 40 3.05 2.57 3.50
CA LEU A 40 3.00 1.60 2.44
C LEU A 40 4.41 1.20 2.19
N ARG A 41 4.59 -0.12 2.07
CA ARG A 41 5.80 -0.71 1.58
C ARG A 41 5.40 -1.34 0.27
N TRP A 42 6.38 -1.51 -0.63
CA TRP A 42 6.20 -2.28 -1.83
C TRP A 42 7.55 -2.76 -2.27
N ARG A 43 7.57 -3.94 -2.95
CA ARG A 43 8.74 -4.38 -3.67
C ARG A 43 8.26 -5.23 -4.82
N PRO A 44 8.93 -5.28 -5.95
CA PRO A 44 8.60 -6.21 -7.02
C PRO A 44 9.10 -7.57 -6.61
N LYS A 45 8.35 -8.64 -6.98
CA LYS A 45 8.71 -10.02 -6.73
C LYS A 45 9.88 -10.44 -7.59
N ASN A 46 11.09 -10.07 -7.15
CA ASN A 46 12.31 -10.34 -7.86
C ASN A 46 13.36 -10.16 -6.80
N SER A 47 13.35 -8.96 -6.17
CA SER A 47 14.17 -8.64 -5.04
C SER A 47 13.48 -9.15 -3.81
N VAL A 48 14.27 -9.63 -2.84
CA VAL A 48 13.82 -10.14 -1.57
C VAL A 48 14.76 -9.59 -0.53
N GLY A 49 15.57 -8.57 -0.91
CA GLY A 49 16.60 -8.00 -0.07
C GLY A 49 16.07 -6.72 0.50
N ARG A 50 16.38 -5.60 -0.18
CA ARG A 50 15.91 -4.29 0.19
C ARG A 50 14.62 -4.03 -0.52
N TRP A 51 13.94 -2.92 -0.16
CA TRP A 51 12.67 -2.58 -0.74
C TRP A 51 12.39 -1.13 -0.55
N LYS A 52 11.23 -0.68 -1.07
CA LYS A 52 10.84 0.71 -1.05
C LYS A 52 9.71 0.82 -0.10
N GLU A 53 9.58 2.02 0.49
CA GLU A 53 8.55 2.31 1.46
C GLU A 53 8.31 3.79 1.42
N ALA A 54 7.11 4.21 1.86
CA ALA A 54 6.73 5.60 2.00
C ALA A 54 5.82 5.72 3.18
N THR A 55 5.63 6.96 3.67
CA THR A 55 4.76 7.27 4.79
C THR A 55 3.75 8.25 4.25
N ILE A 56 2.44 7.90 4.45
CA ILE A 56 1.30 8.63 3.95
C ILE A 56 0.60 9.16 5.18
N PRO A 57 0.15 10.42 5.23
CA PRO A 57 -0.59 10.98 6.35
C PRO A 57 -1.91 10.30 6.59
N GLY A 58 -2.51 10.56 7.78
CA GLY A 58 -3.68 9.86 8.24
C GLY A 58 -4.97 10.40 7.68
N HIS A 59 -4.93 11.60 7.06
CA HIS A 59 -6.09 12.22 6.44
C HIS A 59 -6.27 11.68 5.05
N LEU A 60 -5.16 11.25 4.41
CA LEU A 60 -5.19 10.70 3.08
C LEU A 60 -5.42 9.23 3.18
N ASN A 61 -6.39 8.73 2.40
CA ASN A 61 -6.81 7.35 2.39
C ASN A 61 -6.37 6.69 1.10
N SER A 62 -5.51 7.38 0.33
CA SER A 62 -5.03 6.89 -0.94
C SER A 62 -3.63 7.38 -1.11
N TYR A 63 -2.90 6.74 -2.05
CA TYR A 63 -1.52 7.06 -2.36
C TYR A 63 -1.38 6.95 -3.85
N THR A 64 -0.18 7.33 -4.35
CA THR A 64 0.24 7.20 -5.70
C THR A 64 1.66 6.72 -5.63
N ILE A 65 1.92 5.46 -6.05
CA ILE A 65 3.26 4.92 -6.17
C ILE A 65 3.64 5.22 -7.60
N LYS A 66 4.90 5.65 -7.83
CA LYS A 66 5.38 5.99 -9.16
C LYS A 66 6.78 5.49 -9.32
N GLY A 67 7.21 5.38 -10.60
CA GLY A 67 8.54 4.99 -11.00
C GLY A 67 8.63 3.49 -11.01
N LEU A 68 7.65 2.86 -11.70
CA LEU A 68 7.45 1.44 -11.68
C LEU A 68 7.65 0.92 -13.07
N LYS A 69 7.66 -0.43 -13.22
CA LYS A 69 8.00 -1.10 -14.45
C LYS A 69 6.70 -1.56 -15.08
N PRO A 70 6.62 -1.68 -16.40
CA PRO A 70 5.50 -2.28 -17.10
C PRO A 70 5.39 -3.76 -16.81
N GLY A 71 4.14 -4.23 -16.54
CA GLY A 71 3.72 -5.61 -16.50
C GLY A 71 4.51 -6.49 -15.57
N VAL A 72 4.68 -6.02 -14.33
CA VAL A 72 5.40 -6.76 -13.31
C VAL A 72 4.52 -6.81 -12.09
N VAL A 73 4.67 -7.91 -11.31
CA VAL A 73 3.90 -8.17 -10.12
C VAL A 73 4.70 -7.68 -8.94
N TYR A 74 4.03 -6.98 -8.01
CA TYR A 74 4.59 -6.47 -6.80
C TYR A 74 3.86 -7.15 -5.68
N GLU A 75 4.57 -7.31 -4.53
CA GLU A 75 3.94 -7.55 -3.26
C GLU A 75 3.92 -6.20 -2.59
N GLY A 76 2.82 -5.92 -1.85
CA GLY A 76 2.67 -4.67 -1.16
C GLY A 76 2.20 -4.97 0.22
N GLN A 77 2.58 -4.10 1.18
CA GLN A 77 2.13 -4.24 2.54
C GLN A 77 1.74 -2.88 3.00
N LEU A 78 0.60 -2.81 3.70
CA LEU A 78 0.02 -1.58 4.17
C LEU A 78 -0.06 -1.71 5.66
N ILE A 79 0.83 -1.00 6.38
CA ILE A 79 0.93 -1.01 7.81
C ILE A 79 0.21 0.22 8.26
N SER A 80 -0.74 0.10 9.22
CA SER A 80 -1.54 1.20 9.69
C SER A 80 -1.22 1.44 11.13
N ILE A 81 -0.62 2.61 11.44
CA ILE A 81 0.06 2.88 12.68
C ILE A 81 -0.95 3.55 13.58
N GLN A 82 -0.89 3.21 14.89
CA GLN A 82 -1.63 3.85 15.95
C GLN A 82 -0.64 4.74 16.63
N GLN A 83 -1.08 5.95 17.05
CA GLN A 83 -0.22 6.96 17.64
C GLN A 83 0.28 6.50 18.98
N TYR A 84 1.63 6.31 19.06
CA TYR A 84 2.38 5.95 20.24
C TYR A 84 1.94 4.63 20.82
N GLY A 85 1.64 3.62 19.95
CA GLY A 85 1.16 2.36 20.44
C GLY A 85 1.40 1.33 19.40
N HIS A 86 0.29 0.71 18.94
CA HIS A 86 0.29 -0.47 18.11
C HIS A 86 0.51 -0.12 16.67
N GLN A 87 0.53 -1.17 15.82
CA GLN A 87 0.46 -1.04 14.40
C GLN A 87 -0.06 -2.34 13.87
N GLU A 88 -1.05 -2.24 12.95
CA GLU A 88 -1.72 -3.36 12.34
C GLU A 88 -1.10 -3.51 10.99
N VAL A 89 -0.97 -4.75 10.46
CA VAL A 89 -0.28 -5.00 9.21
C VAL A 89 -1.25 -5.68 8.28
N THR A 90 -1.16 -5.30 6.99
CA THR A 90 -1.98 -5.79 5.91
C THR A 90 -0.99 -6.28 4.88
N ARG A 91 -1.32 -7.36 4.15
CA ARG A 91 -0.51 -7.82 3.05
C ARG A 91 -1.43 -8.12 1.89
N PHE A 92 -0.94 -7.81 0.66
CA PHE A 92 -1.67 -7.99 -0.57
C PHE A 92 -0.64 -8.13 -1.66
N ASP A 93 -1.11 -8.39 -2.90
CA ASP A 93 -0.31 -8.36 -4.09
C ASP A 93 -1.11 -7.58 -5.11
N PHE A 94 -0.41 -6.95 -6.08
CA PHE A 94 -1.04 -6.29 -7.20
C PHE A 94 -0.07 -6.35 -8.33
N THR A 95 -0.52 -5.86 -9.50
CA THR A 95 0.30 -5.72 -10.68
C THR A 95 0.26 -4.27 -11.09
N THR A 96 1.39 -3.78 -11.66
CA THR A 96 1.44 -2.52 -12.36
C THR A 96 1.37 -2.96 -13.80
N THR A 97 0.33 -2.45 -14.51
CA THR A 97 -0.14 -2.92 -15.80
C THR A 97 -0.74 -4.30 -15.56
N SER A 98 -0.32 -5.32 -16.35
CA SER A 98 -0.68 -6.69 -16.18
C SER A 98 0.16 -7.48 -17.18
N SER A 6 -9.24 -2.05 13.83
CA SER A 6 -9.58 -3.43 14.25
C SER A 6 -8.51 -4.36 13.76
N GLY A 7 -8.51 -4.66 12.44
CA GLY A 7 -7.60 -5.59 11.84
C GLY A 7 -7.26 -5.02 10.49
N PRO A 8 -7.01 -5.86 9.48
CA PRO A 8 -6.59 -5.44 8.17
C PRO A 8 -7.56 -4.51 7.50
N VAL A 9 -6.98 -3.52 6.81
CA VAL A 9 -7.65 -2.43 6.15
C VAL A 9 -8.18 -2.97 4.84
N GLU A 10 -9.23 -2.33 4.30
CA GLU A 10 -9.95 -2.79 3.14
C GLU A 10 -9.43 -2.06 1.95
N VAL A 11 -8.37 -2.66 1.37
CA VAL A 11 -7.52 -2.02 0.40
C VAL A 11 -7.77 -2.69 -0.93
N PHE A 12 -7.91 -1.83 -1.96
CA PHE A 12 -8.10 -2.20 -3.33
C PHE A 12 -7.18 -1.30 -4.08
N ILE A 13 -7.09 -1.51 -5.41
CA ILE A 13 -6.31 -0.66 -6.27
C ILE A 13 -7.28 0.08 -7.16
N THR A 14 -7.18 1.42 -7.11
CA THR A 14 -8.03 2.34 -7.82
C THR A 14 -7.27 2.82 -9.05
N GLU A 15 -8.02 3.26 -10.08
CA GLU A 15 -7.59 4.00 -11.25
C GLU A 15 -6.52 3.28 -12.04
N THR A 16 -6.65 1.94 -12.15
CA THR A 16 -5.73 1.12 -12.90
C THR A 16 -6.51 0.29 -13.90
N PRO A 17 -6.81 0.77 -15.11
CA PRO A 17 -7.21 -0.08 -16.21
C PRO A 17 -5.98 -0.75 -16.80
N SER A 18 -4.79 -0.11 -16.65
CA SER A 18 -3.51 -0.56 -17.12
C SER A 18 -2.58 0.58 -16.87
N GLN A 19 -1.65 0.40 -15.89
CA GLN A 19 -0.68 1.40 -15.54
C GLN A 19 0.52 0.64 -15.02
N PRO A 20 1.63 0.49 -15.75
CA PRO A 20 2.78 -0.26 -15.27
C PRO A 20 3.66 0.60 -14.40
N ASN A 21 3.45 1.94 -14.41
CA ASN A 21 4.39 2.89 -13.86
C ASN A 21 3.91 3.40 -12.55
N SER A 22 2.60 3.69 -12.48
CA SER A 22 1.99 4.22 -11.29
C SER A 22 0.93 3.27 -10.85
N HIS A 23 0.79 3.15 -9.52
CA HIS A 23 -0.26 2.37 -8.91
C HIS A 23 -0.80 3.22 -7.80
N PRO A 24 -1.85 4.01 -8.01
CA PRO A 24 -2.54 4.71 -6.95
C PRO A 24 -3.39 3.72 -6.19
N ILE A 25 -3.23 3.72 -4.85
CA ILE A 25 -3.84 2.79 -3.95
C ILE A 25 -4.93 3.59 -3.29
N GLN A 26 -6.04 2.93 -2.89
CA GLN A 26 -7.03 3.56 -2.03
C GLN A 26 -7.44 2.46 -1.09
N TRP A 27 -7.69 2.82 0.19
CA TRP A 27 -7.98 1.87 1.22
C TRP A 27 -9.13 2.44 2.01
N ASN A 28 -9.80 1.59 2.82
CA ASN A 28 -10.94 2.02 3.62
C ASN A 28 -10.68 1.51 5.00
N ALA A 29 -10.76 2.43 5.99
CA ALA A 29 -10.32 2.19 7.34
C ALA A 29 -11.41 1.51 8.14
N PRO A 30 -11.08 0.87 9.27
CA PRO A 30 -12.06 0.35 10.21
C PRO A 30 -12.85 1.45 10.88
N GLN A 31 -13.89 1.07 11.66
CA GLN A 31 -14.77 2.00 12.32
C GLN A 31 -14.15 2.51 13.60
N PRO A 32 -13.55 1.76 14.55
CA PRO A 32 -12.91 2.34 15.72
C PRO A 32 -11.66 3.12 15.36
N SER A 33 -11.17 3.96 16.31
CA SER A 33 -9.95 4.72 16.13
C SER A 33 -8.82 3.83 16.62
N HIS A 34 -8.34 2.99 15.68
CA HIS A 34 -7.35 1.98 15.92
C HIS A 34 -6.16 2.35 15.09
N ILE A 35 -6.38 3.04 13.97
CA ILE A 35 -5.39 3.29 12.95
C ILE A 35 -5.34 4.76 12.72
N SER A 36 -4.10 5.29 12.61
CA SER A 36 -3.81 6.67 12.35
C SER A 36 -3.19 6.72 10.98
N LYS A 37 -1.85 6.52 10.94
CA LYS A 37 -0.99 6.82 9.82
C LYS A 37 -0.97 5.62 8.93
N TYR A 38 -0.56 5.78 7.65
CA TYR A 38 -0.47 4.66 6.75
C TYR A 38 0.91 4.72 6.18
N ILE A 39 1.57 3.55 6.03
CA ILE A 39 2.83 3.44 5.36
C ILE A 39 2.53 2.40 4.32
N LEU A 40 2.92 2.68 3.05
CA LEU A 40 2.81 1.73 1.98
C LEU A 40 4.20 1.33 1.67
N ARG A 41 4.42 0.01 1.67
CA ARG A 41 5.67 -0.57 1.27
C ARG A 41 5.35 -1.38 0.05
N TRP A 42 6.39 -1.65 -0.75
CA TRP A 42 6.27 -2.50 -1.91
C TRP A 42 7.65 -3.02 -2.22
N ARG A 43 7.74 -4.31 -2.65
CA ARG A 43 8.97 -4.95 -3.01
C ARG A 43 8.72 -5.62 -4.34
N PRO A 44 9.47 -5.41 -5.42
CA PRO A 44 9.37 -6.22 -6.62
C PRO A 44 10.00 -7.57 -6.35
N LYS A 45 9.17 -8.63 -6.46
CA LYS A 45 9.57 -10.01 -6.26
C LYS A 45 10.45 -10.48 -7.39
N ASN A 46 11.76 -10.28 -7.21
CA ASN A 46 12.81 -10.77 -8.06
C ASN A 46 13.82 -11.26 -7.07
N SER A 47 14.43 -10.32 -6.32
CA SER A 47 15.30 -10.60 -5.20
C SER A 47 14.51 -10.35 -3.96
N VAL A 48 15.05 -10.79 -2.81
CA VAL A 48 14.47 -10.61 -1.50
C VAL A 48 15.51 -9.87 -0.70
N GLY A 49 15.94 -8.70 -1.23
CA GLY A 49 16.97 -7.88 -0.64
C GLY A 49 16.31 -6.71 0.00
N ARG A 50 16.49 -5.52 -0.59
CA ARG A 50 15.95 -4.27 -0.10
C ARG A 50 14.60 -4.06 -0.72
N TRP A 51 13.89 -3.02 -0.26
CA TRP A 51 12.57 -2.69 -0.76
C TRP A 51 12.34 -1.23 -0.54
N LYS A 52 11.18 -0.73 -1.03
CA LYS A 52 10.84 0.67 -1.01
C LYS A 52 9.69 0.83 -0.07
N GLU A 53 9.53 2.07 0.44
CA GLU A 53 8.38 2.44 1.21
C GLU A 53 8.17 3.91 1.03
N ALA A 54 6.94 4.36 1.37
CA ALA A 54 6.58 5.75 1.44
C ALA A 54 5.62 5.87 2.58
N THR A 55 5.44 7.10 3.11
CA THR A 55 4.65 7.35 4.30
C THR A 55 3.57 8.33 3.89
N ILE A 56 2.31 7.99 4.23
CA ILE A 56 1.13 8.72 3.85
C ILE A 56 0.54 9.21 5.16
N PRO A 57 0.11 10.47 5.29
CA PRO A 57 -0.57 10.97 6.47
C PRO A 57 -1.89 10.30 6.74
N GLY A 58 -2.43 10.46 7.97
CA GLY A 58 -3.57 9.72 8.44
C GLY A 58 -4.88 10.29 7.98
N HIS A 59 -4.87 11.55 7.47
CA HIS A 59 -6.06 12.20 6.97
C HIS A 59 -6.31 11.78 5.54
N LEU A 60 -5.25 11.37 4.82
CA LEU A 60 -5.35 10.89 3.46
C LEU A 60 -5.61 9.41 3.51
N ASN A 61 -6.60 8.97 2.71
CA ASN A 61 -7.07 7.60 2.67
C ASN A 61 -6.68 6.97 1.37
N SER A 62 -5.84 7.67 0.58
CA SER A 62 -5.42 7.21 -0.72
C SER A 62 -4.00 7.66 -0.92
N TYR A 63 -3.32 7.03 -1.90
CA TYR A 63 -1.95 7.34 -2.24
C TYR A 63 -1.82 7.26 -3.74
N THR A 64 -0.60 7.63 -4.22
CA THR A 64 -0.15 7.49 -5.58
C THR A 64 1.24 6.96 -5.43
N ILE A 65 1.47 5.66 -5.81
CA ILE A 65 2.78 5.10 -5.93
C ILE A 65 3.19 5.42 -7.34
N LYS A 66 4.49 5.72 -7.57
CA LYS A 66 5.02 5.92 -8.89
C LYS A 66 6.43 5.43 -8.92
N GLY A 67 6.94 5.16 -10.15
CA GLY A 67 8.29 4.74 -10.39
C GLY A 67 8.38 3.26 -10.26
N LEU A 68 7.48 2.58 -10.98
CA LEU A 68 7.36 1.13 -10.97
C LEU A 68 7.79 0.65 -12.33
N LYS A 69 7.86 -0.69 -12.49
CA LYS A 69 8.47 -1.34 -13.63
C LYS A 69 7.36 -2.08 -14.35
N PRO A 70 7.41 -2.33 -15.65
CA PRO A 70 6.41 -3.11 -16.35
C PRO A 70 6.62 -4.58 -16.13
N GLY A 71 5.53 -5.37 -16.26
CA GLY A 71 5.48 -6.80 -16.36
C GLY A 71 6.08 -7.58 -15.21
N VAL A 72 6.03 -7.02 -13.99
CA VAL A 72 6.60 -7.64 -12.81
C VAL A 72 5.55 -7.70 -11.74
N VAL A 73 5.63 -8.75 -10.89
CA VAL A 73 4.76 -8.92 -9.74
C VAL A 73 5.46 -8.31 -8.55
N TYR A 74 4.76 -7.35 -7.88
CA TYR A 74 5.20 -6.75 -6.65
C TYR A 74 4.42 -7.40 -5.53
N GLU A 75 5.06 -7.45 -4.36
CA GLU A 75 4.48 -7.70 -3.06
C GLU A 75 4.21 -6.33 -2.52
N GLY A 76 3.02 -6.10 -1.91
CA GLY A 76 2.72 -4.80 -1.37
C GLY A 76 2.13 -5.01 -0.02
N GLN A 77 2.42 -4.06 0.90
CA GLN A 77 1.97 -4.17 2.26
C GLN A 77 1.59 -2.78 2.67
N LEU A 78 0.45 -2.67 3.35
CA LEU A 78 -0.10 -1.44 3.84
C LEU A 78 -0.05 -1.62 5.34
N ILE A 79 1.00 -1.04 5.96
CA ILE A 79 1.26 -1.13 7.38
C ILE A 79 0.59 0.11 7.94
N SER A 80 -0.31 -0.05 8.92
CA SER A 80 -1.15 1.02 9.37
C SER A 80 -0.87 1.25 10.83
N ILE A 81 -0.27 2.42 11.15
CA ILE A 81 0.37 2.63 12.42
C ILE A 81 -0.68 3.12 13.36
N GLN A 82 -0.59 2.61 14.59
CA GLN A 82 -1.46 2.93 15.69
C GLN A 82 -0.67 3.87 16.54
N GLN A 83 -1.31 5.00 16.94
CA GLN A 83 -0.71 6.06 17.73
C GLN A 83 -0.58 5.71 19.20
N TYR A 84 -0.15 4.47 19.51
CA TYR A 84 0.15 4.03 20.86
C TYR A 84 1.38 3.15 20.76
N GLY A 85 2.14 3.29 19.65
CA GLY A 85 3.40 2.62 19.45
C GLY A 85 3.23 1.36 18.65
N HIS A 86 2.01 0.81 18.62
CA HIS A 86 1.68 -0.44 17.95
C HIS A 86 1.48 -0.17 16.50
N GLN A 87 1.19 -1.25 15.73
CA GLN A 87 0.85 -1.13 14.34
C GLN A 87 0.11 -2.36 13.91
N GLU A 88 -0.56 -2.22 12.75
CA GLU A 88 -1.35 -3.23 12.10
C GLU A 88 -0.67 -3.49 10.78
N VAL A 89 -0.85 -4.70 10.21
CA VAL A 89 -0.32 -5.07 8.91
C VAL A 89 -1.48 -5.57 8.10
N THR A 90 -1.54 -5.09 6.84
CA THR A 90 -2.45 -5.52 5.82
C THR A 90 -1.51 -5.96 4.72
N ARG A 91 -1.73 -7.16 4.12
CA ARG A 91 -0.79 -7.72 3.18
C ARG A 91 -1.52 -8.17 1.94
N PHE A 92 -0.87 -7.98 0.76
CA PHE A 92 -1.46 -8.26 -0.53
C PHE A 92 -0.33 -8.36 -1.51
N ASP A 93 -0.68 -8.56 -2.79
CA ASP A 93 0.23 -8.45 -3.90
C ASP A 93 -0.50 -7.70 -4.97
N PHE A 94 0.25 -7.13 -5.94
CA PHE A 94 -0.33 -6.55 -7.13
C PHE A 94 0.60 -6.84 -8.26
N THR A 95 0.09 -6.67 -9.49
CA THR A 95 0.84 -6.84 -10.70
C THR A 95 0.86 -5.51 -11.38
N THR A 96 2.04 -5.14 -11.92
CA THR A 96 2.24 -3.98 -12.75
C THR A 96 2.45 -4.56 -14.11
N THR A 97 1.69 -4.07 -15.11
CA THR A 97 1.77 -4.57 -16.45
C THR A 97 1.25 -3.49 -17.34
N SER A 98 1.73 -3.47 -18.60
CA SER A 98 1.27 -2.57 -19.62
C SER A 98 0.15 -3.29 -20.39
N SER A 6 -10.68 -2.78 13.35
CA SER A 6 -9.28 -3.20 13.62
C SER A 6 -8.86 -4.34 12.74
N GLY A 7 -7.56 -4.69 12.78
CA GLY A 7 -6.97 -5.75 11.99
C GLY A 7 -6.59 -5.19 10.65
N PRO A 8 -6.47 -6.03 9.62
CA PRO A 8 -6.05 -5.61 8.31
C PRO A 8 -6.97 -4.61 7.68
N VAL A 9 -6.33 -3.65 7.01
CA VAL A 9 -6.91 -2.55 6.27
C VAL A 9 -7.38 -3.14 4.96
N GLU A 10 -8.44 -2.56 4.40
CA GLU A 10 -9.17 -3.12 3.28
C GLU A 10 -8.80 -2.38 2.04
N VAL A 11 -7.81 -2.93 1.31
CA VAL A 11 -7.05 -2.21 0.32
C VAL A 11 -7.21 -2.93 -1.00
N PHE A 12 -7.29 -2.12 -2.08
CA PHE A 12 -7.68 -2.55 -3.38
C PHE A 12 -7.08 -1.59 -4.37
N ILE A 13 -7.29 -1.87 -5.67
CA ILE A 13 -7.17 -0.89 -6.72
C ILE A 13 -8.35 -1.21 -7.61
N THR A 14 -9.10 -0.17 -8.00
CA THR A 14 -10.32 -0.33 -8.76
C THR A 14 -10.22 0.53 -9.99
N GLU A 15 -10.43 -0.12 -11.16
CA GLU A 15 -10.64 0.48 -12.45
C GLU A 15 -9.42 1.20 -12.96
N THR A 16 -8.27 0.48 -12.99
CA THR A 16 -7.09 0.92 -13.71
C THR A 16 -7.14 0.15 -15.01
N PRO A 17 -7.12 0.76 -16.20
CA PRO A 17 -7.18 0.02 -17.45
C PRO A 17 -5.81 -0.54 -17.77
N SER A 18 -4.75 0.27 -17.54
CA SER A 18 -3.38 -0.06 -17.81
C SER A 18 -2.65 1.18 -17.39
N GLN A 19 -1.59 0.99 -16.57
CA GLN A 19 -0.79 2.09 -16.10
C GLN A 19 0.56 1.49 -15.77
N PRO A 20 1.59 1.60 -16.60
CA PRO A 20 2.82 0.84 -16.43
C PRO A 20 3.74 1.51 -15.45
N ASN A 21 3.51 2.81 -15.18
CA ASN A 21 4.44 3.67 -14.49
C ASN A 21 4.00 3.88 -13.09
N SER A 22 2.68 4.06 -12.91
CA SER A 22 2.10 4.32 -11.62
C SER A 22 1.19 3.18 -11.28
N HIS A 23 0.95 3.02 -9.96
CA HIS A 23 -0.04 2.14 -9.43
C HIS A 23 -0.80 2.93 -8.39
N PRO A 24 -1.87 3.64 -8.75
CA PRO A 24 -2.59 4.52 -7.83
C PRO A 24 -3.59 3.73 -7.02
N ILE A 25 -3.28 3.43 -5.73
CA ILE A 25 -4.11 2.57 -4.92
C ILE A 25 -5.07 3.40 -4.12
N GLN A 26 -6.07 2.73 -3.49
CA GLN A 26 -6.94 3.34 -2.52
C GLN A 26 -7.21 2.27 -1.51
N TRP A 27 -7.41 2.66 -0.22
CA TRP A 27 -7.73 1.73 0.84
C TRP A 27 -8.92 2.30 1.55
N ASN A 28 -9.63 1.37 2.21
CA ASN A 28 -10.74 1.62 3.09
C ASN A 28 -10.17 1.25 4.42
N ALA A 29 -10.67 1.93 5.46
CA ALA A 29 -10.08 1.94 6.77
C ALA A 29 -11.05 1.31 7.73
N PRO A 30 -10.64 1.03 8.97
CA PRO A 30 -11.54 0.68 10.06
C PRO A 30 -12.46 1.81 10.43
N GLN A 31 -13.47 1.54 11.28
CA GLN A 31 -14.52 2.46 11.62
C GLN A 31 -14.09 3.46 12.68
N PRO A 32 -13.62 3.15 13.90
CA PRO A 32 -13.28 4.18 14.88
C PRO A 32 -11.98 4.87 14.52
N SER A 33 -11.67 5.98 15.22
CA SER A 33 -10.44 6.72 15.06
C SER A 33 -9.43 6.07 15.98
N HIS A 34 -8.78 5.01 15.46
CA HIS A 34 -7.90 4.13 16.18
C HIS A 34 -6.56 4.16 15.51
N ILE A 35 -6.55 4.46 14.20
CA ILE A 35 -5.40 4.37 13.33
C ILE A 35 -4.95 5.80 13.16
N SER A 36 -3.62 6.06 13.23
CA SER A 36 -3.04 7.34 12.99
C SER A 36 -2.60 7.30 11.56
N LYS A 37 -1.38 6.78 11.33
CA LYS A 37 -0.68 6.88 10.07
C LYS A 37 -1.01 5.71 9.21
N TYR A 38 -0.58 5.77 7.94
CA TYR A 38 -0.47 4.62 7.08
C TYR A 38 0.95 4.66 6.61
N ILE A 39 1.61 3.49 6.51
CA ILE A 39 2.90 3.33 5.91
C ILE A 39 2.61 2.35 4.82
N LEU A 40 3.01 2.68 3.58
CA LEU A 40 2.95 1.75 2.48
C LEU A 40 4.35 1.37 2.22
N ARG A 41 4.57 0.06 2.00
CA ARG A 41 5.80 -0.41 1.45
C ARG A 41 5.46 -1.34 0.34
N TRP A 42 6.41 -1.50 -0.60
CA TRP A 42 6.22 -2.29 -1.79
C TRP A 42 7.58 -2.72 -2.24
N ARG A 43 7.68 -3.95 -2.80
CA ARG A 43 8.89 -4.51 -3.32
C ARG A 43 8.49 -5.13 -4.63
N PRO A 44 9.25 -5.07 -5.73
CA PRO A 44 9.00 -5.90 -6.89
C PRO A 44 9.40 -7.31 -6.57
N LYS A 45 8.40 -8.24 -6.58
CA LYS A 45 8.54 -9.62 -6.20
C LYS A 45 9.30 -10.39 -7.25
N ASN A 46 10.63 -10.32 -7.17
CA ASN A 46 11.55 -10.90 -8.12
C ASN A 46 12.72 -11.26 -7.26
N SER A 47 13.48 -10.23 -6.82
CA SER A 47 14.56 -10.37 -5.87
C SER A 47 14.01 -10.02 -4.51
N VAL A 48 14.80 -10.32 -3.46
CA VAL A 48 14.48 -10.02 -2.09
C VAL A 48 15.65 -9.24 -1.55
N GLY A 49 16.00 -8.13 -2.25
CA GLY A 49 17.12 -7.29 -1.92
C GLY A 49 16.65 -6.19 -1.04
N ARG A 50 16.56 -4.96 -1.60
CA ARG A 50 16.06 -3.79 -0.92
C ARG A 50 14.68 -3.53 -1.45
N TRP A 51 13.95 -2.60 -0.79
CA TRP A 51 12.60 -2.28 -1.16
C TRP A 51 12.33 -0.86 -0.79
N LYS A 52 11.15 -0.36 -1.20
CA LYS A 52 10.77 1.03 -1.09
C LYS A 52 9.67 1.12 -0.09
N GLU A 53 9.53 2.31 0.52
CA GLU A 53 8.44 2.62 1.39
C GLU A 53 8.20 4.10 1.34
N ALA A 54 6.98 4.49 1.76
CA ALA A 54 6.58 5.86 1.96
C ALA A 54 5.82 5.89 3.24
N THR A 55 5.76 7.07 3.88
CA THR A 55 4.99 7.28 5.09
C THR A 55 3.97 8.32 4.71
N ILE A 56 2.68 7.96 4.90
CA ILE A 56 1.55 8.64 4.34
C ILE A 56 0.74 9.14 5.52
N PRO A 57 0.20 10.35 5.51
CA PRO A 57 -0.65 10.87 6.57
C PRO A 57 -1.96 10.13 6.70
N GLY A 58 -2.64 10.31 7.86
CA GLY A 58 -3.85 9.60 8.20
C GLY A 58 -5.08 10.12 7.52
N HIS A 59 -5.02 11.37 6.97
CA HIS A 59 -6.15 11.98 6.31
C HIS A 59 -6.21 11.51 4.88
N LEU A 60 -5.05 11.07 4.32
CA LEU A 60 -4.99 10.53 2.98
C LEU A 60 -5.27 9.06 3.06
N ASN A 61 -6.27 8.63 2.27
CA ASN A 61 -6.79 7.29 2.27
C ASN A 61 -6.46 6.63 0.95
N SER A 62 -5.66 7.31 0.11
CA SER A 62 -5.29 6.82 -1.19
C SER A 62 -3.86 7.22 -1.41
N TYR A 63 -3.15 6.46 -2.27
CA TYR A 63 -1.78 6.76 -2.58
C TYR A 63 -1.60 6.68 -4.08
N THR A 64 -0.41 7.11 -4.54
CA THR A 64 0.06 6.98 -5.88
C THR A 64 1.46 6.44 -5.72
N ILE A 65 1.64 5.14 -6.08
CA ILE A 65 2.96 4.56 -6.19
C ILE A 65 3.40 4.95 -7.57
N LYS A 66 4.68 5.32 -7.76
CA LYS A 66 5.14 5.78 -9.04
C LYS A 66 6.57 5.40 -9.22
N GLY A 67 7.01 5.38 -10.49
CA GLY A 67 8.36 5.03 -10.90
C GLY A 67 8.48 3.55 -10.93
N LEU A 68 7.56 2.91 -11.69
CA LEU A 68 7.42 1.48 -11.74
C LEU A 68 7.70 1.02 -13.13
N LYS A 69 7.76 -0.32 -13.30
CA LYS A 69 8.11 -1.00 -14.51
C LYS A 69 6.94 -1.92 -14.78
N PRO A 70 6.47 -2.10 -16.02
CA PRO A 70 5.42 -3.06 -16.34
C PRO A 70 5.99 -4.46 -16.31
N GLY A 71 5.08 -5.47 -16.25
CA GLY A 71 5.40 -6.87 -16.20
C GLY A 71 6.17 -7.24 -14.97
N VAL A 72 5.72 -6.71 -13.81
CA VAL A 72 6.24 -7.06 -12.53
C VAL A 72 5.02 -7.24 -11.67
N VAL A 73 4.95 -8.42 -11.01
CA VAL A 73 4.08 -8.66 -9.89
C VAL A 73 4.84 -8.13 -8.69
N TYR A 74 4.29 -7.09 -8.03
CA TYR A 74 4.86 -6.49 -6.85
C TYR A 74 4.15 -7.11 -5.69
N GLU A 75 4.87 -7.28 -4.55
CA GLU A 75 4.26 -7.54 -3.27
C GLU A 75 4.13 -6.21 -2.62
N GLY A 76 3.01 -5.97 -1.92
CA GLY A 76 2.77 -4.72 -1.25
C GLY A 76 2.26 -5.02 0.12
N GLN A 77 2.52 -4.09 1.07
CA GLN A 77 2.08 -4.26 2.42
C GLN A 77 1.70 -2.89 2.89
N LEU A 78 0.55 -2.80 3.57
CA LEU A 78 -0.01 -1.57 4.06
C LEU A 78 -0.09 -1.73 5.56
N ILE A 79 0.86 -1.14 6.29
CA ILE A 79 0.89 -1.18 7.73
C ILE A 79 0.19 0.08 8.16
N SER A 80 -0.77 -0.01 9.09
CA SER A 80 -1.40 1.13 9.70
C SER A 80 -0.89 1.20 11.10
N ILE A 81 -0.33 2.37 11.50
CA ILE A 81 0.21 2.57 12.82
C ILE A 81 -0.94 3.15 13.58
N GLN A 82 -1.14 2.66 14.84
CA GLN A 82 -2.16 3.14 15.73
C GLN A 82 -1.56 4.22 16.56
N GLN A 83 -2.42 5.14 17.04
CA GLN A 83 -2.10 6.21 17.96
C GLN A 83 -1.97 5.72 19.39
N TYR A 84 -1.52 4.46 19.57
CA TYR A 84 -1.46 3.78 20.84
C TYR A 84 -0.23 2.93 20.88
N GLY A 85 0.70 3.16 19.92
CA GLY A 85 2.00 2.53 19.88
C GLY A 85 1.98 1.25 19.10
N HIS A 86 0.78 0.66 18.88
CA HIS A 86 0.60 -0.59 18.18
C HIS A 86 0.64 -0.35 16.71
N GLN A 87 0.61 -1.45 15.92
CA GLN A 87 0.47 -1.36 14.50
C GLN A 87 -0.14 -2.65 14.01
N GLU A 88 -1.02 -2.49 12.99
CA GLU A 88 -1.74 -3.55 12.32
C GLU A 88 -1.12 -3.64 10.96
N VAL A 89 -0.92 -4.88 10.44
CA VAL A 89 -0.24 -5.10 9.18
C VAL A 89 -1.23 -5.73 8.24
N THR A 90 -1.22 -5.26 6.98
CA THR A 90 -1.99 -5.78 5.88
C THR A 90 -0.95 -6.27 4.90
N ARG A 91 -1.20 -7.43 4.25
CA ARG A 91 -0.36 -7.86 3.14
C ARG A 91 -1.24 -8.15 1.97
N PHE A 92 -0.66 -8.03 0.76
CA PHE A 92 -1.32 -8.23 -0.50
C PHE A 92 -0.26 -8.34 -1.55
N ASP A 93 -0.72 -8.50 -2.81
CA ASP A 93 0.12 -8.34 -3.97
C ASP A 93 -0.72 -7.62 -4.99
N PHE A 94 -0.05 -6.99 -5.98
CA PHE A 94 -0.69 -6.39 -7.13
C PHE A 94 0.23 -6.66 -8.27
N THR A 95 -0.25 -6.32 -9.49
CA THR A 95 0.54 -6.45 -10.69
C THR A 95 0.41 -5.11 -11.37
N THR A 96 1.51 -4.66 -12.01
CA THR A 96 1.56 -3.44 -12.78
C THR A 96 1.94 -3.92 -14.15
N THR A 97 1.12 -3.57 -15.17
CA THR A 97 1.31 -3.98 -16.54
C THR A 97 1.13 -2.77 -17.41
N SER A 98 1.53 -2.91 -18.70
CA SER A 98 1.39 -1.88 -19.70
C SER A 98 0.13 -2.16 -20.53
N SER A 6 -5.87 -6.00 16.50
CA SER A 6 -5.21 -6.02 15.17
C SER A 6 -6.04 -6.80 14.20
N GLY A 7 -6.16 -6.29 12.95
CA GLY A 7 -6.86 -7.01 11.92
C GLY A 7 -6.75 -6.21 10.64
N PRO A 8 -6.85 -6.83 9.47
CA PRO A 8 -6.54 -6.16 8.23
C PRO A 8 -7.46 -5.04 7.85
N VAL A 9 -6.81 -4.01 7.29
CA VAL A 9 -7.37 -2.87 6.60
C VAL A 9 -7.75 -3.38 5.23
N GLU A 10 -8.73 -2.74 4.57
CA GLU A 10 -9.30 -3.22 3.34
C GLU A 10 -8.86 -2.31 2.24
N VAL A 11 -7.83 -2.78 1.52
CA VAL A 11 -7.11 -2.05 0.52
C VAL A 11 -7.29 -2.80 -0.77
N PHE A 12 -7.46 -2.03 -1.87
CA PHE A 12 -7.87 -2.54 -3.14
C PHE A 12 -7.11 -1.77 -4.19
N ILE A 13 -7.07 -2.33 -5.42
CA ILE A 13 -6.43 -1.74 -6.56
C ILE A 13 -7.49 -1.00 -7.33
N THR A 14 -7.06 -0.01 -8.16
CA THR A 14 -7.95 0.85 -8.90
C THR A 14 -8.48 0.16 -10.15
N GLU A 15 -9.14 0.95 -11.03
CA GLU A 15 -9.88 0.47 -12.17
C GLU A 15 -8.98 0.36 -13.39
N THR A 16 -7.75 0.93 -13.29
CA THR A 16 -6.80 0.97 -14.36
C THR A 16 -5.62 0.12 -13.94
N PRO A 17 -5.53 -1.16 -14.30
CA PRO A 17 -4.31 -1.95 -14.17
C PRO A 17 -3.39 -1.65 -15.33
N SER A 18 -3.86 -0.91 -16.35
CA SER A 18 -3.09 -0.60 -17.53
C SER A 18 -2.44 0.73 -17.35
N GLN A 19 -1.39 0.68 -16.54
CA GLN A 19 -0.46 1.72 -16.22
C GLN A 19 0.74 0.91 -15.80
N PRO A 20 1.75 0.69 -16.64
CA PRO A 20 2.90 -0.12 -16.27
C PRO A 20 3.84 0.65 -15.37
N ASN A 21 3.63 1.98 -15.30
CA ASN A 21 4.54 2.93 -14.71
C ASN A 21 4.06 3.33 -13.35
N SER A 22 2.75 3.63 -13.26
CA SER A 22 2.13 4.11 -12.06
C SER A 22 1.22 3.06 -11.54
N HIS A 23 0.93 3.14 -10.22
CA HIS A 23 -0.16 2.39 -9.65
C HIS A 23 -0.72 3.20 -8.50
N PRO A 24 -1.78 3.99 -8.69
CA PRO A 24 -2.47 4.62 -7.59
C PRO A 24 -3.30 3.59 -6.86
N ILE A 25 -3.24 3.60 -5.50
CA ILE A 25 -3.98 2.67 -4.69
C ILE A 25 -4.95 3.48 -3.88
N GLN A 26 -5.91 2.80 -3.22
CA GLN A 26 -6.80 3.45 -2.29
C GLN A 26 -7.12 2.39 -1.26
N TRP A 27 -7.33 2.80 0.00
CA TRP A 27 -7.63 1.91 1.09
C TRP A 27 -8.83 2.49 1.81
N ASN A 28 -9.49 1.62 2.60
CA ASN A 28 -10.54 1.95 3.52
C ASN A 28 -9.87 1.88 4.86
N ALA A 29 -10.63 2.15 5.93
CA ALA A 29 -10.09 2.06 7.27
C ALA A 29 -11.26 1.84 8.19
N PRO A 30 -11.03 1.59 9.47
CA PRO A 30 -12.08 1.51 10.49
C PRO A 30 -12.79 2.83 10.70
N GLN A 31 -14.00 2.77 11.31
CA GLN A 31 -14.87 3.91 11.50
C GLN A 31 -14.48 4.71 12.73
N PRO A 32 -14.17 4.20 13.94
CA PRO A 32 -13.89 5.05 15.09
C PRO A 32 -12.58 5.79 14.98
N SER A 33 -11.68 5.36 14.06
CA SER A 33 -10.38 5.93 13.80
C SER A 33 -9.47 5.75 14.98
N HIS A 34 -9.02 4.49 15.17
CA HIS A 34 -8.04 4.11 16.16
C HIS A 34 -6.70 4.04 15.50
N ILE A 35 -6.68 4.26 14.17
CA ILE A 35 -5.51 4.18 13.32
C ILE A 35 -5.17 5.60 13.01
N SER A 36 -3.86 5.94 13.08
CA SER A 36 -3.36 7.23 12.75
C SER A 36 -2.82 7.12 11.37
N LYS A 37 -1.57 6.67 11.23
CA LYS A 37 -0.80 6.79 10.02
C LYS A 37 -1.04 5.61 9.16
N TYR A 38 -0.60 5.70 7.89
CA TYR A 38 -0.48 4.55 7.03
C TYR A 38 0.92 4.64 6.54
N ILE A 39 1.65 3.51 6.58
CA ILE A 39 2.91 3.34 5.91
C ILE A 39 2.47 2.42 4.81
N LEU A 40 2.94 2.70 3.58
CA LEU A 40 2.73 1.83 2.50
C LEU A 40 4.12 1.49 2.12
N ARG A 41 4.32 0.20 1.84
CA ARG A 41 5.56 -0.30 1.33
C ARG A 41 5.23 -1.21 0.20
N TRP A 42 6.22 -1.35 -0.70
CA TRP A 42 6.07 -2.12 -1.90
C TRP A 42 7.45 -2.61 -2.25
N ARG A 43 7.55 -3.87 -2.70
CA ARG A 43 8.81 -4.50 -3.02
C ARG A 43 8.51 -5.41 -4.18
N PRO A 44 9.37 -5.64 -5.18
CA PRO A 44 9.12 -6.61 -6.23
C PRO A 44 9.04 -8.01 -5.68
N LYS A 45 7.91 -8.71 -5.92
CA LYS A 45 7.66 -10.09 -5.54
C LYS A 45 8.47 -11.02 -6.40
N ASN A 46 9.80 -11.10 -6.12
CA ASN A 46 10.76 -11.80 -6.91
C ASN A 46 11.79 -12.19 -5.88
N SER A 47 12.60 -11.20 -5.44
CA SER A 47 13.53 -11.33 -4.36
C SER A 47 12.86 -10.78 -3.13
N VAL A 48 13.38 -11.15 -1.94
CA VAL A 48 12.86 -10.74 -0.66
C VAL A 48 13.94 -9.91 -0.01
N GLY A 49 14.41 -8.88 -0.74
CA GLY A 49 15.45 -7.98 -0.30
C GLY A 49 14.83 -6.83 0.43
N ARG A 50 15.33 -5.61 0.16
CA ARG A 50 14.89 -4.39 0.80
C ARG A 50 13.68 -3.87 0.09
N TRP A 51 12.86 -3.09 0.83
CA TRP A 51 11.60 -2.58 0.37
C TRP A 51 11.79 -1.12 0.06
N LYS A 52 10.89 -0.57 -0.78
CA LYS A 52 10.68 0.86 -0.89
C LYS A 52 9.48 1.12 -0.03
N GLU A 53 9.42 2.33 0.55
CA GLU A 53 8.35 2.66 1.44
C GLU A 53 8.14 4.14 1.42
N ALA A 54 6.92 4.55 1.82
CA ALA A 54 6.53 5.92 2.00
C ALA A 54 5.68 5.95 3.22
N THR A 55 5.44 7.18 3.76
CA THR A 55 4.57 7.41 4.88
C THR A 55 3.53 8.37 4.37
N ILE A 56 2.25 7.98 4.55
CA ILE A 56 1.10 8.70 4.08
C ILE A 56 0.38 9.15 5.33
N PRO A 57 -0.08 10.40 5.46
CA PRO A 57 -0.83 10.86 6.61
C PRO A 57 -2.17 10.18 6.77
N GLY A 58 -2.80 10.34 7.96
CA GLY A 58 -4.03 9.67 8.32
C GLY A 58 -5.24 10.22 7.63
N HIS A 59 -5.18 11.47 7.13
CA HIS A 59 -6.30 12.11 6.47
C HIS A 59 -6.36 11.69 5.03
N LEU A 60 -5.19 11.32 4.43
CA LEU A 60 -5.12 10.85 3.07
C LEU A 60 -5.34 9.37 3.09
N ASN A 61 -6.31 8.91 2.28
CA ASN A 61 -6.80 7.55 2.29
C ASN A 61 -6.37 6.83 1.05
N SER A 62 -5.49 7.45 0.25
CA SER A 62 -5.02 6.89 -0.99
C SER A 62 -3.58 7.24 -1.14
N TYR A 63 -2.93 6.58 -2.13
CA TYR A 63 -1.56 6.89 -2.48
C TYR A 63 -1.45 6.84 -3.99
N THR A 64 -0.24 7.20 -4.48
CA THR A 64 0.12 7.21 -5.86
C THR A 64 1.52 6.68 -5.90
N ILE A 65 1.72 5.47 -6.49
CA ILE A 65 3.01 4.91 -6.76
C ILE A 65 3.35 5.38 -8.15
N LYS A 66 4.65 5.65 -8.40
CA LYS A 66 5.14 5.85 -9.75
C LYS A 66 6.56 5.40 -9.79
N GLY A 67 7.06 5.15 -11.02
CA GLY A 67 8.42 4.74 -11.27
C GLY A 67 8.54 3.26 -11.14
N LEU A 68 7.65 2.54 -11.86
CA LEU A 68 7.58 1.10 -11.86
C LEU A 68 7.93 0.61 -13.23
N LYS A 69 8.20 -0.71 -13.32
CA LYS A 69 8.64 -1.38 -14.52
C LYS A 69 7.45 -2.13 -15.06
N PRO A 70 7.36 -2.43 -16.36
CA PRO A 70 6.23 -3.12 -16.94
C PRO A 70 6.29 -4.60 -16.63
N GLY A 71 5.09 -5.25 -16.58
CA GLY A 71 4.87 -6.66 -16.50
C GLY A 71 5.54 -7.36 -15.37
N VAL A 72 5.54 -6.72 -14.18
CA VAL A 72 6.20 -7.25 -13.02
C VAL A 72 5.24 -7.21 -11.87
N VAL A 73 5.24 -8.32 -11.07
CA VAL A 73 4.38 -8.53 -9.94
C VAL A 73 5.10 -8.02 -8.72
N TYR A 74 4.41 -7.14 -7.95
CA TYR A 74 4.89 -6.56 -6.73
C TYR A 74 4.14 -7.18 -5.59
N GLU A 75 4.81 -7.19 -4.42
CA GLU A 75 4.25 -7.44 -3.12
C GLU A 75 4.01 -6.07 -2.56
N GLY A 76 2.85 -5.85 -1.92
CA GLY A 76 2.59 -4.61 -1.24
C GLY A 76 2.07 -4.94 0.11
N GLN A 77 2.46 -4.10 1.10
CA GLN A 77 1.96 -4.21 2.46
C GLN A 77 1.59 -2.85 2.90
N LEU A 78 0.39 -2.76 3.51
CA LEU A 78 -0.15 -1.54 4.06
C LEU A 78 -0.10 -1.73 5.54
N ILE A 79 0.92 -1.11 6.21
CA ILE A 79 1.15 -1.24 7.62
C ILE A 79 0.52 -0.03 8.21
N SER A 80 -0.42 -0.19 9.17
CA SER A 80 -1.20 0.91 9.67
C SER A 80 -0.93 1.07 11.14
N ILE A 81 -0.41 2.27 11.53
CA ILE A 81 0.10 2.52 12.85
C ILE A 81 -1.05 3.09 13.60
N GLN A 82 -1.24 2.62 14.85
CA GLN A 82 -2.26 3.11 15.73
C GLN A 82 -1.64 4.16 16.58
N GLN A 83 -2.47 5.12 17.05
CA GLN A 83 -2.06 6.27 17.82
C GLN A 83 -1.58 5.87 19.19
N TYR A 84 -0.23 5.80 19.32
CA TYR A 84 0.52 5.43 20.50
C TYR A 84 0.14 4.08 21.02
N GLY A 85 -0.10 3.10 20.11
CA GLY A 85 -0.53 1.79 20.50
C GLY A 85 0.16 0.79 19.63
N HIS A 86 -0.66 -0.06 18.95
CA HIS A 86 -0.22 -1.21 18.20
C HIS A 86 0.19 -0.80 16.83
N GLN A 87 0.60 -1.82 16.04
CA GLN A 87 0.97 -1.66 14.66
C GLN A 87 0.38 -2.87 13.98
N GLU A 88 -0.53 -2.63 13.01
CA GLU A 88 -1.22 -3.66 12.27
C GLU A 88 -0.52 -3.80 10.95
N VAL A 89 -0.62 -5.00 10.33
CA VAL A 89 -0.08 -5.25 9.02
C VAL A 89 -1.17 -5.86 8.19
N THR A 90 -1.31 -5.34 6.95
CA THR A 90 -2.20 -5.82 5.93
C THR A 90 -1.26 -6.21 4.82
N ARG A 91 -1.50 -7.37 4.16
CA ARG A 91 -0.64 -7.84 3.11
C ARG A 91 -1.48 -8.12 1.90
N PHE A 92 -0.86 -7.97 0.71
CA PHE A 92 -1.50 -8.15 -0.57
C PHE A 92 -0.42 -8.25 -1.61
N ASP A 93 -0.83 -8.44 -2.87
CA ASP A 93 0.04 -8.34 -4.01
C ASP A 93 -0.75 -7.64 -5.09
N PHE A 94 -0.01 -7.03 -6.04
CA PHE A 94 -0.58 -6.45 -7.24
C PHE A 94 0.42 -6.69 -8.31
N THR A 95 0.06 -6.31 -9.55
CA THR A 95 0.98 -6.37 -10.65
C THR A 95 0.65 -5.17 -11.50
N THR A 96 1.65 -4.70 -12.27
CA THR A 96 1.52 -3.60 -13.20
C THR A 96 1.90 -4.18 -14.52
N THR A 97 1.15 -3.81 -15.58
CA THR A 97 1.36 -4.37 -16.90
C THR A 97 0.60 -3.46 -17.83
N SER A 98 0.75 -3.67 -19.15
CA SER A 98 -0.14 -3.15 -20.15
C SER A 98 -0.85 -4.36 -20.75
N SER A 6 -10.83 -2.66 13.00
CA SER A 6 -9.58 -3.13 13.65
C SER A 6 -9.00 -4.29 12.88
N GLY A 7 -7.66 -4.42 12.93
CA GLY A 7 -6.93 -5.47 12.27
C GLY A 7 -6.56 -4.98 10.89
N PRO A 8 -6.44 -5.89 9.92
CA PRO A 8 -6.11 -5.54 8.56
C PRO A 8 -7.14 -4.64 7.93
N VAL A 9 -6.59 -3.67 7.19
CA VAL A 9 -7.24 -2.65 6.42
C VAL A 9 -7.71 -3.32 5.15
N GLU A 10 -8.67 -2.70 4.42
CA GLU A 10 -9.21 -3.25 3.21
C GLU A 10 -8.74 -2.36 2.10
N VAL A 11 -7.69 -2.86 1.41
CA VAL A 11 -6.91 -2.13 0.45
C VAL A 11 -7.02 -2.89 -0.83
N PHE A 12 -7.12 -2.13 -1.95
CA PHE A 12 -7.45 -2.66 -3.24
C PHE A 12 -6.85 -1.74 -4.25
N ILE A 13 -6.92 -2.15 -5.54
CA ILE A 13 -6.67 -1.29 -6.66
C ILE A 13 -7.61 -1.80 -7.71
N THR A 14 -8.29 -0.87 -8.41
CA THR A 14 -9.29 -1.20 -9.40
C THR A 14 -9.24 -0.04 -10.36
N GLU A 15 -9.35 -0.35 -11.68
CA GLU A 15 -9.69 0.58 -12.72
C GLU A 15 -8.58 1.55 -12.87
N THR A 16 -7.39 1.01 -13.19
CA THR A 16 -6.23 1.81 -13.49
C THR A 16 -6.35 2.13 -14.98
N PRO A 17 -6.10 3.35 -15.47
CA PRO A 17 -6.16 3.67 -16.90
C PRO A 17 -4.96 3.18 -17.68
N SER A 18 -4.51 1.91 -17.48
CA SER A 18 -3.33 1.28 -18.02
C SER A 18 -2.09 2.11 -17.93
N GLN A 19 -1.32 1.87 -16.86
CA GLN A 19 -0.18 2.67 -16.51
C GLN A 19 0.86 1.66 -16.09
N PRO A 20 1.93 1.40 -16.84
CA PRO A 20 2.94 0.41 -16.51
C PRO A 20 3.97 1.03 -15.61
N ASN A 21 3.75 2.30 -15.18
CA ASN A 21 4.70 3.09 -14.45
C ASN A 21 4.15 3.38 -13.09
N SER A 22 2.83 3.59 -13.02
CA SER A 22 2.18 3.98 -11.79
C SER A 22 0.99 3.10 -11.53
N HIS A 23 0.69 2.96 -10.22
CA HIS A 23 -0.45 2.23 -9.74
C HIS A 23 -0.97 2.98 -8.55
N PRO A 24 -2.02 3.80 -8.68
CA PRO A 24 -2.64 4.48 -7.57
C PRO A 24 -3.54 3.55 -6.83
N ILE A 25 -3.20 3.23 -5.56
CA ILE A 25 -3.97 2.32 -4.75
C ILE A 25 -4.92 3.12 -3.93
N GLN A 26 -5.93 2.45 -3.32
CA GLN A 26 -6.84 3.11 -2.42
C GLN A 26 -7.05 2.13 -1.29
N TRP A 27 -7.35 2.66 -0.07
CA TRP A 27 -7.66 1.82 1.06
C TRP A 27 -8.84 2.41 1.77
N ASN A 28 -9.54 1.54 2.52
CA ASN A 28 -10.61 1.89 3.43
C ASN A 28 -9.96 1.95 4.77
N ALA A 29 -10.74 2.17 5.83
CA ALA A 29 -10.21 2.17 7.16
C ALA A 29 -11.36 1.89 8.09
N PRO A 30 -11.11 1.71 9.39
CA PRO A 30 -12.14 1.67 10.41
C PRO A 30 -12.87 2.98 10.55
N GLN A 31 -14.06 2.96 11.18
CA GLN A 31 -14.95 4.09 11.28
C GLN A 31 -14.51 5.02 12.40
N PRO A 32 -14.41 4.68 13.69
CA PRO A 32 -13.98 5.64 14.71
C PRO A 32 -12.48 5.86 14.63
N SER A 33 -11.95 6.81 15.43
CA SER A 33 -10.53 7.09 15.49
C SER A 33 -9.85 5.96 16.21
N HIS A 34 -8.82 5.37 15.55
CA HIS A 34 -8.25 4.12 15.96
C HIS A 34 -6.91 4.04 15.33
N ILE A 35 -6.87 4.26 14.00
CA ILE A 35 -5.71 4.12 13.18
C ILE A 35 -5.35 5.50 12.74
N SER A 36 -4.05 5.84 12.85
CA SER A 36 -3.52 7.13 12.53
C SER A 36 -2.83 7.00 11.20
N LYS A 37 -1.56 6.58 11.23
CA LYS A 37 -0.60 6.75 10.18
C LYS A 37 -0.69 5.53 9.32
N TYR A 38 -0.41 5.65 8.00
CA TYR A 38 -0.24 4.49 7.16
C TYR A 38 1.17 4.57 6.68
N ILE A 39 1.93 3.47 6.82
CA ILE A 39 3.23 3.32 6.22
C ILE A 39 2.96 2.35 5.11
N LEU A 40 3.17 2.80 3.86
CA LEU A 40 3.01 1.97 2.69
C LEU A 40 4.36 1.45 2.36
N ARG A 41 4.47 0.12 2.25
CA ARG A 41 5.68 -0.49 1.77
C ARG A 41 5.27 -1.29 0.57
N TRP A 42 6.19 -1.36 -0.40
CA TRP A 42 6.04 -2.25 -1.52
C TRP A 42 7.42 -2.59 -1.97
N ARG A 43 7.48 -3.53 -2.92
CA ARG A 43 8.71 -3.95 -3.53
C ARG A 43 8.34 -4.83 -4.69
N PRO A 44 9.19 -5.04 -5.70
CA PRO A 44 8.96 -6.07 -6.68
C PRO A 44 9.26 -7.40 -6.04
N LYS A 45 8.44 -8.43 -6.36
CA LYS A 45 8.57 -9.78 -5.85
C LYS A 45 9.77 -10.48 -6.44
N ASN A 46 10.96 -10.15 -5.91
CA ASN A 46 12.24 -10.53 -6.44
C ASN A 46 13.20 -10.36 -5.30
N SER A 47 13.11 -9.19 -4.60
CA SER A 47 14.07 -8.78 -3.61
C SER A 47 13.83 -9.51 -2.31
N VAL A 48 14.88 -9.50 -1.47
CA VAL A 48 14.98 -10.29 -0.27
C VAL A 48 14.68 -9.44 0.93
N GLY A 49 14.94 -8.11 0.83
CA GLY A 49 14.68 -7.22 1.94
C GLY A 49 14.88 -5.80 1.53
N ARG A 50 14.71 -5.50 0.22
CA ARG A 50 14.71 -4.15 -0.28
C ARG A 50 13.28 -3.76 -0.39
N TRP A 51 12.88 -2.67 0.29
CA TRP A 51 11.52 -2.19 0.27
C TRP A 51 11.60 -0.73 -0.07
N LYS A 52 10.67 -0.28 -0.93
CA LYS A 52 10.42 1.11 -1.21
C LYS A 52 9.27 1.47 -0.33
N GLU A 53 9.61 2.20 0.76
CA GLU A 53 8.66 2.59 1.77
C GLU A 53 8.36 4.04 1.66
N ALA A 54 7.13 4.40 2.07
CA ALA A 54 6.61 5.73 2.10
C ALA A 54 5.89 5.87 3.40
N THR A 55 5.78 7.11 3.92
CA THR A 55 5.08 7.42 5.15
C THR A 55 4.03 8.41 4.74
N ILE A 56 2.76 8.09 5.07
CA ILE A 56 1.59 8.73 4.54
C ILE A 56 0.76 9.11 5.75
N PRO A 57 0.15 10.30 5.83
CA PRO A 57 -0.67 10.70 6.97
C PRO A 57 -2.00 10.00 6.93
N GLY A 58 -2.80 10.15 8.01
CA GLY A 58 -4.09 9.53 8.16
C GLY A 58 -5.18 10.23 7.40
N HIS A 59 -4.93 11.46 6.89
CA HIS A 59 -5.93 12.22 6.17
C HIS A 59 -5.98 11.77 4.73
N LEU A 60 -4.86 11.22 4.20
CA LEU A 60 -4.82 10.63 2.89
C LEU A 60 -5.21 9.18 3.03
N ASN A 61 -6.20 8.76 2.22
CA ASN A 61 -6.81 7.46 2.28
C ASN A 61 -6.47 6.68 1.05
N SER A 62 -5.66 7.27 0.14
CA SER A 62 -5.30 6.65 -1.11
C SER A 62 -3.91 7.10 -1.41
N TYR A 63 -3.19 6.35 -2.29
CA TYR A 63 -1.84 6.70 -2.66
C TYR A 63 -1.71 6.67 -4.16
N THR A 64 -0.48 7.03 -4.62
CA THR A 64 -0.02 6.93 -5.96
C THR A 64 1.35 6.33 -5.81
N ILE A 65 1.50 5.02 -6.15
CA ILE A 65 2.79 4.38 -6.23
C ILE A 65 3.26 4.66 -7.61
N LYS A 66 4.56 4.96 -7.79
CA LYS A 66 5.11 5.31 -9.06
C LYS A 66 6.53 4.82 -9.14
N GLY A 67 7.04 4.69 -10.37
CA GLY A 67 8.39 4.25 -10.67
C GLY A 67 8.43 2.77 -10.69
N LEU A 68 7.51 2.18 -11.49
CA LEU A 68 7.28 0.76 -11.56
C LEU A 68 7.67 0.30 -12.93
N LYS A 69 7.76 -1.04 -13.12
CA LYS A 69 8.24 -1.67 -14.32
C LYS A 69 7.11 -2.52 -14.85
N PRO A 70 6.97 -2.75 -16.15
CA PRO A 70 5.96 -3.64 -16.70
C PRO A 70 6.36 -5.09 -16.50
N GLY A 71 5.37 -6.00 -16.68
CA GLY A 71 5.49 -7.43 -16.70
C GLY A 71 5.92 -8.09 -15.42
N VAL A 72 5.79 -7.39 -14.26
CA VAL A 72 6.28 -7.90 -13.01
C VAL A 72 5.21 -7.68 -11.97
N VAL A 73 5.13 -8.64 -11.02
CA VAL A 73 4.22 -8.60 -9.91
C VAL A 73 4.92 -7.88 -8.79
N TYR A 74 4.25 -6.86 -8.22
CA TYR A 74 4.69 -6.13 -7.05
C TYR A 74 3.91 -6.68 -5.91
N GLU A 75 4.59 -6.90 -4.77
CA GLU A 75 3.95 -7.28 -3.54
C GLU A 75 4.12 -6.13 -2.60
N GLY A 76 3.26 -6.05 -1.58
CA GLY A 76 3.40 -5.04 -0.59
C GLY A 76 2.55 -5.21 0.61
N GLN A 77 2.58 -4.17 1.47
CA GLN A 77 2.07 -4.20 2.80
C GLN A 77 1.58 -2.83 3.09
N LEU A 78 0.43 -2.75 3.77
CA LEU A 78 -0.14 -1.51 4.23
C LEU A 78 -0.13 -1.64 5.72
N ILE A 79 0.92 -1.08 6.37
CA ILE A 79 1.10 -1.14 7.80
C ILE A 79 0.35 0.07 8.32
N SER A 80 -0.45 -0.11 9.38
CA SER A 80 -1.38 0.89 9.83
C SER A 80 -1.18 1.09 11.31
N ILE A 81 -0.52 2.23 11.64
CA ILE A 81 0.03 2.50 12.94
C ILE A 81 -1.06 3.26 13.63
N GLN A 82 -1.31 2.90 14.91
CA GLN A 82 -2.43 3.39 15.67
C GLN A 82 -2.04 4.67 16.35
N GLN A 83 -3.01 5.28 17.06
CA GLN A 83 -2.82 6.48 17.84
C GLN A 83 -2.01 6.15 19.07
N TYR A 84 -0.67 6.38 18.97
CA TYR A 84 0.36 6.06 19.93
C TYR A 84 0.30 4.66 20.49
N GLY A 85 -0.16 3.68 19.66
CA GLY A 85 -0.38 2.34 20.10
C GLY A 85 0.39 1.39 19.24
N HIS A 86 -0.35 0.41 18.67
CA HIS A 86 0.18 -0.76 18.00
C HIS A 86 0.50 -0.45 16.57
N GLN A 87 0.96 -1.50 15.87
CA GLN A 87 1.10 -1.54 14.43
C GLN A 87 0.32 -2.75 14.03
N GLU A 88 -0.31 -2.66 12.84
CA GLU A 88 -1.16 -3.71 12.33
C GLU A 88 -0.83 -3.81 10.88
N VAL A 89 -0.38 -4.99 10.41
CA VAL A 89 0.12 -5.16 9.07
C VAL A 89 -0.99 -5.75 8.22
N THR A 90 -1.16 -5.18 7.02
CA THR A 90 -2.10 -5.64 6.01
C THR A 90 -1.21 -6.08 4.86
N ARG A 91 -1.73 -6.94 3.96
CA ARG A 91 -1.01 -7.41 2.80
C ARG A 91 -1.81 -7.15 1.57
N PHE A 92 -1.10 -7.04 0.42
CA PHE A 92 -1.70 -6.93 -0.89
C PHE A 92 -0.67 -7.37 -1.89
N ASP A 93 -1.11 -7.64 -3.14
CA ASP A 93 -0.23 -7.66 -4.28
C ASP A 93 -1.03 -7.13 -5.44
N PHE A 94 -0.33 -6.61 -6.48
CA PHE A 94 -0.93 -6.24 -7.74
C PHE A 94 0.09 -6.52 -8.79
N THR A 95 -0.35 -6.47 -10.06
CA THR A 95 0.51 -6.67 -11.21
C THR A 95 0.63 -5.35 -11.90
N THR A 96 1.85 -5.05 -12.39
CA THR A 96 2.10 -3.88 -13.20
C THR A 96 2.53 -4.48 -14.50
N THR A 97 1.66 -4.37 -15.53
CA THR A 97 1.87 -5.06 -16.78
C THR A 97 1.30 -4.18 -17.85
N SER A 98 0.00 -3.80 -17.71
CA SER A 98 -0.78 -3.23 -18.77
C SER A 98 -0.31 -1.80 -19.06
N SER A 6 -10.92 -2.89 13.27
CA SER A 6 -9.52 -3.16 13.69
C SER A 6 -8.90 -4.28 12.90
N GLY A 7 -7.55 -4.39 12.96
CA GLY A 7 -6.81 -5.44 12.31
C GLY A 7 -6.58 -5.07 10.87
N PRO A 8 -6.51 -6.06 9.97
CA PRO A 8 -6.25 -5.83 8.57
C PRO A 8 -7.31 -4.99 7.90
N VAL A 9 -6.78 -4.06 7.10
CA VAL A 9 -7.45 -3.05 6.32
C VAL A 9 -7.84 -3.71 5.02
N GLU A 10 -8.80 -3.09 4.29
CA GLU A 10 -9.25 -3.52 2.99
C GLU A 10 -8.71 -2.52 2.02
N VAL A 11 -7.71 -2.94 1.22
CA VAL A 11 -6.93 -2.07 0.37
C VAL A 11 -6.97 -2.70 -0.99
N PHE A 12 -7.04 -1.85 -2.04
CA PHE A 12 -7.45 -2.28 -3.34
C PHE A 12 -6.89 -1.33 -4.38
N ILE A 13 -7.05 -1.74 -5.66
CA ILE A 13 -6.93 -0.89 -6.81
C ILE A 13 -8.13 -1.29 -7.63
N THR A 14 -8.88 -0.30 -8.17
CA THR A 14 -10.13 -0.56 -8.85
C THR A 14 -10.24 0.46 -9.95
N GLU A 15 -10.49 -0.03 -11.19
CA GLU A 15 -10.93 0.70 -12.35
C GLU A 15 -9.95 1.75 -12.80
N THR A 16 -8.64 1.38 -12.78
CA THR A 16 -7.57 2.23 -13.22
C THR A 16 -7.40 2.02 -14.71
N PRO A 17 -7.49 3.04 -15.58
CA PRO A 17 -7.45 2.86 -17.03
C PRO A 17 -6.02 2.82 -17.52
N SER A 18 -5.35 1.64 -17.38
CA SER A 18 -4.03 1.32 -17.88
C SER A 18 -2.94 2.30 -17.54
N GLN A 19 -2.15 1.97 -16.50
CA GLN A 19 -1.04 2.76 -16.04
C GLN A 19 0.14 1.84 -15.93
N PRO A 20 1.10 1.82 -16.87
CA PRO A 20 2.28 0.97 -16.79
C PRO A 20 3.26 1.49 -15.78
N ASN A 21 3.16 2.80 -15.45
CA ASN A 21 4.17 3.55 -14.75
C ASN A 21 3.82 3.72 -13.31
N SER A 22 2.53 4.04 -13.07
CA SER A 22 2.04 4.34 -11.76
C SER A 22 1.13 3.22 -11.32
N HIS A 23 1.00 3.07 -9.99
CA HIS A 23 0.07 2.17 -9.38
C HIS A 23 -0.65 2.97 -8.32
N PRO A 24 -1.86 3.48 -8.56
CA PRO A 24 -2.63 4.21 -7.57
C PRO A 24 -3.32 3.23 -6.64
N ILE A 25 -3.16 3.42 -5.32
CA ILE A 25 -3.74 2.60 -4.29
C ILE A 25 -4.75 3.46 -3.62
N GLN A 26 -5.84 2.84 -3.11
CA GLN A 26 -6.72 3.48 -2.17
C GLN A 26 -7.03 2.42 -1.16
N TRP A 27 -7.35 2.82 0.09
CA TRP A 27 -7.64 1.89 1.16
C TRP A 27 -8.85 2.42 1.87
N ASN A 28 -9.54 1.50 2.59
CA ASN A 28 -10.59 1.79 3.53
C ASN A 28 -9.89 1.80 4.85
N ALA A 29 -10.65 1.98 5.94
CA ALA A 29 -10.07 1.86 7.26
C ALA A 29 -11.21 1.56 8.19
N PRO A 30 -10.94 1.23 9.46
CA PRO A 30 -11.95 1.04 10.47
C PRO A 30 -12.75 2.30 10.76
N GLN A 31 -14.00 2.12 11.25
CA GLN A 31 -14.93 3.20 11.49
C GLN A 31 -14.69 3.88 12.83
N PRO A 32 -14.40 3.25 13.99
CA PRO A 32 -14.18 3.97 15.24
C PRO A 32 -12.88 4.74 15.28
N SER A 33 -12.03 4.62 14.23
CA SER A 33 -10.72 5.21 14.11
C SER A 33 -9.78 4.52 15.05
N HIS A 34 -9.37 3.30 14.65
CA HIS A 34 -8.47 2.43 15.38
C HIS A 34 -7.06 2.74 14.94
N ILE A 35 -6.92 3.35 13.75
CA ILE A 35 -5.69 3.51 13.04
C ILE A 35 -5.56 5.00 12.78
N SER A 36 -4.30 5.50 12.77
CA SER A 36 -3.98 6.86 12.45
C SER A 36 -3.33 6.83 11.10
N LYS A 37 -2.01 6.56 11.06
CA LYS A 37 -1.15 6.79 9.92
C LYS A 37 -1.16 5.57 9.07
N TYR A 38 -0.63 5.70 7.84
CA TYR A 38 -0.50 4.57 6.95
C TYR A 38 0.91 4.64 6.43
N ILE A 39 1.58 3.48 6.34
CA ILE A 39 2.86 3.34 5.69
C ILE A 39 2.51 2.36 4.61
N LEU A 40 2.92 2.66 3.36
CA LEU A 40 2.84 1.71 2.28
C LEU A 40 4.23 1.35 1.98
N ARG A 41 4.50 0.04 1.95
CA ARG A 41 5.75 -0.50 1.50
C ARG A 41 5.42 -1.13 0.18
N TRP A 42 6.47 -1.35 -0.64
CA TRP A 42 6.34 -2.11 -1.85
C TRP A 42 7.70 -2.60 -2.24
N ARG A 43 7.76 -3.74 -2.96
CA ARG A 43 8.94 -4.15 -3.69
C ARG A 43 8.45 -5.03 -4.80
N PRO A 44 9.16 -5.24 -5.91
CA PRO A 44 8.80 -6.25 -6.89
C PRO A 44 9.10 -7.60 -6.30
N LYS A 45 8.09 -8.51 -6.34
CA LYS A 45 8.04 -9.80 -5.70
C LYS A 45 9.03 -10.75 -6.28
N ASN A 46 10.30 -10.63 -5.82
CA ASN A 46 11.40 -11.37 -6.36
C ASN A 46 12.49 -11.30 -5.33
N SER A 47 12.79 -10.05 -4.87
CA SER A 47 13.84 -9.78 -3.92
C SER A 47 13.36 -10.07 -2.53
N VAL A 48 14.33 -10.35 -1.64
CA VAL A 48 14.12 -10.71 -0.26
C VAL A 48 15.00 -9.84 0.60
N GLY A 49 15.61 -8.79 -0.01
CA GLY A 49 16.58 -7.95 0.65
C GLY A 49 15.88 -6.75 1.21
N ARG A 50 16.19 -5.56 0.65
CA ARG A 50 15.65 -4.29 1.08
C ARG A 50 14.43 -4.00 0.25
N TRP A 51 13.73 -2.89 0.57
CA TRP A 51 12.56 -2.49 -0.16
C TRP A 51 12.34 -1.01 -0.01
N LYS A 52 11.25 -0.52 -0.64
CA LYS A 52 10.92 0.87 -0.68
C LYS A 52 9.72 1.05 0.20
N GLU A 53 9.53 2.28 0.70
CA GLU A 53 8.39 2.62 1.49
C GLU A 53 8.11 4.08 1.32
N ALA A 54 6.87 4.47 1.70
CA ALA A 54 6.45 5.84 1.83
C ALA A 54 5.61 5.90 3.06
N THR A 55 5.43 7.11 3.62
CA THR A 55 4.58 7.34 4.77
C THR A 55 3.55 8.31 4.30
N ILE A 56 2.26 7.95 4.48
CA ILE A 56 1.12 8.67 4.02
C ILE A 56 0.41 9.13 5.29
N PRO A 57 -0.02 10.39 5.42
CA PRO A 57 -0.75 10.88 6.58
C PRO A 57 -2.09 10.19 6.77
N GLY A 58 -2.71 10.40 7.96
CA GLY A 58 -3.92 9.72 8.35
C GLY A 58 -5.15 10.28 7.70
N HIS A 59 -5.09 11.53 7.19
CA HIS A 59 -6.20 12.19 6.56
C HIS A 59 -6.29 11.77 5.11
N LEU A 60 -5.15 11.40 4.49
CA LEU A 60 -5.10 10.94 3.13
C LEU A 60 -5.32 9.45 3.14
N ASN A 61 -6.27 8.99 2.31
CA ASN A 61 -6.76 7.64 2.29
C ASN A 61 -6.32 6.95 1.02
N SER A 62 -5.46 7.61 0.23
CA SER A 62 -5.04 7.12 -1.06
C SER A 62 -3.59 7.45 -1.23
N TYR A 63 -2.92 6.72 -2.16
CA TYR A 63 -1.53 6.97 -2.48
C TYR A 63 -1.38 6.72 -3.97
N THR A 64 -0.14 6.98 -4.46
CA THR A 64 0.28 6.76 -5.81
C THR A 64 1.74 6.39 -5.70
N ILE A 65 2.07 5.14 -6.12
CA ILE A 65 3.42 4.67 -6.30
C ILE A 65 3.72 5.01 -7.75
N LYS A 66 4.99 5.34 -8.06
CA LYS A 66 5.40 5.63 -9.42
C LYS A 66 6.76 5.03 -9.66
N GLY A 67 7.14 4.97 -10.95
CA GLY A 67 8.43 4.54 -11.43
C GLY A 67 8.46 3.05 -11.50
N LEU A 68 7.42 2.49 -12.14
CA LEU A 68 7.16 1.07 -12.15
C LEU A 68 7.22 0.59 -13.57
N LYS A 69 7.22 -0.76 -13.71
CA LYS A 69 7.40 -1.46 -14.96
C LYS A 69 6.11 -2.21 -15.19
N PRO A 70 5.62 -2.39 -16.41
CA PRO A 70 4.44 -3.20 -16.68
C PRO A 70 4.78 -4.67 -16.65
N GLY A 71 3.75 -5.52 -16.49
CA GLY A 71 3.78 -6.95 -16.54
C GLY A 71 4.61 -7.62 -15.49
N VAL A 72 4.80 -6.97 -14.32
CA VAL A 72 5.56 -7.51 -13.23
C VAL A 72 4.69 -7.47 -12.00
N VAL A 73 4.87 -8.50 -11.13
CA VAL A 73 4.14 -8.66 -9.90
C VAL A 73 4.96 -8.00 -8.81
N TYR A 74 4.29 -7.23 -7.93
CA TYR A 74 4.87 -6.60 -6.78
C TYR A 74 4.18 -7.21 -5.60
N GLU A 75 4.89 -7.31 -4.46
CA GLU A 75 4.27 -7.53 -3.18
C GLU A 75 4.17 -6.15 -2.58
N GLY A 76 3.03 -5.87 -1.90
CA GLY A 76 2.82 -4.60 -1.29
C GLY A 76 2.32 -4.87 0.09
N GLN A 77 2.56 -3.90 0.99
CA GLN A 77 2.14 -4.08 2.36
C GLN A 77 1.78 -2.74 2.88
N LEU A 78 0.64 -2.70 3.59
CA LEU A 78 0.05 -1.52 4.15
C LEU A 78 0.11 -1.72 5.62
N ILE A 79 1.11 -1.10 6.29
CA ILE A 79 1.28 -1.15 7.73
C ILE A 79 0.55 0.06 8.23
N SER A 80 -0.39 -0.13 9.18
CA SER A 80 -1.29 0.91 9.60
C SER A 80 -1.03 1.18 11.05
N ILE A 81 -0.48 2.38 11.37
CA ILE A 81 0.09 2.63 12.67
C ILE A 81 -1.00 3.20 13.50
N GLN A 82 -0.96 2.81 14.79
CA GLN A 82 -1.79 3.34 15.84
C GLN A 82 -0.82 4.09 16.69
N GLN A 83 -0.87 5.45 16.63
CA GLN A 83 0.17 6.30 17.17
C GLN A 83 0.24 6.21 18.67
N TYR A 84 1.50 6.16 19.18
CA TYR A 84 1.86 6.00 20.57
C TYR A 84 1.51 4.62 21.07
N GLY A 85 1.56 3.59 20.21
CA GLY A 85 1.30 2.25 20.69
C GLY A 85 1.55 1.27 19.59
N HIS A 86 0.44 0.63 19.14
CA HIS A 86 0.45 -0.56 18.33
C HIS A 86 0.63 -0.23 16.88
N GLN A 87 0.62 -1.30 16.04
CA GLN A 87 0.50 -1.16 14.63
C GLN A 87 -0.10 -2.45 14.11
N GLU A 88 -0.87 -2.30 13.03
CA GLU A 88 -1.59 -3.36 12.36
C GLU A 88 -0.87 -3.55 11.06
N VAL A 89 -0.99 -4.75 10.47
CA VAL A 89 -0.35 -5.07 9.22
C VAL A 89 -1.37 -5.70 8.31
N THR A 90 -1.32 -5.30 7.02
CA THR A 90 -2.22 -5.73 5.98
C THR A 90 -1.29 -6.07 4.85
N ARG A 91 -1.32 -7.32 4.33
CA ARG A 91 -0.39 -7.75 3.29
C ARG A 91 -1.19 -8.13 2.09
N PHE A 92 -0.65 -7.84 0.88
CA PHE A 92 -1.29 -8.09 -0.38
C PHE A 92 -0.21 -8.24 -1.42
N ASP A 93 -0.65 -8.46 -2.68
CA ASP A 93 0.18 -8.36 -3.85
C ASP A 93 -0.66 -7.69 -4.89
N PHE A 94 0.00 -7.04 -5.88
CA PHE A 94 -0.65 -6.45 -7.01
C PHE A 94 0.23 -6.67 -8.19
N THR A 95 -0.31 -6.33 -9.37
CA THR A 95 0.45 -6.26 -10.59
C THR A 95 0.32 -4.84 -11.07
N THR A 96 1.43 -4.31 -11.66
CA THR A 96 1.38 -3.10 -12.44
C THR A 96 1.59 -3.64 -13.81
N THR A 97 0.65 -3.29 -14.74
CA THR A 97 0.63 -3.82 -16.06
C THR A 97 0.11 -2.69 -16.93
N SER A 98 0.14 -2.90 -18.26
CA SER A 98 -0.43 -2.00 -19.22
C SER A 98 -1.93 -2.33 -19.30
N SER A 6 -9.64 -5.50 15.84
CA SER A 6 -8.38 -5.17 15.13
C SER A 6 -8.05 -6.26 14.15
N GLY A 7 -7.67 -5.86 12.93
CA GLY A 7 -7.30 -6.79 11.90
C GLY A 7 -7.27 -6.02 10.61
N PRO A 8 -6.88 -6.65 9.49
CA PRO A 8 -6.44 -5.98 8.29
C PRO A 8 -7.39 -4.97 7.69
N VAL A 9 -6.77 -3.95 7.07
CA VAL A 9 -7.37 -2.87 6.32
C VAL A 9 -7.75 -3.49 4.99
N GLU A 10 -8.72 -2.88 4.29
CA GLU A 10 -9.24 -3.39 3.05
C GLU A 10 -8.74 -2.49 1.97
N VAL A 11 -7.74 -2.98 1.20
CA VAL A 11 -6.99 -2.19 0.26
C VAL A 11 -7.05 -2.91 -1.04
N PHE A 12 -7.17 -2.12 -2.13
CA PHE A 12 -7.61 -2.60 -3.41
C PHE A 12 -7.06 -1.64 -4.45
N ILE A 13 -7.21 -2.02 -5.73
CA ILE A 13 -7.03 -1.15 -6.85
C ILE A 13 -8.27 -1.35 -7.66
N THR A 14 -9.02 -0.24 -7.83
CA THR A 14 -10.22 -0.17 -8.63
C THR A 14 -10.00 0.90 -9.66
N GLU A 15 -9.05 1.83 -9.41
CA GLU A 15 -8.86 3.05 -10.14
C GLU A 15 -7.66 2.94 -11.03
N THR A 16 -7.06 1.72 -11.14
CA THR A 16 -5.92 1.48 -11.99
C THR A 16 -6.40 0.61 -13.14
N PRO A 17 -6.67 1.14 -14.33
CA PRO A 17 -6.94 0.32 -15.51
C PRO A 17 -5.64 -0.24 -16.05
N SER A 18 -4.87 0.57 -16.81
CA SER A 18 -3.61 0.19 -17.40
C SER A 18 -2.74 1.39 -17.24
N GLN A 19 -1.75 1.26 -16.31
CA GLN A 19 -0.81 2.30 -16.00
C GLN A 19 0.47 1.55 -15.73
N PRO A 20 1.53 1.63 -16.56
CA PRO A 20 2.66 0.73 -16.47
C PRO A 20 3.68 1.21 -15.46
N ASN A 21 3.63 2.51 -15.11
CA ASN A 21 4.65 3.14 -14.32
C ASN A 21 4.04 3.62 -13.04
N SER A 22 2.77 4.04 -13.07
CA SER A 22 2.10 4.48 -11.88
C SER A 22 1.19 3.38 -11.45
N HIS A 23 0.94 3.32 -10.13
CA HIS A 23 -0.01 2.40 -9.56
C HIS A 23 -0.66 3.12 -8.41
N PRO A 24 -1.70 3.92 -8.64
CA PRO A 24 -2.39 4.64 -7.61
C PRO A 24 -3.39 3.74 -6.92
N ILE A 25 -3.28 3.58 -5.59
CA ILE A 25 -4.10 2.66 -4.84
C ILE A 25 -5.06 3.45 -4.01
N GLN A 26 -6.03 2.76 -3.39
CA GLN A 26 -6.91 3.36 -2.42
C GLN A 26 -7.20 2.27 -1.41
N TRP A 27 -7.41 2.66 -0.14
CA TRP A 27 -7.71 1.76 0.95
C TRP A 27 -8.91 2.32 1.64
N ASN A 28 -9.62 1.44 2.36
CA ASN A 28 -10.68 1.77 3.31
C ASN A 28 -9.98 1.80 4.62
N ALA A 29 -10.71 2.09 5.70
CA ALA A 29 -10.13 2.06 7.02
C ALA A 29 -11.31 1.93 7.96
N PRO A 30 -11.15 1.59 9.24
CA PRO A 30 -12.27 1.47 10.15
C PRO A 30 -12.77 2.85 10.53
N GLN A 31 -14.06 2.93 10.92
CA GLN A 31 -14.73 4.19 11.21
C GLN A 31 -14.43 4.65 12.63
N PRO A 32 -14.43 3.87 13.72
CA PRO A 32 -14.01 4.36 15.03
C PRO A 32 -12.54 4.68 15.07
N SER A 33 -12.08 5.38 16.15
CA SER A 33 -10.70 5.73 16.33
C SER A 33 -9.93 4.49 16.70
N HIS A 34 -8.89 4.19 15.90
CA HIS A 34 -8.19 2.94 15.99
C HIS A 34 -6.86 3.15 15.35
N ILE A 35 -6.88 3.69 14.12
CA ILE A 35 -5.74 3.77 13.24
C ILE A 35 -5.54 5.21 12.92
N SER A 36 -4.26 5.63 12.93
CA SER A 36 -3.83 6.97 12.66
C SER A 36 -3.18 7.00 11.30
N LYS A 37 -1.90 6.60 11.26
CA LYS A 37 -0.99 6.82 10.16
C LYS A 37 -1.06 5.61 9.28
N TYR A 38 -0.60 5.73 8.02
CA TYR A 38 -0.49 4.60 7.14
C TYR A 38 0.90 4.66 6.61
N ILE A 39 1.59 3.50 6.54
CA ILE A 39 2.88 3.36 5.91
C ILE A 39 2.56 2.41 4.81
N LEU A 40 2.96 2.77 3.57
CA LEU A 40 2.87 1.87 2.46
C LEU A 40 4.25 1.49 2.13
N ARG A 41 4.47 0.18 1.94
CA ARG A 41 5.73 -0.32 1.49
C ARG A 41 5.46 -1.35 0.45
N TRP A 42 6.44 -1.52 -0.47
CA TRP A 42 6.28 -2.34 -1.63
C TRP A 42 7.65 -2.76 -2.09
N ARG A 43 7.73 -3.92 -2.77
CA ARG A 43 8.92 -4.32 -3.49
C ARG A 43 8.43 -5.14 -4.65
N PRO A 44 9.16 -5.28 -5.76
CA PRO A 44 8.83 -6.23 -6.81
C PRO A 44 9.12 -7.62 -6.31
N LYS A 45 8.08 -8.48 -6.28
CA LYS A 45 8.10 -9.84 -5.81
C LYS A 45 8.88 -10.72 -6.76
N ASN A 46 10.22 -10.67 -6.63
CA ASN A 46 11.17 -11.29 -7.50
C ASN A 46 12.36 -11.44 -6.61
N SER A 47 13.01 -10.31 -6.28
CA SER A 47 14.11 -10.22 -5.36
C SER A 47 13.56 -9.84 -4.02
N VAL A 48 14.33 -10.15 -2.95
CA VAL A 48 13.99 -9.83 -1.59
C VAL A 48 15.22 -9.19 -1.00
N GLY A 49 15.72 -8.13 -1.69
CA GLY A 49 16.90 -7.40 -1.28
C GLY A 49 16.46 -6.22 -0.47
N ARG A 50 16.57 -5.00 -1.07
CA ARG A 50 16.09 -3.77 -0.47
C ARG A 50 14.66 -3.60 -0.89
N TRP A 51 13.99 -2.55 -0.35
CA TRP A 51 12.65 -2.24 -0.77
C TRP A 51 12.34 -0.81 -0.49
N LYS A 52 11.17 -0.36 -0.99
CA LYS A 52 10.78 1.02 -0.98
C LYS A 52 9.65 1.14 0.00
N GLU A 53 9.52 2.34 0.58
CA GLU A 53 8.48 2.65 1.50
C GLU A 53 8.24 4.14 1.44
N ALA A 54 7.01 4.53 1.80
CA ALA A 54 6.58 5.89 1.96
C ALA A 54 5.77 5.94 3.22
N THR A 55 5.67 7.15 3.82
CA THR A 55 4.94 7.37 5.05
C THR A 55 3.91 8.39 4.70
N ILE A 56 2.62 8.06 4.96
CA ILE A 56 1.48 8.75 4.44
C ILE A 56 0.68 9.18 5.65
N PRO A 57 0.20 10.41 5.80
CA PRO A 57 -0.56 10.82 6.96
C PRO A 57 -1.99 10.32 6.88
N GLY A 58 -2.75 10.50 7.97
CA GLY A 58 -4.14 10.10 8.04
C GLY A 58 -5.01 11.28 7.74
N HIS A 59 -4.97 11.71 6.47
CA HIS A 59 -5.80 12.75 5.90
C HIS A 59 -6.53 12.05 4.80
N LEU A 60 -5.74 11.65 3.79
CA LEU A 60 -6.07 10.92 2.61
C LEU A 60 -5.92 9.47 2.94
N ASN A 61 -6.52 8.63 2.06
CA ASN A 61 -6.55 7.21 2.19
C ASN A 61 -6.34 6.64 0.82
N SER A 62 -5.58 7.37 0.00
CA SER A 62 -5.21 6.94 -1.33
C SER A 62 -3.79 7.33 -1.54
N TYR A 63 -3.04 6.53 -2.36
CA TYR A 63 -1.66 6.81 -2.64
C TYR A 63 -1.48 6.80 -4.14
N THR A 64 -0.24 7.13 -4.57
CA THR A 64 0.23 7.07 -5.92
C THR A 64 1.61 6.51 -5.81
N ILE A 65 1.80 5.24 -6.25
CA ILE A 65 3.12 4.65 -6.40
C ILE A 65 3.52 5.04 -7.80
N LYS A 66 4.84 5.26 -8.04
CA LYS A 66 5.32 5.64 -9.34
C LYS A 66 6.71 5.11 -9.50
N GLY A 67 7.17 5.05 -10.77
CA GLY A 67 8.50 4.61 -11.14
C GLY A 67 8.54 3.13 -11.21
N LEU A 68 7.57 2.54 -11.95
CA LEU A 68 7.37 1.11 -11.98
C LEU A 68 7.55 0.63 -13.38
N LYS A 69 7.45 -0.71 -13.57
CA LYS A 69 7.67 -1.38 -14.83
C LYS A 69 6.40 -2.14 -15.14
N PRO A 70 6.07 -2.41 -16.39
CA PRO A 70 4.92 -3.22 -16.75
C PRO A 70 5.23 -4.69 -16.59
N GLY A 71 4.16 -5.52 -16.56
CA GLY A 71 4.16 -6.96 -16.58
C GLY A 71 4.90 -7.64 -15.47
N VAL A 72 5.05 -6.97 -14.31
CA VAL A 72 5.80 -7.50 -13.20
C VAL A 72 4.90 -7.48 -11.99
N VAL A 73 5.10 -8.45 -11.09
CA VAL A 73 4.33 -8.64 -9.88
C VAL A 73 5.09 -7.99 -8.76
N TYR A 74 4.36 -7.26 -7.88
CA TYR A 74 4.88 -6.65 -6.69
C TYR A 74 4.15 -7.28 -5.55
N GLU A 75 4.81 -7.33 -4.37
CA GLU A 75 4.15 -7.55 -3.11
C GLU A 75 4.08 -6.20 -2.48
N GLY A 76 2.94 -5.92 -1.81
CA GLY A 76 2.74 -4.65 -1.17
C GLY A 76 2.16 -4.92 0.18
N GLN A 77 2.46 -4.02 1.13
CA GLN A 77 2.03 -4.16 2.49
C GLN A 77 1.68 -2.79 2.95
N LEU A 78 0.50 -2.69 3.60
CA LEU A 78 -0.05 -1.46 4.10
C LEU A 78 -0.06 -1.64 5.60
N ILE A 79 0.94 -1.07 6.29
CA ILE A 79 1.05 -1.16 7.73
C ILE A 79 0.33 0.07 8.24
N SER A 80 -0.64 -0.11 9.16
CA SER A 80 -1.48 0.94 9.64
C SER A 80 -1.18 1.14 11.11
N ILE A 81 -0.58 2.31 11.43
CA ILE A 81 0.03 2.55 12.71
C ILE A 81 -1.01 3.25 13.53
N GLN A 82 -0.93 3.03 14.85
CA GLN A 82 -1.68 3.77 15.83
C GLN A 82 -0.67 4.49 16.67
N GLN A 83 -0.97 5.77 16.98
CA GLN A 83 -0.03 6.69 17.54
C GLN A 83 0.35 6.33 18.95
N TYR A 84 1.66 6.04 19.15
CA TYR A 84 2.27 5.61 20.39
C TYR A 84 1.66 4.34 20.91
N GLY A 85 1.55 3.31 20.06
CA GLY A 85 1.03 2.05 20.49
C GLY A 85 1.48 0.99 19.55
N HIS A 86 0.50 0.29 18.96
CA HIS A 86 0.68 -0.91 18.18
C HIS A 86 0.95 -0.59 16.75
N GLN A 87 1.18 -1.66 15.95
CA GLN A 87 1.24 -1.60 14.53
C GLN A 87 0.38 -2.76 14.09
N GLU A 88 -0.41 -2.54 13.03
CA GLU A 88 -1.27 -3.53 12.42
C GLU A 88 -0.76 -3.65 11.02
N VAL A 89 -0.65 -4.88 10.48
CA VAL A 89 -0.11 -5.12 9.16
C VAL A 89 -1.21 -5.71 8.31
N THR A 90 -1.31 -5.19 7.07
CA THR A 90 -2.18 -5.67 6.03
C THR A 90 -1.21 -6.12 4.95
N ARG A 91 -1.49 -7.27 4.29
CA ARG A 91 -0.65 -7.74 3.20
C ARG A 91 -1.49 -8.01 2.00
N PHE A 92 -0.86 -7.88 0.81
CA PHE A 92 -1.51 -8.07 -0.47
C PHE A 92 -0.43 -8.24 -1.51
N ASP A 93 -0.86 -8.51 -2.77
CA ASP A 93 -0.01 -8.49 -3.93
C ASP A 93 -0.76 -7.73 -4.98
N PHE A 94 -0.03 -7.10 -5.93
CA PHE A 94 -0.62 -6.49 -7.10
C PHE A 94 0.30 -6.74 -8.25
N THR A 95 -0.21 -6.43 -9.45
CA THR A 95 0.56 -6.40 -10.67
C THR A 95 0.42 -5.00 -11.20
N THR A 96 1.51 -4.48 -11.80
CA THR A 96 1.51 -3.24 -12.53
C THR A 96 1.81 -3.69 -13.93
N THR A 97 0.93 -3.32 -14.90
CA THR A 97 0.98 -3.82 -16.24
C THR A 97 0.58 -2.69 -17.15
N SER A 98 0.94 -2.83 -18.45
CA SER A 98 0.67 -1.87 -19.49
C SER A 98 -0.68 -2.18 -20.15
N SER A 6 -9.29 -2.15 15.57
CA SER A 6 -8.51 -2.13 14.31
C SER A 6 -8.28 -3.54 13.83
N GLY A 7 -8.16 -3.69 12.49
CA GLY A 7 -7.90 -4.96 11.86
C GLY A 7 -7.47 -4.64 10.46
N PRO A 8 -7.36 -5.65 9.59
CA PRO A 8 -6.92 -5.47 8.23
C PRO A 8 -7.83 -4.56 7.47
N VAL A 9 -7.20 -3.61 6.79
CA VAL A 9 -7.78 -2.49 6.09
C VAL A 9 -8.32 -3.05 4.80
N GLU A 10 -9.34 -2.36 4.25
CA GLU A 10 -10.04 -2.77 3.05
C GLU A 10 -9.44 -2.02 1.92
N VAL A 11 -8.36 -2.61 1.40
CA VAL A 11 -7.48 -2.03 0.43
C VAL A 11 -7.87 -2.59 -0.90
N PHE A 12 -8.24 -1.67 -1.81
CA PHE A 12 -8.88 -1.97 -3.05
C PHE A 12 -7.80 -2.05 -4.09
N ILE A 13 -7.36 -3.31 -4.36
CA ILE A 13 -6.38 -3.60 -5.37
C ILE A 13 -7.20 -4.15 -6.50
N THR A 14 -7.52 -3.25 -7.44
CA THR A 14 -8.28 -3.55 -8.63
C THR A 14 -7.36 -4.20 -9.64
N GLU A 15 -6.07 -3.79 -9.61
CA GLU A 15 -4.98 -4.32 -10.39
C GLU A 15 -5.20 -4.00 -11.84
N THR A 16 -5.40 -2.69 -12.12
CA THR A 16 -5.57 -2.14 -13.45
C THR A 16 -5.05 -0.73 -13.32
N PRO A 17 -3.74 -0.45 -13.36
CA PRO A 17 -3.23 0.90 -13.17
C PRO A 17 -3.48 1.74 -14.39
N SER A 18 -3.33 1.15 -15.61
CA SER A 18 -3.51 1.77 -16.91
C SER A 18 -2.59 2.92 -17.15
N GLN A 19 -1.44 2.79 -16.49
CA GLN A 19 -0.36 3.75 -16.43
C GLN A 19 0.88 2.92 -16.24
N PRO A 20 2.01 3.25 -16.87
CA PRO A 20 3.11 2.31 -17.04
C PRO A 20 3.98 2.22 -15.82
N ASN A 21 4.07 3.31 -15.05
CA ASN A 21 5.01 3.47 -13.98
C ASN A 21 4.29 3.78 -12.71
N SER A 22 3.05 4.27 -12.79
CA SER A 22 2.32 4.64 -11.60
C SER A 22 1.25 3.63 -11.37
N HIS A 23 1.14 3.22 -10.10
CA HIS A 23 0.15 2.28 -9.64
C HIS A 23 -0.64 2.96 -8.54
N PRO A 24 -1.81 3.53 -8.81
CA PRO A 24 -2.63 4.15 -7.80
C PRO A 24 -3.40 3.10 -7.04
N ILE A 25 -3.31 3.11 -5.69
CA ILE A 25 -4.07 2.23 -4.83
C ILE A 25 -5.06 3.10 -4.10
N GLN A 26 -6.07 2.46 -3.46
CA GLN A 26 -6.92 3.13 -2.52
C GLN A 26 -7.10 2.16 -1.39
N TRP A 27 -7.51 2.66 -0.20
CA TRP A 27 -7.86 1.82 0.91
C TRP A 27 -8.98 2.48 1.65
N ASN A 28 -9.60 1.74 2.60
CA ASN A 28 -10.61 2.31 3.46
C ASN A 28 -10.48 1.63 4.77
N ALA A 29 -10.56 2.48 5.80
CA ALA A 29 -10.10 2.22 7.14
C ALA A 29 -11.12 1.44 7.94
N PRO A 30 -10.73 0.90 9.10
CA PRO A 30 -11.66 0.40 10.11
C PRO A 30 -12.49 1.51 10.70
N GLN A 31 -13.44 1.15 11.59
CA GLN A 31 -14.38 2.09 12.17
C GLN A 31 -13.72 2.87 13.30
N PRO A 32 -12.96 2.35 14.28
CA PRO A 32 -12.32 3.19 15.29
C PRO A 32 -11.25 4.06 14.68
N SER A 33 -11.05 5.27 15.27
CA SER A 33 -10.05 6.21 14.84
C SER A 33 -8.89 6.09 15.79
N HIS A 34 -8.28 4.89 15.80
CA HIS A 34 -7.15 4.53 16.62
C HIS A 34 -5.95 4.38 15.72
N ILE A 35 -6.17 4.56 14.40
CA ILE A 35 -5.17 4.42 13.37
C ILE A 35 -4.77 5.83 13.07
N SER A 36 -3.44 6.10 13.14
CA SER A 36 -2.88 7.37 12.83
C SER A 36 -2.44 7.30 11.40
N LYS A 37 -1.23 6.76 11.19
CA LYS A 37 -0.54 6.84 9.92
C LYS A 37 -0.89 5.65 9.10
N TYR A 38 -0.50 5.69 7.81
CA TYR A 38 -0.45 4.53 6.97
C TYR A 38 0.94 4.56 6.43
N ILE A 39 1.64 3.41 6.44
CA ILE A 39 2.94 3.29 5.83
C ILE A 39 2.71 2.24 4.79
N LEU A 40 3.08 2.57 3.53
CA LEU A 40 3.04 1.62 2.44
C LEU A 40 4.45 1.25 2.20
N ARG A 41 4.65 -0.05 1.98
CA ARG A 41 5.89 -0.54 1.45
C ARG A 41 5.55 -1.48 0.35
N TRP A 42 6.51 -1.65 -0.59
CA TRP A 42 6.33 -2.48 -1.74
C TRP A 42 7.70 -2.97 -2.12
N ARG A 43 7.79 -4.23 -2.57
CA ARG A 43 9.02 -4.87 -2.99
C ARG A 43 8.67 -5.51 -4.29
N PRO A 44 9.50 -5.56 -5.34
CA PRO A 44 9.21 -6.33 -6.54
C PRO A 44 9.35 -7.80 -6.20
N LYS A 45 8.27 -8.59 -6.41
CA LYS A 45 8.16 -10.01 -6.16
C LYS A 45 8.97 -10.83 -7.14
N ASN A 46 10.30 -10.65 -7.11
CA ASN A 46 11.26 -11.35 -7.91
C ASN A 46 12.61 -11.21 -7.26
N SER A 47 12.66 -10.77 -5.98
CA SER A 47 13.89 -10.51 -5.28
C SER A 47 13.56 -10.53 -3.82
N VAL A 48 14.62 -10.59 -2.98
CA VAL A 48 14.52 -10.55 -1.53
C VAL A 48 15.66 -9.65 -1.08
N GLY A 49 15.90 -8.54 -1.83
CA GLY A 49 17.00 -7.65 -1.58
C GLY A 49 16.54 -6.56 -0.66
N ARG A 50 16.52 -5.30 -1.16
CA ARG A 50 16.00 -4.17 -0.44
C ARG A 50 14.58 -3.94 -0.93
N TRP A 51 13.90 -2.93 -0.36
CA TRP A 51 12.58 -2.56 -0.79
C TRP A 51 12.35 -1.12 -0.48
N LYS A 52 11.21 -0.60 -0.99
CA LYS A 52 10.89 0.80 -0.95
C LYS A 52 9.76 0.97 0.00
N GLU A 53 9.61 2.19 0.55
CA GLU A 53 8.50 2.54 1.38
C GLU A 53 8.22 4.01 1.23
N ALA A 54 6.99 4.40 1.61
CA ALA A 54 6.57 5.77 1.72
C ALA A 54 5.76 5.84 2.99
N THR A 55 5.60 7.08 3.53
CA THR A 55 4.80 7.35 4.70
C THR A 55 3.72 8.27 4.21
N ILE A 56 2.44 7.85 4.40
CA ILE A 56 1.27 8.52 3.92
C ILE A 56 0.56 9.02 5.16
N PRO A 57 0.09 10.26 5.23
CA PRO A 57 -0.64 10.77 6.37
C PRO A 57 -1.98 10.10 6.58
N GLY A 58 -2.60 10.30 7.78
CA GLY A 58 -3.82 9.65 8.17
C GLY A 58 -5.05 10.19 7.51
N HIS A 59 -4.98 11.43 6.96
CA HIS A 59 -6.11 12.06 6.32
C HIS A 59 -6.23 11.58 4.89
N LEU A 60 -5.09 11.16 4.29
CA LEU A 60 -5.08 10.58 2.97
C LEU A 60 -5.31 9.11 3.12
N ASN A 61 -6.29 8.59 2.34
CA ASN A 61 -6.76 7.22 2.43
C ASN A 61 -6.49 6.52 1.14
N SER A 62 -5.71 7.14 0.24
CA SER A 62 -5.35 6.58 -1.03
C SER A 62 -3.93 6.97 -1.29
N TYR A 63 -3.26 6.25 -2.22
CA TYR A 63 -1.89 6.58 -2.57
C TYR A 63 -1.71 6.43 -4.05
N THR A 64 -0.64 7.06 -4.55
CA THR A 64 -0.13 6.88 -5.88
C THR A 64 1.31 6.51 -5.72
N ILE A 65 1.64 5.24 -6.08
CA ILE A 65 3.01 4.75 -6.15
C ILE A 65 3.47 5.17 -7.51
N LYS A 66 4.74 5.60 -7.66
CA LYS A 66 5.24 6.07 -8.93
C LYS A 66 6.66 5.62 -9.09
N GLY A 67 7.11 5.65 -10.36
CA GLY A 67 8.46 5.32 -10.77
C GLY A 67 8.63 3.85 -10.73
N LEU A 68 7.74 3.14 -11.44
CA LEU A 68 7.73 1.68 -11.44
C LEU A 68 8.06 1.22 -12.83
N LYS A 69 7.99 -0.11 -13.06
CA LYS A 69 8.33 -0.72 -14.31
C LYS A 69 7.03 -1.18 -14.92
N PRO A 70 6.94 -1.45 -16.22
CA PRO A 70 5.83 -2.18 -16.79
C PRO A 70 6.05 -3.66 -16.61
N GLY A 71 4.95 -4.46 -16.66
CA GLY A 71 4.93 -5.90 -16.67
C GLY A 71 5.56 -6.59 -15.49
N VAL A 72 5.56 -5.92 -14.31
CA VAL A 72 6.24 -6.37 -13.13
C VAL A 72 5.20 -6.66 -12.09
N VAL A 73 5.43 -7.72 -11.28
CA VAL A 73 4.61 -8.06 -10.15
C VAL A 73 5.35 -7.57 -8.92
N TYR A 74 4.64 -6.85 -8.03
CA TYR A 74 5.13 -6.40 -6.76
C TYR A 74 4.33 -7.12 -5.71
N GLU A 75 4.96 -7.36 -4.53
CA GLU A 75 4.26 -7.64 -3.31
C GLU A 75 4.12 -6.30 -2.64
N GLY A 76 3.00 -6.07 -1.92
CA GLY A 76 2.78 -4.80 -1.29
C GLY A 76 2.24 -5.05 0.07
N GLN A 77 2.44 -4.07 0.97
CA GLN A 77 2.03 -4.20 2.32
C GLN A 77 1.75 -2.83 2.82
N LEU A 78 0.61 -2.72 3.53
CA LEU A 78 0.03 -1.50 3.99
C LEU A 78 -0.10 -1.69 5.48
N ILE A 79 0.86 -1.16 6.25
CA ILE A 79 0.85 -1.22 7.69
C ILE A 79 0.16 0.04 8.14
N SER A 80 -0.72 -0.05 9.15
CA SER A 80 -1.46 1.04 9.72
C SER A 80 -0.93 1.22 11.10
N ILE A 81 -0.23 2.35 11.37
CA ILE A 81 0.44 2.56 12.63
C ILE A 81 -0.60 3.22 13.48
N GLN A 82 -0.71 2.72 14.72
CA GLN A 82 -1.72 3.12 15.67
C GLN A 82 -1.08 4.10 16.59
N GLN A 83 -1.93 4.90 17.28
CA GLN A 83 -1.50 6.03 18.07
C GLN A 83 -0.74 5.62 19.30
N TYR A 84 0.58 5.92 19.26
CA TYR A 84 1.55 5.76 20.32
C TYR A 84 1.59 4.35 20.86
N GLY A 85 1.50 3.34 19.97
CA GLY A 85 1.52 1.98 20.43
C GLY A 85 1.82 1.06 19.30
N HIS A 86 0.82 0.21 18.97
CA HIS A 86 0.95 -0.93 18.09
C HIS A 86 0.89 -0.50 16.66
N GLN A 87 0.91 -1.51 15.77
CA GLN A 87 0.69 -1.34 14.36
C GLN A 87 0.04 -2.61 13.89
N GLU A 88 -0.93 -2.44 12.96
CA GLU A 88 -1.73 -3.50 12.37
C GLU A 88 -1.28 -3.62 10.95
N VAL A 89 -1.15 -4.86 10.42
CA VAL A 89 -0.62 -5.09 9.10
C VAL A 89 -1.73 -5.57 8.21
N THR A 90 -1.72 -5.11 6.94
CA THR A 90 -2.63 -5.50 5.89
C THR A 90 -1.71 -5.84 4.75
N ARG A 91 -1.83 -7.02 4.10
CA ARG A 91 -0.90 -7.41 3.05
C ARG A 91 -1.62 -7.96 1.86
N PHE A 92 -0.97 -7.84 0.68
CA PHE A 92 -1.56 -8.11 -0.62
C PHE A 92 -0.42 -8.21 -1.61
N ASP A 93 -0.79 -8.36 -2.89
CA ASP A 93 0.12 -8.21 -3.99
C ASP A 93 -0.63 -7.49 -5.09
N PHE A 94 0.12 -6.86 -6.03
CA PHE A 94 -0.44 -6.24 -7.20
C PHE A 94 0.51 -6.44 -8.32
N THR A 95 0.04 -6.12 -9.54
CA THR A 95 0.83 -6.15 -10.75
C THR A 95 0.67 -4.79 -11.33
N THR A 96 1.79 -4.19 -11.81
CA THR A 96 1.81 -2.88 -12.43
C THR A 96 2.03 -3.15 -13.89
N THR A 97 0.96 -2.96 -14.69
CA THR A 97 0.93 -3.00 -16.13
C THR A 97 0.97 -4.44 -16.61
N SER A 98 0.26 -4.72 -17.73
CA SER A 98 0.13 -6.02 -18.35
C SER A 98 -0.55 -6.99 -17.38
N SER A 6 -7.81 -1.82 14.54
CA SER A 6 -8.48 -3.11 14.81
C SER A 6 -7.60 -4.24 14.33
N GLY A 7 -7.53 -4.43 12.99
CA GLY A 7 -6.78 -5.50 12.40
C GLY A 7 -6.54 -5.13 10.96
N PRO A 8 -6.37 -6.13 10.09
CA PRO A 8 -6.07 -5.90 8.69
C PRO A 8 -7.13 -5.13 7.98
N VAL A 9 -6.65 -4.17 7.19
CA VAL A 9 -7.37 -3.20 6.42
C VAL A 9 -7.87 -3.89 5.17
N GLU A 10 -8.94 -3.32 4.57
CA GLU A 10 -9.53 -3.77 3.34
C GLU A 10 -9.10 -2.78 2.31
N VAL A 11 -8.09 -3.18 1.52
CA VAL A 11 -7.34 -2.31 0.65
C VAL A 11 -7.58 -2.79 -0.74
N PHE A 12 -7.85 -1.81 -1.64
CA PHE A 12 -8.34 -2.04 -2.98
C PHE A 12 -7.33 -1.44 -3.91
N ILE A 13 -7.51 -1.72 -5.22
CA ILE A 13 -6.69 -1.18 -6.29
C ILE A 13 -7.67 -0.42 -7.11
N THR A 14 -7.18 0.63 -7.82
CA THR A 14 -7.99 1.59 -8.53
C THR A 14 -8.54 1.01 -9.82
N GLU A 15 -9.25 1.86 -10.60
CA GLU A 15 -10.03 1.47 -11.74
C GLU A 15 -9.30 1.80 -13.01
N THR A 16 -7.94 1.88 -12.95
CA THR A 16 -7.10 2.18 -14.09
C THR A 16 -6.87 0.87 -14.83
N PRO A 17 -7.24 0.71 -16.11
CA PRO A 17 -7.20 -0.59 -16.78
C PRO A 17 -5.79 -0.94 -17.17
N SER A 18 -4.98 0.06 -17.60
CA SER A 18 -3.60 -0.13 -17.96
C SER A 18 -2.95 1.13 -17.51
N GLN A 19 -2.12 1.01 -16.45
CA GLN A 19 -1.34 2.06 -15.87
C GLN A 19 0.04 1.91 -16.46
N PRO A 20 0.89 2.93 -16.59
CA PRO A 20 2.19 2.78 -17.21
C PRO A 20 3.17 2.26 -16.18
N ASN A 21 3.60 3.16 -15.28
CA ASN A 21 4.64 3.00 -14.31
C ASN A 21 4.15 3.51 -12.99
N SER A 22 2.97 4.11 -12.98
CA SER A 22 2.33 4.55 -11.76
C SER A 22 1.45 3.42 -11.34
N HIS A 23 1.17 3.34 -10.02
CA HIS A 23 0.22 2.40 -9.51
C HIS A 23 -0.45 3.02 -8.32
N PRO A 24 -1.56 3.73 -8.49
CA PRO A 24 -2.29 4.32 -7.39
C PRO A 24 -3.15 3.28 -6.72
N ILE A 25 -3.21 3.31 -5.37
CA ILE A 25 -4.02 2.42 -4.59
C ILE A 25 -4.95 3.24 -3.74
N GLN A 26 -5.86 2.57 -3.01
CA GLN A 26 -6.77 3.20 -2.10
C GLN A 26 -7.06 2.17 -1.05
N TRP A 27 -7.46 2.61 0.17
CA TRP A 27 -7.67 1.73 1.29
C TRP A 27 -8.86 2.22 2.06
N ASN A 28 -9.41 1.33 2.91
CA ASN A 28 -10.41 1.61 3.91
C ASN A 28 -9.62 1.72 5.18
N ALA A 29 -10.31 1.84 6.31
CA ALA A 29 -9.67 1.71 7.60
C ALA A 29 -10.75 1.35 8.57
N PRO A 30 -10.42 0.94 9.80
CA PRO A 30 -11.39 0.70 10.85
C PRO A 30 -12.14 1.96 11.25
N GLN A 31 -13.37 1.78 11.78
CA GLN A 31 -14.32 2.85 11.99
C GLN A 31 -14.10 3.65 13.26
N PRO A 32 -13.64 3.16 14.43
CA PRO A 32 -13.49 4.02 15.61
C PRO A 32 -12.36 5.01 15.53
N SER A 33 -11.55 4.99 14.44
CA SER A 33 -10.39 5.82 14.22
C SER A 33 -9.32 5.45 15.21
N HIS A 34 -8.90 4.16 15.13
CA HIS A 34 -7.91 3.56 15.98
C HIS A 34 -6.58 3.65 15.26
N ILE A 35 -6.62 4.02 13.96
CA ILE A 35 -5.48 4.07 13.08
C ILE A 35 -5.27 5.54 12.81
N SER A 36 -3.99 5.98 12.83
CA SER A 36 -3.56 7.29 12.42
C SER A 36 -3.03 7.15 11.03
N LYS A 37 -1.73 6.77 10.93
CA LYS A 37 -0.93 6.89 9.73
C LYS A 37 -1.11 5.67 8.90
N TYR A 38 -0.61 5.73 7.65
CA TYR A 38 -0.52 4.57 6.80
C TYR A 38 0.89 4.60 6.29
N ILE A 39 1.58 3.45 6.30
CA ILE A 39 2.89 3.31 5.75
C ILE A 39 2.67 2.27 4.69
N LEU A 40 3.11 2.55 3.46
CA LEU A 40 3.05 1.58 2.38
C LEU A 40 4.43 1.17 2.09
N ARG A 41 4.56 -0.11 1.76
CA ARG A 41 5.74 -0.67 1.21
C ARG A 41 5.35 -1.34 -0.06
N TRP A 42 6.35 -1.51 -0.94
CA TRP A 42 6.22 -2.33 -2.11
C TRP A 42 7.60 -2.89 -2.39
N ARG A 43 7.66 -4.18 -2.77
CA ARG A 43 8.89 -4.88 -3.10
C ARG A 43 8.56 -5.59 -4.37
N PRO A 44 9.38 -5.65 -5.42
CA PRO A 44 9.08 -6.44 -6.61
C PRO A 44 9.21 -7.90 -6.25
N LYS A 45 8.06 -8.63 -6.31
CA LYS A 45 7.88 -10.00 -5.92
C LYS A 45 8.54 -10.95 -6.89
N ASN A 46 9.89 -10.97 -6.83
CA ASN A 46 10.75 -11.67 -7.76
C ASN A 46 11.96 -11.91 -6.91
N SER A 47 12.58 -10.81 -6.43
CA SER A 47 13.67 -10.81 -5.50
C SER A 47 13.09 -10.67 -4.11
N VAL A 48 13.88 -11.07 -3.09
CA VAL A 48 13.52 -10.97 -1.70
C VAL A 48 14.64 -10.23 -1.03
N GLY A 49 15.10 -9.12 -1.67
CA GLY A 49 16.19 -8.32 -1.20
C GLY A 49 15.64 -7.12 -0.49
N ARG A 50 16.12 -5.91 -0.90
CA ARG A 50 15.72 -4.65 -0.32
C ARG A 50 14.45 -4.20 -0.99
N TRP A 51 13.80 -3.17 -0.41
CA TRP A 51 12.50 -2.74 -0.87
C TRP A 51 12.32 -1.29 -0.59
N LYS A 52 11.20 -0.74 -1.11
CA LYS A 52 10.89 0.67 -1.08
C LYS A 52 9.71 0.83 -0.18
N GLU A 53 9.58 2.06 0.35
CA GLU A 53 8.49 2.40 1.22
C GLU A 53 8.22 3.86 1.10
N ALA A 54 7.00 4.26 1.53
CA ALA A 54 6.60 5.63 1.67
C ALA A 54 5.77 5.72 2.93
N THR A 55 5.58 6.96 3.45
CA THR A 55 4.74 7.23 4.59
C THR A 55 3.71 8.20 4.08
N ILE A 56 2.42 7.84 4.29
CA ILE A 56 1.27 8.55 3.79
C ILE A 56 0.56 9.06 5.03
N PRO A 57 0.13 10.33 5.09
CA PRO A 57 -0.62 10.86 6.22
C PRO A 57 -1.97 10.22 6.42
N GLY A 58 -2.57 10.46 7.60
CA GLY A 58 -3.78 9.80 8.03
C GLY A 58 -5.03 10.36 7.40
N HIS A 59 -4.95 11.57 6.81
CA HIS A 59 -6.08 12.21 6.17
C HIS A 59 -6.24 11.72 4.76
N LEU A 60 -5.13 11.24 4.15
CA LEU A 60 -5.14 10.72 2.79
C LEU A 60 -5.46 9.26 2.86
N ASN A 61 -6.47 8.85 2.05
CA ASN A 61 -7.03 7.53 2.04
C ASN A 61 -6.56 6.75 0.84
N SER A 62 -5.75 7.40 -0.03
CA SER A 62 -5.31 6.81 -1.28
C SER A 62 -3.86 7.16 -1.45
N TYR A 63 -3.13 6.39 -2.30
CA TYR A 63 -1.75 6.69 -2.61
C TYR A 63 -1.61 6.71 -4.11
N THR A 64 -0.39 7.11 -4.55
CA THR A 64 0.07 7.05 -5.91
C THR A 64 1.50 6.61 -5.78
N ILE A 65 1.80 5.35 -6.23
CA ILE A 65 3.17 4.88 -6.36
C ILE A 65 3.57 5.31 -7.75
N LYS A 66 4.87 5.61 -7.97
CA LYS A 66 5.33 5.99 -9.28
C LYS A 66 6.75 5.57 -9.43
N GLY A 67 7.20 5.46 -10.70
CA GLY A 67 8.55 5.08 -11.07
C GLY A 67 8.69 3.60 -10.95
N LEU A 68 7.79 2.88 -11.64
CA LEU A 68 7.74 1.43 -11.60
C LEU A 68 8.06 0.93 -12.99
N LYS A 69 7.70 -0.33 -13.28
CA LYS A 69 7.99 -0.97 -14.54
C LYS A 69 6.67 -1.45 -15.07
N PRO A 70 6.54 -1.75 -16.36
CA PRO A 70 5.41 -2.50 -16.90
C PRO A 70 5.62 -3.97 -16.64
N GLY A 71 4.51 -4.75 -16.60
CA GLY A 71 4.45 -6.19 -16.53
C GLY A 71 5.19 -6.84 -15.40
N VAL A 72 5.24 -6.16 -14.23
CA VAL A 72 5.97 -6.58 -13.07
C VAL A 72 4.96 -6.85 -11.98
N VAL A 73 5.26 -7.83 -11.11
CA VAL A 73 4.46 -8.16 -9.95
C VAL A 73 5.18 -7.58 -8.76
N TYR A 74 4.42 -6.88 -7.87
CA TYR A 74 4.93 -6.37 -6.62
C TYR A 74 4.18 -7.06 -5.52
N GLU A 75 4.86 -7.20 -4.36
CA GLU A 75 4.35 -7.56 -3.07
C GLU A 75 4.15 -6.22 -2.44
N GLY A 76 2.96 -5.94 -1.88
CA GLY A 76 2.69 -4.67 -1.26
C GLY A 76 2.21 -4.92 0.13
N GLN A 77 2.66 -4.08 1.08
CA GLN A 77 2.29 -4.23 2.46
C GLN A 77 1.92 -2.88 2.94
N LEU A 78 0.76 -2.83 3.59
CA LEU A 78 0.14 -1.63 4.09
C LEU A 78 0.09 -1.82 5.57
N ILE A 79 1.02 -1.16 6.31
CA ILE A 79 1.01 -1.15 7.74
C ILE A 79 0.24 0.07 8.12
N SER A 80 -0.75 -0.04 9.02
CA SER A 80 -1.57 1.05 9.47
C SER A 80 -1.23 1.29 10.92
N ILE A 81 -0.63 2.46 11.23
CA ILE A 81 -0.03 2.68 12.53
C ILE A 81 -1.11 3.26 13.37
N GLN A 82 -1.12 2.83 14.64
CA GLN A 82 -2.13 3.17 15.61
C GLN A 82 -1.56 4.19 16.53
N GLN A 83 -2.46 5.02 17.11
CA GLN A 83 -2.15 6.11 18.01
C GLN A 83 -1.83 5.65 19.43
N TYR A 84 -1.19 4.47 19.56
CA TYR A 84 -0.90 3.87 20.84
C TYR A 84 0.43 3.20 20.78
N GLY A 85 1.20 3.48 19.71
CA GLY A 85 2.52 2.93 19.50
C GLY A 85 2.46 1.64 18.74
N HIS A 86 1.27 0.97 18.77
CA HIS A 86 1.01 -0.29 18.14
C HIS A 86 0.74 -0.07 16.69
N GLN A 87 0.60 -1.17 15.93
CA GLN A 87 0.42 -1.09 14.50
C GLN A 87 -0.12 -2.41 14.03
N GLU A 88 -1.01 -2.33 13.01
CA GLU A 88 -1.65 -3.47 12.39
C GLU A 88 -1.05 -3.59 11.02
N VAL A 89 -0.93 -4.83 10.49
CA VAL A 89 -0.29 -5.09 9.23
C VAL A 89 -1.32 -5.71 8.32
N THR A 90 -1.26 -5.34 7.01
CA THR A 90 -2.14 -5.80 5.98
C THR A 90 -1.20 -6.20 4.87
N ARG A 91 -1.35 -7.41 4.27
CA ARG A 91 -0.48 -7.85 3.21
C ARG A 91 -1.31 -8.22 2.02
N PHE A 92 -0.72 -8.02 0.81
CA PHE A 92 -1.36 -8.27 -0.46
C PHE A 92 -0.28 -8.32 -1.49
N ASP A 93 -0.69 -8.54 -2.75
CA ASP A 93 0.16 -8.36 -3.91
C ASP A 93 -0.68 -7.67 -4.95
N PHE A 94 -0.02 -6.97 -5.90
CA PHE A 94 -0.65 -6.39 -7.05
C PHE A 94 0.30 -6.54 -8.19
N THR A 95 -0.20 -6.23 -9.40
CA THR A 95 0.61 -6.20 -10.59
C THR A 95 0.49 -4.81 -11.14
N THR A 96 1.62 -4.26 -11.63
CA THR A 96 1.68 -3.01 -12.35
C THR A 96 1.95 -3.44 -13.75
N THR A 97 0.85 -3.72 -14.51
CA THR A 97 0.91 -4.13 -15.89
C THR A 97 0.86 -2.88 -16.72
N SER A 98 0.86 -3.04 -18.05
CA SER A 98 0.72 -1.94 -18.98
C SER A 98 0.27 -2.58 -20.28
N SER A 6 -8.35 -1.06 13.90
CA SER A 6 -8.59 -2.37 14.56
C SER A 6 -7.51 -3.33 14.15
N GLY A 7 -7.56 -3.78 12.87
CA GLY A 7 -6.65 -4.78 12.38
C GLY A 7 -6.60 -4.60 10.89
N PRO A 8 -6.50 -5.68 10.10
CA PRO A 8 -6.27 -5.58 8.68
C PRO A 8 -7.36 -4.85 7.93
N VAL A 9 -6.89 -3.95 7.08
CA VAL A 9 -7.61 -2.98 6.32
C VAL A 9 -8.07 -3.65 5.05
N GLU A 10 -9.07 -3.03 4.38
CA GLU A 10 -9.62 -3.48 3.12
C GLU A 10 -9.09 -2.50 2.12
N VAL A 11 -8.12 -2.96 1.32
CA VAL A 11 -7.34 -2.14 0.43
C VAL A 11 -7.45 -2.81 -0.90
N PHE A 12 -7.59 -1.98 -1.96
CA PHE A 12 -7.97 -2.41 -3.27
C PHE A 12 -7.19 -1.61 -4.26
N ILE A 13 -7.08 -2.13 -5.50
CA ILE A 13 -6.42 -1.47 -6.59
C ILE A 13 -7.47 -0.70 -7.33
N THR A 14 -7.03 0.33 -8.09
CA THR A 14 -7.92 1.30 -8.70
C THR A 14 -8.61 0.75 -9.92
N GLU A 15 -7.86 0.02 -10.77
CA GLU A 15 -8.28 -0.54 -12.02
C GLU A 15 -8.22 0.58 -13.02
N THR A 16 -7.00 0.78 -13.57
CA THR A 16 -6.72 1.76 -14.60
C THR A 16 -6.37 0.95 -15.83
N PRO A 17 -6.76 1.34 -17.05
CA PRO A 17 -6.40 0.61 -18.26
C PRO A 17 -4.98 0.94 -18.66
N SER A 18 -4.02 0.04 -18.32
CA SER A 18 -2.60 0.14 -18.61
C SER A 18 -1.94 1.17 -17.73
N GLN A 19 -0.91 0.73 -16.97
CA GLN A 19 -0.20 1.61 -16.07
C GLN A 19 1.23 1.13 -16.04
N PRO A 20 2.24 1.87 -16.51
CA PRO A 20 3.58 1.35 -16.68
C PRO A 20 4.35 1.43 -15.39
N ASN A 21 4.44 2.64 -14.83
CA ASN A 21 5.30 2.97 -13.73
C ASN A 21 4.48 3.40 -12.56
N SER A 22 3.23 3.82 -12.79
CA SER A 22 2.40 4.31 -11.73
C SER A 22 1.52 3.19 -11.29
N HIS A 23 1.19 3.18 -9.99
CA HIS A 23 0.19 2.29 -9.46
C HIS A 23 -0.45 2.96 -8.28
N PRO A 24 -1.60 3.61 -8.42
CA PRO A 24 -2.27 4.24 -7.30
C PRO A 24 -3.03 3.23 -6.51
N ILE A 25 -2.98 3.37 -5.16
CA ILE A 25 -3.59 2.50 -4.20
C ILE A 25 -4.66 3.35 -3.54
N GLN A 26 -5.80 2.75 -3.15
CA GLN A 26 -6.78 3.40 -2.32
C GLN A 26 -7.18 2.38 -1.29
N TRP A 27 -7.56 2.83 -0.08
CA TRP A 27 -7.88 1.93 1.01
C TRP A 27 -9.04 2.48 1.77
N ASN A 28 -9.69 1.59 2.57
CA ASN A 28 -10.73 1.92 3.52
C ASN A 28 -10.02 1.92 4.83
N ALA A 29 -10.76 2.04 5.94
CA ALA A 29 -10.18 1.83 7.23
C ALA A 29 -11.24 1.31 8.16
N PRO A 30 -10.88 0.72 9.31
CA PRO A 30 -11.82 0.39 10.37
C PRO A 30 -12.41 1.61 11.03
N GLN A 31 -13.44 1.40 11.87
CA GLN A 31 -14.23 2.46 12.46
C GLN A 31 -13.59 3.08 13.69
N PRO A 32 -13.20 2.42 14.79
CA PRO A 32 -12.81 3.11 16.02
C PRO A 32 -11.43 3.71 15.88
N SER A 33 -11.02 4.54 16.87
CA SER A 33 -9.72 5.17 16.91
C SER A 33 -8.72 4.14 17.35
N HIS A 34 -7.82 3.79 16.43
CA HIS A 34 -6.91 2.68 16.60
C HIS A 34 -5.91 2.82 15.52
N ILE A 35 -6.38 3.00 14.27
CA ILE A 35 -5.53 3.08 13.10
C ILE A 35 -5.51 4.52 12.70
N SER A 36 -4.28 5.06 12.57
CA SER A 36 -4.02 6.43 12.29
C SER A 36 -3.35 6.52 10.96
N LYS A 37 -2.01 6.35 10.96
CA LYS A 37 -1.10 6.68 9.90
C LYS A 37 -1.02 5.49 9.01
N TYR A 38 -0.65 5.66 7.72
CA TYR A 38 -0.54 4.53 6.82
C TYR A 38 0.83 4.63 6.24
N ILE A 39 1.54 3.49 6.16
CA ILE A 39 2.78 3.34 5.46
C ILE A 39 2.36 2.44 4.36
N LEU A 40 2.80 2.73 3.12
CA LEU A 40 2.72 1.79 2.03
C LEU A 40 4.10 1.34 1.81
N ARG A 41 4.29 0.01 1.87
CA ARG A 41 5.51 -0.64 1.51
C ARG A 41 5.21 -1.29 0.20
N TRP A 42 6.26 -1.49 -0.62
CA TRP A 42 6.17 -2.32 -1.78
C TRP A 42 7.55 -2.82 -2.06
N ARG A 43 7.65 -4.10 -2.49
CA ARG A 43 8.87 -4.66 -3.02
C ARG A 43 8.43 -5.38 -4.25
N PRO A 44 9.22 -5.59 -5.28
CA PRO A 44 8.91 -6.56 -6.34
C PRO A 44 9.16 -7.93 -5.75
N LYS A 45 8.67 -9.02 -6.38
CA LYS A 45 8.93 -10.37 -5.90
C LYS A 45 10.41 -10.75 -5.99
N ASN A 46 11.10 -10.53 -4.86
CA ASN A 46 12.42 -11.03 -4.60
C ASN A 46 12.32 -11.71 -3.26
N SER A 47 13.31 -11.48 -2.36
CA SER A 47 13.39 -12.01 -1.03
C SER A 47 12.86 -10.96 -0.10
N VAL A 48 13.32 -11.02 1.17
CA VAL A 48 13.03 -10.09 2.24
C VAL A 48 14.16 -9.08 2.27
N GLY A 49 14.56 -8.62 1.06
CA GLY A 49 15.72 -7.79 0.86
C GLY A 49 15.36 -6.34 0.93
N ARG A 50 16.07 -5.51 0.13
CA ARG A 50 15.91 -4.08 0.11
C ARG A 50 14.65 -3.75 -0.64
N TRP A 51 13.85 -2.82 -0.07
CA TRP A 51 12.56 -2.49 -0.60
C TRP A 51 12.28 -1.04 -0.36
N LYS A 52 11.13 -0.57 -0.92
CA LYS A 52 10.77 0.81 -0.95
C LYS A 52 9.60 1.00 -0.07
N GLU A 53 9.43 2.23 0.43
CA GLU A 53 8.34 2.58 1.30
C GLU A 53 8.01 4.02 1.10
N ALA A 54 6.76 4.36 1.50
CA ALA A 54 6.26 5.71 1.56
C ALA A 54 5.50 5.82 2.85
N THR A 55 5.30 7.07 3.33
CA THR A 55 4.51 7.36 4.50
C THR A 55 3.44 8.31 4.02
N ILE A 56 2.16 7.95 4.30
CA ILE A 56 1.00 8.68 3.89
C ILE A 56 0.33 9.11 5.18
N PRO A 57 -0.13 10.36 5.34
CA PRO A 57 -0.83 10.81 6.53
C PRO A 57 -2.13 10.10 6.78
N GLY A 58 -2.71 10.27 7.99
CA GLY A 58 -3.87 9.54 8.43
C GLY A 58 -5.16 10.08 7.87
N HIS A 59 -5.15 11.35 7.39
CA HIS A 59 -6.33 11.98 6.83
C HIS A 59 -6.47 11.60 5.38
N LEU A 60 -5.33 11.28 4.71
CA LEU A 60 -5.32 10.85 3.33
C LEU A 60 -5.50 9.36 3.31
N ASN A 61 -6.42 8.89 2.45
CA ASN A 61 -6.86 7.52 2.40
C ASN A 61 -6.46 6.89 1.08
N SER A 62 -5.62 7.60 0.31
CA SER A 62 -5.24 7.17 -1.01
C SER A 62 -3.81 7.57 -1.23
N TYR A 63 -3.19 6.99 -2.29
CA TYR A 63 -1.82 7.26 -2.64
C TYR A 63 -1.66 7.06 -4.12
N THR A 64 -0.43 7.38 -4.60
CA THR A 64 0.04 7.16 -5.93
C THR A 64 1.46 6.69 -5.78
N ILE A 65 1.73 5.41 -6.13
CA ILE A 65 3.07 4.87 -6.18
C ILE A 65 3.56 5.21 -7.57
N LYS A 66 4.86 5.55 -7.73
CA LYS A 66 5.41 5.87 -9.01
C LYS A 66 6.80 5.31 -9.08
N GLY A 67 7.30 5.21 -10.34
CA GLY A 67 8.64 4.78 -10.66
C GLY A 67 8.73 3.31 -10.55
N LEU A 68 7.81 2.62 -11.27
CA LEU A 68 7.72 1.17 -11.22
C LEU A 68 8.09 0.66 -12.58
N LYS A 69 7.80 -0.64 -12.86
CA LYS A 69 8.15 -1.29 -14.09
C LYS A 69 6.88 -1.99 -14.53
N PRO A 70 6.61 -2.16 -15.82
CA PRO A 70 5.48 -2.94 -16.29
C PRO A 70 5.82 -4.41 -16.21
N GLY A 71 4.77 -5.26 -16.27
CA GLY A 71 4.82 -6.69 -16.35
C GLY A 71 5.45 -7.40 -15.20
N VAL A 72 5.47 -6.78 -14.00
CA VAL A 72 6.08 -7.36 -12.84
C VAL A 72 5.09 -7.30 -11.72
N VAL A 73 5.08 -8.35 -10.87
CA VAL A 73 4.22 -8.44 -9.73
C VAL A 73 5.00 -7.96 -8.53
N TYR A 74 4.38 -6.99 -7.81
CA TYR A 74 4.89 -6.43 -6.60
C TYR A 74 4.14 -7.10 -5.49
N GLU A 75 4.85 -7.33 -4.37
CA GLU A 75 4.28 -7.63 -3.09
C GLU A 75 4.11 -6.29 -2.44
N GLY A 76 2.93 -6.00 -1.84
CA GLY A 76 2.68 -4.73 -1.22
C GLY A 76 2.16 -4.97 0.15
N GLN A 77 2.41 -4.01 1.07
CA GLN A 77 1.86 -4.07 2.40
C GLN A 77 1.41 -2.70 2.73
N LEU A 78 0.22 -2.61 3.35
CA LEU A 78 -0.33 -1.39 3.87
C LEU A 78 -0.23 -1.55 5.35
N ILE A 79 0.83 -0.98 5.95
CA ILE A 79 1.14 -1.15 7.36
C ILE A 79 0.49 0.03 8.02
N SER A 80 -0.38 -0.20 9.01
CA SER A 80 -1.23 0.83 9.55
C SER A 80 -0.80 1.09 10.96
N ILE A 81 -0.18 2.27 11.18
CA ILE A 81 0.53 2.57 12.40
C ILE A 81 -0.48 3.24 13.29
N GLN A 82 -0.46 2.83 14.58
CA GLN A 82 -1.17 3.48 15.64
C GLN A 82 -0.10 4.31 16.25
N GLN A 83 -0.21 5.66 16.11
CA GLN A 83 0.84 6.57 16.47
C GLN A 83 1.00 6.60 17.96
N TYR A 84 2.26 6.33 18.39
CA TYR A 84 2.69 6.22 19.77
C TYR A 84 2.10 4.99 20.41
N GLY A 85 2.03 3.86 19.67
CA GLY A 85 1.50 2.66 20.25
C GLY A 85 1.82 1.49 19.36
N HIS A 86 0.75 0.87 18.81
CA HIS A 86 0.79 -0.39 18.12
C HIS A 86 1.21 -0.22 16.69
N GLN A 87 1.26 -1.36 15.97
CA GLN A 87 1.45 -1.39 14.54
C GLN A 87 0.68 -2.58 14.06
N GLU A 88 -0.26 -2.34 13.11
CA GLU A 88 -1.05 -3.35 12.47
C GLU A 88 -0.49 -3.52 11.09
N VAL A 89 -0.78 -4.66 10.43
CA VAL A 89 -0.27 -4.95 9.11
C VAL A 89 -1.39 -5.50 8.28
N THR A 90 -1.44 -5.05 7.00
CA THR A 90 -2.32 -5.54 5.97
C THR A 90 -1.37 -5.98 4.88
N ARG A 91 -1.65 -7.13 4.22
CA ARG A 91 -0.73 -7.70 3.26
C ARG A 91 -1.50 -8.13 2.04
N PHE A 92 -0.89 -7.95 0.84
CA PHE A 92 -1.51 -8.20 -0.44
C PHE A 92 -0.40 -8.25 -1.46
N ASP A 93 -0.81 -8.39 -2.73
CA ASP A 93 0.05 -8.21 -3.88
C ASP A 93 -0.74 -7.41 -4.89
N PHE A 94 -0.02 -6.74 -5.82
CA PHE A 94 -0.62 -6.11 -6.98
C PHE A 94 0.33 -6.28 -8.11
N THR A 95 -0.18 -6.07 -9.33
CA THR A 95 0.60 -6.16 -10.54
C THR A 95 0.56 -4.80 -11.15
N THR A 96 1.72 -4.33 -11.66
CA THR A 96 1.82 -3.09 -12.38
C THR A 96 2.22 -3.55 -13.74
N THR A 97 1.35 -3.31 -14.75
CA THR A 97 1.57 -3.82 -16.08
C THR A 97 0.81 -2.93 -17.02
N SER A 98 1.37 -2.78 -18.24
CA SER A 98 0.74 -2.05 -19.32
C SER A 98 0.07 -3.09 -20.22
N SER A 6 -8.40 -4.12 15.96
CA SER A 6 -9.25 -4.64 14.86
C SER A 6 -8.54 -5.76 14.19
N GLY A 7 -8.02 -5.55 12.96
CA GLY A 7 -7.34 -6.57 12.22
C GLY A 7 -7.04 -5.99 10.87
N PRO A 8 -6.77 -6.85 9.88
CA PRO A 8 -6.36 -6.43 8.55
C PRO A 8 -7.36 -5.54 7.87
N VAL A 9 -6.79 -4.55 7.19
CA VAL A 9 -7.42 -3.49 6.43
C VAL A 9 -7.80 -4.10 5.10
N GLU A 10 -8.75 -3.46 4.39
CA GLU A 10 -9.24 -3.88 3.11
C GLU A 10 -8.70 -2.92 2.12
N VAL A 11 -7.71 -3.36 1.33
CA VAL A 11 -6.95 -2.53 0.43
C VAL A 11 -7.10 -3.16 -0.93
N PHE A 12 -7.26 -2.29 -1.95
CA PHE A 12 -7.63 -2.65 -3.28
C PHE A 12 -6.92 -1.69 -4.19
N ILE A 13 -6.87 -2.01 -5.51
CA ILE A 13 -6.20 -1.21 -6.49
C ILE A 13 -7.25 -0.60 -7.37
N THR A 14 -7.35 0.73 -7.30
CA THR A 14 -8.30 1.54 -8.04
C THR A 14 -7.51 2.53 -8.85
N GLU A 15 -8.20 3.24 -9.78
CA GLU A 15 -7.70 4.35 -10.56
C GLU A 15 -6.65 3.95 -11.57
N THR A 16 -6.56 2.62 -11.86
CA THR A 16 -5.63 2.12 -12.84
C THR A 16 -6.29 0.96 -13.55
N PRO A 17 -6.94 1.17 -14.70
CA PRO A 17 -7.27 0.10 -15.62
C PRO A 17 -6.03 -0.30 -16.40
N SER A 18 -5.12 0.67 -16.68
CA SER A 18 -3.91 0.44 -17.42
C SER A 18 -3.06 1.67 -17.25
N GLN A 19 -1.96 1.53 -16.48
CA GLN A 19 -1.00 2.59 -16.26
C GLN A 19 0.31 1.89 -16.00
N PRO A 20 1.35 1.99 -16.83
CA PRO A 20 2.53 1.16 -16.71
C PRO A 20 3.53 1.75 -15.74
N ASN A 21 3.44 3.07 -15.48
CA ASN A 21 4.48 3.80 -14.79
C ASN A 21 4.06 4.07 -13.39
N SER A 22 2.77 4.44 -13.24
CA SER A 22 2.18 4.77 -11.97
C SER A 22 1.21 3.67 -11.64
N HIS A 23 1.04 3.44 -10.32
CA HIS A 23 0.05 2.52 -9.82
C HIS A 23 -0.51 3.12 -8.56
N PRO A 24 -1.61 3.86 -8.62
CA PRO A 24 -2.26 4.40 -7.45
C PRO A 24 -3.15 3.37 -6.83
N ILE A 25 -3.27 3.40 -5.49
CA ILE A 25 -4.10 2.49 -4.74
C ILE A 25 -5.02 3.30 -3.88
N GLN A 26 -5.98 2.62 -3.21
CA GLN A 26 -6.80 3.21 -2.19
C GLN A 26 -7.11 2.10 -1.23
N TRP A 27 -7.29 2.43 0.07
CA TRP A 27 -7.58 1.47 1.10
C TRP A 27 -8.76 2.00 1.85
N ASN A 28 -9.44 1.09 2.59
CA ASN A 28 -10.46 1.38 3.56
C ASN A 28 -9.73 1.38 4.85
N ALA A 29 -10.45 1.56 5.96
CA ALA A 29 -9.85 1.43 7.27
C ALA A 29 -10.98 1.11 8.21
N PRO A 30 -10.69 0.69 9.45
CA PRO A 30 -11.70 0.43 10.46
C PRO A 30 -12.43 1.68 10.90
N GLN A 31 -13.60 1.51 11.54
CA GLN A 31 -14.46 2.57 11.98
C GLN A 31 -13.98 3.13 13.31
N PRO A 32 -13.84 2.43 14.45
CA PRO A 32 -13.43 3.05 15.71
C PRO A 32 -11.96 3.36 15.69
N SER A 33 -11.44 4.03 16.75
CA SER A 33 -10.06 4.43 16.86
C SER A 33 -9.19 3.21 17.04
N HIS A 34 -8.20 3.10 16.13
CA HIS A 34 -7.39 1.91 16.02
C HIS A 34 -6.24 2.28 15.13
N ILE A 35 -6.54 3.01 14.04
CA ILE A 35 -5.61 3.36 13.00
C ILE A 35 -5.73 4.83 12.72
N SER A 36 -4.58 5.49 12.48
CA SER A 36 -4.52 6.87 12.05
C SER A 36 -3.74 6.96 10.76
N LYS A 37 -2.41 6.75 10.84
CA LYS A 37 -1.44 6.96 9.80
C LYS A 37 -1.40 5.71 8.99
N TYR A 38 -0.76 5.78 7.80
CA TYR A 38 -0.59 4.60 6.98
C TYR A 38 0.83 4.65 6.54
N ILE A 39 1.45 3.47 6.35
CA ILE A 39 2.74 3.31 5.77
C ILE A 39 2.45 2.38 4.64
N LEU A 40 3.07 2.62 3.46
CA LEU A 40 3.06 1.63 2.42
C LEU A 40 4.46 1.22 2.22
N ARG A 41 4.62 -0.11 2.11
CA ARG A 41 5.81 -0.75 1.64
C ARG A 41 5.42 -1.33 0.31
N TRP A 42 6.41 -1.50 -0.59
CA TRP A 42 6.22 -2.25 -1.80
C TRP A 42 7.56 -2.79 -2.22
N ARG A 43 7.56 -4.00 -2.85
CA ARG A 43 8.75 -4.65 -3.33
C ARG A 43 8.32 -5.31 -4.62
N PRO A 44 9.11 -5.41 -5.69
CA PRO A 44 8.80 -6.27 -6.82
C PRO A 44 8.97 -7.70 -6.40
N LYS A 45 7.86 -8.47 -6.40
CA LYS A 45 7.75 -9.85 -5.99
C LYS A 45 8.43 -10.77 -6.98
N ASN A 46 9.77 -10.83 -6.91
CA ASN A 46 10.59 -11.53 -7.85
C ASN A 46 11.79 -11.91 -7.02
N SER A 47 12.64 -10.89 -6.71
CA SER A 47 13.78 -11.04 -5.84
C SER A 47 13.34 -10.59 -4.46
N VAL A 48 14.20 -10.87 -3.45
CA VAL A 48 13.97 -10.52 -2.07
C VAL A 48 15.24 -9.86 -1.61
N GLY A 49 15.56 -8.72 -2.25
CA GLY A 49 16.75 -7.95 -1.96
C GLY A 49 16.37 -6.89 -0.98
N ARG A 50 16.36 -5.61 -1.42
CA ARG A 50 15.90 -4.49 -0.65
C ARG A 50 14.56 -4.10 -1.22
N TRP A 51 13.90 -3.11 -0.59
CA TRP A 51 12.58 -2.71 -0.99
C TRP A 51 12.37 -1.27 -0.64
N LYS A 52 11.23 -0.72 -1.11
CA LYS A 52 10.91 0.68 -0.97
C LYS A 52 9.82 0.79 0.04
N GLU A 53 9.76 1.97 0.68
CA GLU A 53 8.81 2.24 1.71
C GLU A 53 8.56 3.72 1.71
N ALA A 54 7.35 4.10 2.19
CA ALA A 54 6.92 5.46 2.32
C ALA A 54 6.03 5.54 3.51
N THR A 55 5.84 6.77 4.04
CA THR A 55 4.99 7.06 5.17
C THR A 55 3.99 8.06 4.67
N ILE A 56 2.69 7.74 4.85
CA ILE A 56 1.58 8.40 4.22
C ILE A 56 0.77 9.00 5.35
N PRO A 57 0.27 10.23 5.26
CA PRO A 57 -0.55 10.84 6.29
C PRO A 57 -1.88 10.15 6.48
N GLY A 58 -2.60 10.49 7.57
CA GLY A 58 -3.86 9.89 7.90
C GLY A 58 -5.04 10.70 7.43
N HIS A 59 -4.83 11.77 6.62
CA HIS A 59 -5.92 12.58 6.12
C HIS A 59 -6.47 11.94 4.87
N LEU A 60 -5.56 11.54 3.95
CA LEU A 60 -5.89 10.74 2.81
C LEU A 60 -5.80 9.31 3.18
N ASN A 61 -6.37 8.49 2.30
CA ASN A 61 -6.46 7.07 2.42
C ASN A 61 -6.22 6.50 1.06
N SER A 62 -5.51 7.26 0.21
CA SER A 62 -5.14 6.79 -1.11
C SER A 62 -3.68 7.07 -1.30
N TYR A 63 -3.01 6.34 -2.24
CA TYR A 63 -1.63 6.62 -2.56
C TYR A 63 -1.48 6.66 -4.05
N THR A 64 -0.25 7.00 -4.50
CA THR A 64 0.19 6.99 -5.86
C THR A 64 1.61 6.51 -5.79
N ILE A 65 1.87 5.27 -6.30
CA ILE A 65 3.21 4.75 -6.45
C ILE A 65 3.62 5.17 -7.84
N LYS A 66 4.93 5.45 -8.07
CA LYS A 66 5.44 5.81 -9.37
C LYS A 66 6.79 5.19 -9.55
N GLY A 67 7.24 5.17 -10.82
CA GLY A 67 8.55 4.71 -11.25
C GLY A 67 8.55 3.23 -11.35
N LEU A 68 7.55 2.70 -12.07
CA LEU A 68 7.27 1.28 -12.13
C LEU A 68 7.39 0.84 -13.57
N LYS A 69 7.31 -0.49 -13.78
CA LYS A 69 7.46 -1.12 -15.07
C LYS A 69 6.13 -1.73 -15.42
N PRO A 70 5.84 -2.05 -16.67
CA PRO A 70 4.72 -2.89 -17.05
C PRO A 70 5.08 -4.34 -16.84
N GLY A 71 4.06 -5.23 -16.80
CA GLY A 71 4.13 -6.66 -16.77
C GLY A 71 4.84 -7.27 -15.60
N VAL A 72 4.90 -6.55 -14.46
CA VAL A 72 5.64 -6.96 -13.30
C VAL A 72 4.66 -7.11 -12.16
N VAL A 73 4.93 -8.09 -11.26
CA VAL A 73 4.15 -8.33 -10.07
C VAL A 73 4.91 -7.71 -8.93
N TYR A 74 4.20 -6.90 -8.11
CA TYR A 74 4.72 -6.32 -6.90
C TYR A 74 3.95 -6.95 -5.78
N GLU A 75 4.58 -7.08 -4.60
CA GLU A 75 3.90 -7.32 -3.35
C GLU A 75 3.86 -5.97 -2.69
N GLY A 76 2.77 -5.68 -1.97
CA GLY A 76 2.67 -4.48 -1.20
C GLY A 76 2.30 -4.85 0.19
N GLN A 77 2.61 -3.94 1.15
CA GLN A 77 2.24 -4.16 2.52
C GLN A 77 1.86 -2.83 3.05
N LEU A 78 0.70 -2.81 3.71
CA LEU A 78 0.06 -1.62 4.23
C LEU A 78 0.12 -1.80 5.72
N ILE A 79 1.03 -1.06 6.38
CA ILE A 79 1.21 -1.10 7.82
C ILE A 79 0.48 0.11 8.30
N SER A 80 -0.46 -0.02 9.26
CA SER A 80 -1.33 1.05 9.65
C SER A 80 -1.10 1.39 11.10
N ILE A 81 -0.60 2.63 11.36
CA ILE A 81 0.01 2.99 12.62
C ILE A 81 -1.00 3.82 13.35
N GLN A 82 -1.11 3.63 14.68
CA GLN A 82 -1.73 4.57 15.58
C GLN A 82 -0.55 5.22 16.23
N GLN A 83 -0.47 6.56 16.18
CA GLN A 83 0.71 7.29 16.59
C GLN A 83 0.89 7.20 18.08
N TYR A 84 2.04 6.59 18.48
CA TYR A 84 2.43 6.28 19.84
C TYR A 84 1.49 5.27 20.44
N GLY A 85 1.30 4.12 19.76
CA GLY A 85 0.40 3.11 20.24
C GLY A 85 0.53 1.89 19.39
N HIS A 86 -0.53 1.60 18.60
CA HIS A 86 -0.72 0.37 17.88
C HIS A 86 0.07 0.34 16.61
N GLN A 87 0.22 -0.87 16.03
CA GLN A 87 0.76 -1.05 14.72
C GLN A 87 0.12 -2.31 14.19
N GLU A 88 -0.75 -2.12 13.17
CA GLU A 88 -1.48 -3.16 12.49
C GLU A 88 -0.73 -3.41 11.21
N VAL A 89 -0.81 -4.66 10.68
CA VAL A 89 -0.17 -5.02 9.44
C VAL A 89 -1.20 -5.70 8.58
N THR A 90 -1.17 -5.38 7.27
CA THR A 90 -2.08 -5.88 6.27
C THR A 90 -1.17 -6.15 5.10
N ARG A 91 -1.28 -7.32 4.42
CA ARG A 91 -0.50 -7.56 3.21
C ARG A 91 -1.42 -7.65 2.03
N PHE A 92 -0.82 -7.56 0.81
CA PHE A 92 -1.53 -7.69 -0.44
C PHE A 92 -0.49 -7.93 -1.50
N ASP A 93 -0.95 -8.20 -2.74
CA ASP A 93 -0.10 -8.16 -3.90
C ASP A 93 -0.92 -7.61 -5.03
N PHE A 94 -0.24 -7.05 -6.05
CA PHE A 94 -0.86 -6.47 -7.21
C PHE A 94 0.06 -6.66 -8.36
N THR A 95 -0.43 -6.31 -9.56
CA THR A 95 0.36 -6.26 -10.75
C THR A 95 0.24 -4.86 -11.28
N THR A 96 1.35 -4.33 -11.86
CA THR A 96 1.34 -3.14 -12.66
C THR A 96 1.60 -3.72 -14.01
N THR A 97 0.51 -4.12 -14.70
CA THR A 97 0.57 -4.92 -15.90
C THR A 97 0.45 -4.00 -17.08
N SER A 98 -0.59 -3.12 -17.08
CA SER A 98 -0.95 -2.21 -18.14
C SER A 98 -1.40 -2.99 -19.38
#